data_6JXJ
#
_entry.id   6JXJ
#
_cell.length_a   103.230
_cell.length_b   103.230
_cell.length_c   369.440
_cell.angle_alpha   90.000
_cell.angle_beta   90.000
_cell.angle_gamma   120.000
#
_symmetry.space_group_name_H-M   'P 31 2 1'
#
loop_
_entity.id
_entity.type
_entity.pdbx_description
1 polymer 'Potassium-transporting ATPase alpha chain 1'
2 polymer 'Potassium-transporting ATPase subunit beta'
3 non-polymer 'MAGNESIUM ION'
4 non-polymer 1,2-DIOLEOYL-SN-GLYCERO-3-PHOSPHOCHOLINE
5 non-polymer 'O-DODECANYL OCTAETHYLENE GLYCOL'
6 non-polymer 'TETRAFLUOROALUMINATE ION'
7 non-polymer 'RUBIDIUM ION'
8 non-polymer CHOLESTEROL
9 non-polymer 2-acetamido-2-deoxy-beta-D-glucopyranose
10 water water
#
loop_
_entity_poly.entity_id
_entity_poly.type
_entity_poly.pdbx_seq_one_letter_code
_entity_poly.pdbx_strand_id
1 'polypeptide(L)'
;GMEINDHQLSVAELEQKYQTSATKGLSASLAAELLLRDGPNALRPPRGTPEYVKFARQLAGGLQCLMWVAAAICLIAFAI
QASEGDLTTDDNLYLALALIAVVVVTGCFGYYQEFKSTNIIASFKNLVPQQATVIRDGDKFQINADQLVVGDLVEMKGGD
RVPADIRILQAQGCKVDNSSLTGESEPQTRSPECTHESPLETRNIAFFSTMCLEGTAQGLVVNTGDRTIIGRIASLASGV
ENEKTPIAIEIEHFVDIIAGLAILFGATFFIVAMCIGYTFLRAMVFFMAIVVAYVPEGLLATVTVCLSLTAKRLASKNCV
VKNLEAVETLGSTSVICSDKTGTLTQNRMTVSHLWFDNHIHSADTTEDQSGQTFDQSSETWRALCRVLTLCNRAAFKSGQ
DAVPVPKRIVIGDASETALLKFSELTLGNAMGYRERFPKVCEIPFNSTNKFQLSIHTLEDPRDPRHVLVMKGAPERVLER
CSSILIKGQELPLDEQWREAFQTAYLSLGGLGERVLGFCQLYLSEKDYPPGYAFDVEAMNFPTSGLCFAGLVSMIDPPRA
TVPDAVLKCRTAGIRVIMVTGDHPITAKAIAASVGIISEGSETVEDIAARLRVPVDQVNRKDARACVINGMQLKDMDPSE
LVEALRTHPEMVFARTSPQQKLVIVESCQRLGAIVAVTGDGVNDSPALKKADIGVAMGIAGSDAAKNAADMILLDDNFAS
IVTGVEQGRLIFDNLKKSIAYTLTKNIPELTPWLIYITVSVPLPLGCITILFIELCTDIFPSVSLAYEKAESDIMHLRPR
NPKRDRLVNEPLAAYSYFQIGAIQSFAGFTDYFTAMAQEGWFPLLCVGLRPQWENHHLQDLQDSYGQEWTFGQRLYQQYT
CYTVFFISIEMCQIADVLIRKTRRLSAFQQGFFRNRILVIAIVFQVCIGCFLCYCPGMPNIFNFMPIRFQWWLVPMPFSL
LIFVYDEIRKLGVRCCPGSWWDQELYY
;
A
2 'polypeptide(L)'
;AALQEKKSCSQRMEEFQRYCWNPDTGQMLGRTLSRWVWISLYYVAFYVVMSGIFALCIYVLMRTIDPYTPDYQDQLKSPG
VTLRPDVYGEKGLDISYNVSDSTTWAGLAHTLHRFLAGYSPAAQEGSINCTSEKYFFQESFLAPNHTKFSCKFTADMLQN
CSGRPDPTFGFAEGKPCFIIKMNRIVKFLPGNSTAPRVDCAFLDQPRDGPPLQVEYFPANGTYSLHYFPYYGKKAQPHYS
NPLVAAKLLNVPRNRDVVIVCKILAEHVSFDNPHDPYEGKVEFKLKIQK
;
B
#
loop_
_chem_comp.id
_chem_comp.type
_chem_comp.name
_chem_comp.formula
ALF non-polymer 'TETRAFLUOROALUMINATE ION' 'Al F4 -1'
CE1 non-polymer 'O-DODECANYL OCTAETHYLENE GLYCOL' 'C28 H58 O9'
CLR non-polymer CHOLESTEROL 'C27 H46 O'
MG non-polymer 'MAGNESIUM ION' 'Mg 2'
NAG D-saccharide, beta linking 2-acetamido-2-deoxy-beta-D-glucopyranose 'C8 H15 N O6'
PCW non-polymer 1,2-DIOLEOYL-SN-GLYCERO-3-PHOSPHOCHOLINE 'C44 H85 N O8 P 1'
RB non-polymer 'RUBIDIUM ION' 'Rb 1'
#
# COMPACT_ATOMS: atom_id res chain seq x y z
N GLY A 1 12.85 10.35 40.88
CA GLY A 1 13.01 11.79 41.06
C GLY A 1 12.41 12.53 39.86
N MET A 2 12.30 11.82 38.73
CA MET A 2 11.35 12.24 37.70
C MET A 2 9.97 12.44 38.33
N GLU A 3 9.64 11.59 39.31
CA GLU A 3 8.34 11.59 39.96
C GLU A 3 8.20 12.75 40.93
N ILE A 4 7.01 13.34 40.95
CA ILE A 4 6.73 14.41 41.90
C ILE A 4 6.46 13.76 43.24
N ASN A 5 7.29 14.12 44.23
CA ASN A 5 6.95 13.88 45.63
C ASN A 5 6.59 15.17 46.36
N ASP A 6 6.77 16.33 45.71
CA ASP A 6 6.65 17.58 46.44
C ASP A 6 5.29 17.79 47.06
N HIS A 7 4.30 16.98 46.67
CA HIS A 7 2.99 17.12 47.32
C HIS A 7 3.05 16.69 48.77
N GLN A 8 3.90 15.70 49.09
CA GLN A 8 4.04 15.19 50.45
C GLN A 8 5.15 15.87 51.26
N LEU A 9 5.54 17.10 50.91
CA LEU A 9 6.55 17.82 51.66
C LEU A 9 5.91 18.99 52.40
N SER A 10 6.51 19.34 53.55
CA SER A 10 6.21 20.55 54.28
C SER A 10 6.78 21.77 53.56
N VAL A 11 6.30 22.95 53.95
CA VAL A 11 6.85 24.18 53.41
C VAL A 11 8.31 24.32 53.77
N ALA A 12 8.66 24.03 55.04
CA ALA A 12 10.06 24.02 55.46
C ALA A 12 10.92 23.20 54.51
N GLU A 13 10.47 21.99 54.18
CA GLU A 13 11.25 21.15 53.29
C GLU A 13 11.24 21.70 51.86
N LEU A 14 10.05 22.08 51.35
CA LEU A 14 9.99 22.65 50.01
C LEU A 14 10.87 23.87 49.90
N GLU A 15 10.90 24.70 50.94
CA GLU A 15 11.80 25.85 50.91
C GLU A 15 13.26 25.39 50.91
N GLN A 16 13.58 24.39 51.74
CA GLN A 16 14.94 23.87 51.77
C GLN A 16 15.29 23.14 50.47
N LYS A 17 14.34 22.38 49.92
CA LYS A 17 14.61 21.63 48.69
C LYS A 17 14.92 22.55 47.53
N TYR A 18 14.30 23.71 47.48
CA TYR A 18 14.39 24.57 46.31
C TYR A 18 15.17 25.85 46.58
N GLN A 19 15.58 26.10 47.82
CA GLN A 19 16.22 27.37 48.20
C GLN A 19 15.40 28.54 47.68
N THR A 20 14.15 28.59 48.13
CA THR A 20 13.14 29.54 47.71
C THR A 20 12.36 29.97 48.93
N SER A 21 11.49 30.98 48.73
CA SER A 21 10.55 31.42 49.75
C SER A 21 9.12 31.08 49.37
N ALA A 22 8.37 30.56 50.33
CA ALA A 22 6.98 30.24 50.08
C ALA A 22 6.10 31.48 49.95
N THR A 23 6.61 32.64 50.31
CA THR A 23 5.83 33.86 50.19
C THR A 23 6.51 34.95 49.38
N LYS A 24 7.85 34.96 49.30
CA LYS A 24 8.58 35.96 48.54
C LYS A 24 9.19 35.40 47.24
N GLY A 25 9.08 34.09 47.02
CA GLY A 25 9.64 33.48 45.84
C GLY A 25 11.17 33.47 45.82
N LEU A 26 11.69 33.02 44.68
CA LEU A 26 13.12 32.93 44.45
C LEU A 26 13.76 34.30 44.38
N SER A 27 15.05 34.37 44.76
CA SER A 27 15.82 35.58 44.52
C SER A 27 16.04 35.74 43.02
N ALA A 28 16.00 36.99 42.55
CA ALA A 28 16.11 37.25 41.12
C ALA A 28 17.34 36.59 40.52
N SER A 29 18.47 36.65 41.23
CA SER A 29 19.71 36.05 40.73
C SER A 29 19.57 34.54 40.58
N LEU A 30 19.18 33.85 41.65
CA LEU A 30 19.06 32.39 41.61
C LEU A 30 18.10 31.94 40.51
N ALA A 31 17.05 32.72 40.26
CA ALA A 31 16.16 32.44 39.15
C ALA A 31 16.93 32.35 37.83
N ALA A 32 17.77 33.34 37.56
CA ALA A 32 18.47 33.39 36.28
C ALA A 32 19.60 32.39 36.20
N GLU A 33 20.20 32.04 37.35
CA GLU A 33 21.09 30.88 37.39
C GLU A 33 20.34 29.62 37.02
N LEU A 34 19.27 29.31 37.78
CA LEU A 34 18.51 28.09 37.54
C LEU A 34 18.02 28.01 36.11
N LEU A 35 17.71 29.16 35.48
CA LEU A 35 17.29 29.16 34.09
C LEU A 35 18.41 28.66 33.16
N LEU A 36 19.67 28.92 33.53
CA LEU A 36 20.80 28.44 32.73
C LEU A 36 21.10 26.98 33.01
N ARG A 37 20.79 26.50 34.22
CA ARG A 37 21.01 25.10 34.59
C ARG A 37 19.99 24.16 33.92
N ASP A 38 18.72 24.55 33.88
CA ASP A 38 17.66 23.67 33.42
C ASP A 38 17.17 23.99 32.00
N GLY A 39 17.54 25.15 31.50
CA GLY A 39 17.08 25.58 30.20
C GLY A 39 15.69 26.15 30.36
N PRO A 40 15.08 26.53 29.26
CA PRO A 40 13.75 27.09 29.32
C PRO A 40 12.70 26.09 29.72
N ASN A 41 11.58 26.61 30.20
CA ASN A 41 10.43 25.82 30.58
C ASN A 41 9.65 25.61 29.30
N ALA A 42 10.07 24.63 28.53
CA ALA A 42 9.51 24.37 27.26
C ALA A 42 9.76 22.94 26.88
N LEU A 43 8.96 22.46 25.95
CA LEU A 43 9.10 21.12 25.47
C LEU A 43 10.08 21.13 24.30
N ARG A 44 11.05 20.24 24.31
CA ARG A 44 12.01 20.19 23.22
C ARG A 44 11.38 19.50 22.02
N PRO A 45 11.48 20.10 20.83
CA PRO A 45 10.88 19.48 19.65
C PRO A 45 11.85 18.51 19.00
N PRO A 46 11.60 17.19 19.13
CA PRO A 46 12.52 16.24 18.50
C PRO A 46 12.38 16.31 16.98
N ARG A 47 13.43 16.79 16.31
CA ARG A 47 13.35 16.96 14.86
C ARG A 47 13.07 15.62 14.20
N GLY A 48 11.94 15.54 13.51
CA GLY A 48 11.74 14.46 12.57
C GLY A 48 12.78 14.53 11.47
N THR A 49 13.26 13.35 11.07
CA THR A 49 14.29 13.26 10.04
C THR A 49 13.86 14.06 8.81
N PRO A 50 14.75 14.91 8.25
CA PRO A 50 14.31 15.92 7.27
C PRO A 50 13.55 15.29 6.10
N GLU A 51 12.83 16.16 5.41
CA GLU A 51 11.85 15.69 4.44
C GLU A 51 12.49 14.92 3.31
N TYR A 52 13.67 15.33 2.88
CA TYR A 52 14.25 14.67 1.72
C TYR A 52 15.08 13.44 2.09
N VAL A 53 15.63 13.35 3.31
CA VAL A 53 16.17 12.07 3.77
C VAL A 53 15.06 11.03 3.88
N LYS A 54 13.81 11.47 3.99
CA LYS A 54 12.68 10.55 3.90
C LYS A 54 12.59 9.94 2.50
N PHE A 55 12.76 10.78 1.46
CA PHE A 55 12.67 10.33 0.06
C PHE A 55 13.82 9.44 -0.37
N ALA A 56 14.99 9.59 0.25
CA ALA A 56 16.17 8.77 -0.08
C ALA A 56 16.02 7.30 0.26
N ARG A 57 15.41 7.02 1.40
CA ARG A 57 15.18 5.65 1.88
C ARG A 57 14.26 4.86 0.95
N GLN A 58 13.31 5.55 0.32
CA GLN A 58 12.38 4.97 -0.65
C GLN A 58 13.15 4.41 -1.86
N LEU A 59 14.21 5.10 -2.27
CA LEU A 59 15.08 4.68 -3.36
C LEU A 59 15.80 3.36 -3.06
N ALA A 60 16.11 3.11 -1.79
CA ALA A 60 16.73 1.84 -1.39
C ALA A 60 15.70 0.71 -1.21
N GLY A 61 16.16 -0.53 -1.12
CA GLY A 61 15.27 -1.68 -0.93
C GLY A 61 15.75 -2.85 -1.76
N GLY A 62 15.28 -4.06 -1.49
CA GLY A 62 15.80 -5.17 -2.28
C GLY A 62 15.57 -4.99 -3.75
N LEU A 63 14.33 -4.68 -4.14
CA LEU A 63 14.03 -4.51 -5.55
C LEU A 63 14.65 -3.22 -6.09
N GLN A 64 14.57 -2.13 -5.32
CA GLN A 64 15.16 -0.86 -5.76
C GLN A 64 16.66 -0.98 -6.07
N CYS A 65 17.39 -1.76 -5.25
CA CYS A 65 18.83 -1.87 -5.44
C CYS A 65 19.20 -2.66 -6.69
N LEU A 66 18.47 -3.75 -6.95
CA LEU A 66 18.74 -4.53 -8.15
C LEU A 66 18.55 -3.68 -9.40
N MET A 67 17.48 -2.88 -9.42
CA MET A 67 17.31 -1.93 -10.51
C MET A 67 18.52 -1.02 -10.64
N TRP A 68 18.99 -0.46 -9.51
CA TRP A 68 20.20 0.38 -9.55
C TRP A 68 21.34 -0.35 -10.25
N VAL A 69 21.71 -1.52 -9.72
CA VAL A 69 22.77 -2.32 -10.31
C VAL A 69 22.53 -2.51 -11.81
N ALA A 70 21.32 -2.94 -12.17
CA ALA A 70 21.02 -3.17 -13.58
C ALA A 70 21.16 -1.90 -14.41
N ALA A 71 20.64 -0.77 -13.91
CA ALA A 71 20.84 0.49 -14.63
C ALA A 71 22.31 0.82 -14.74
N ALA A 72 23.10 0.50 -13.71
CA ALA A 72 24.53 0.78 -13.74
C ALA A 72 25.24 -0.07 -14.78
N ILE A 73 24.96 -1.38 -14.80
CA ILE A 73 25.49 -2.25 -15.84
C ILE A 73 25.15 -1.72 -17.22
N CYS A 74 23.91 -1.22 -17.37
CA CYS A 74 23.47 -0.65 -18.65
C CYS A 74 24.31 0.56 -19.04
N LEU A 75 24.60 1.43 -18.07
CA LEU A 75 25.51 2.55 -18.30
C LEU A 75 26.92 2.06 -18.58
N ILE A 76 27.42 1.15 -17.75
CA ILE A 76 28.76 0.67 -17.95
C ILE A 76 28.86 0.05 -19.32
N ALA A 77 27.87 -0.75 -19.69
CA ALA A 77 27.87 -1.36 -21.01
C ALA A 77 27.77 -0.28 -22.07
N PHE A 78 26.91 0.70 -21.84
CA PHE A 78 26.73 1.77 -22.80
C PHE A 78 28.03 2.54 -22.96
N ALA A 79 28.71 2.82 -21.85
CA ALA A 79 29.98 3.52 -21.94
C ALA A 79 31.04 2.68 -22.63
N ILE A 80 31.16 1.42 -22.24
CA ILE A 80 32.19 0.57 -22.84
C ILE A 80 31.94 0.38 -24.31
N GLN A 81 30.69 0.12 -24.66
CA GLN A 81 30.32 -0.08 -26.04
C GLN A 81 30.39 1.20 -26.86
N ALA A 82 30.26 2.35 -26.21
CA ALA A 82 30.34 3.57 -26.99
C ALA A 82 31.73 4.18 -26.97
N SER A 83 32.58 3.82 -25.99
CA SER A 83 33.99 4.18 -25.95
C SER A 83 34.81 3.46 -27.01
N GLU A 84 34.24 2.45 -27.67
CA GLU A 84 34.80 1.86 -28.88
C GLU A 84 34.05 2.32 -30.12
N GLY A 85 33.37 3.47 -30.04
CA GLY A 85 32.71 4.05 -31.19
C GLY A 85 31.56 3.24 -31.76
N ASP A 86 30.93 2.39 -30.95
CA ASP A 86 29.76 1.63 -31.40
C ASP A 86 28.52 2.44 -31.04
N LEU A 87 27.95 3.11 -32.03
CA LEU A 87 26.71 3.87 -31.89
C LEU A 87 25.48 3.02 -32.18
N THR A 88 25.62 1.70 -32.20
CA THR A 88 24.56 0.83 -32.73
C THR A 88 23.46 0.53 -31.71
N THR A 89 23.79 0.43 -30.43
CA THR A 89 22.78 0.21 -29.40
C THR A 89 22.83 1.35 -28.38
N ASP A 90 21.82 2.20 -28.42
CA ASP A 90 21.48 3.05 -27.31
C ASP A 90 20.42 2.41 -26.45
N ASP A 91 20.08 1.15 -26.74
CA ASP A 91 19.18 0.38 -25.88
C ASP A 91 19.70 0.39 -24.45
N ASN A 92 21.01 0.15 -24.27
CA ASN A 92 21.57 0.13 -22.94
C ASN A 92 21.61 1.51 -22.29
N LEU A 93 21.45 2.58 -23.06
CA LEU A 93 21.12 3.86 -22.43
C LEU A 93 19.67 3.87 -21.99
N TYR A 94 18.74 3.64 -22.93
CA TYR A 94 17.32 3.76 -22.62
C TYR A 94 16.90 2.71 -21.60
N LEU A 95 17.48 1.52 -21.69
CA LEU A 95 17.29 0.52 -20.63
C LEU A 95 17.71 1.08 -19.29
N ALA A 96 18.94 1.62 -19.21
CA ALA A 96 19.40 2.29 -17.99
C ALA A 96 18.40 3.35 -17.52
N LEU A 97 17.99 4.25 -18.42
CA LEU A 97 17.08 5.33 -18.06
C LEU A 97 15.77 4.78 -17.51
N ALA A 98 15.06 3.98 -18.31
CA ALA A 98 13.75 3.47 -17.90
C ALA A 98 13.83 2.85 -16.52
N LEU A 99 14.87 2.05 -16.26
CA LEU A 99 15.08 1.49 -14.94
C LEU A 99 15.08 2.59 -13.89
N ILE A 100 15.88 3.63 -14.13
CA ILE A 100 16.00 4.71 -13.16
C ILE A 100 14.66 5.41 -12.95
N ALA A 101 13.92 5.64 -14.04
CA ALA A 101 12.55 6.12 -13.92
C ALA A 101 11.76 5.24 -12.99
N VAL A 102 11.81 3.92 -13.23
CA VAL A 102 11.08 2.96 -12.41
C VAL A 102 11.50 3.06 -10.95
N VAL A 103 12.82 3.06 -10.69
CA VAL A 103 13.32 3.24 -9.32
C VAL A 103 12.76 4.53 -8.71
N VAL A 104 12.88 5.63 -9.44
CA VAL A 104 12.40 6.90 -8.91
C VAL A 104 10.88 6.92 -8.86
N VAL A 105 10.22 6.50 -9.94
CA VAL A 105 8.75 6.52 -9.90
C VAL A 105 8.25 5.63 -8.77
N THR A 106 8.89 4.47 -8.57
CA THR A 106 8.52 3.60 -7.45
C THR A 106 8.74 4.31 -6.11
N GLY A 107 9.92 4.90 -5.93
CA GLY A 107 10.22 5.61 -4.70
C GLY A 107 9.28 6.78 -4.45
N CYS A 108 8.73 7.37 -5.51
CA CYS A 108 7.73 8.42 -5.33
C CYS A 108 6.42 7.85 -4.79
N PHE A 109 6.00 6.69 -5.32
CA PHE A 109 4.84 5.98 -4.77
C PHE A 109 5.00 5.77 -3.27
N GLY A 110 6.18 5.30 -2.86
CA GLY A 110 6.41 5.06 -1.44
C GLY A 110 6.35 6.30 -0.58
N TYR A 111 6.79 7.44 -1.10
CA TYR A 111 6.93 8.62 -0.25
C TYR A 111 5.61 9.37 -0.11
N TYR A 112 4.84 9.47 -1.20
CA TYR A 112 3.54 10.13 -1.17
C TYR A 112 2.45 9.27 -0.55
N GLN A 113 2.82 8.11 -0.02
CA GLN A 113 1.88 7.28 0.71
C GLN A 113 1.52 8.02 2.00
N GLU A 114 2.51 8.72 2.56
CA GLU A 114 2.35 9.47 3.79
C GLU A 114 1.75 10.83 3.50
N PHE A 115 0.43 10.91 3.41
CA PHE A 115 -0.20 12.19 3.14
C PHE A 115 0.02 13.22 4.25
N LYS A 116 -0.11 12.80 5.50
CA LYS A 116 -0.04 13.76 6.61
C LYS A 116 1.27 14.53 6.82
N SER A 117 2.41 13.83 6.87
CA SER A 117 3.71 14.49 7.01
C SER A 117 3.81 15.54 8.12
N THR A 118 3.32 15.27 9.33
CA THR A 118 3.34 16.28 10.39
C THR A 118 3.92 15.80 11.72
N ASN A 119 4.41 16.75 12.52
CA ASN A 119 5.02 16.47 13.82
C ASN A 119 4.07 16.75 14.98
N ILE A 120 3.98 15.81 15.91
CA ILE A 120 3.10 15.90 17.07
C ILE A 120 3.34 17.02 18.09
N ILE A 121 4.60 17.33 18.40
CA ILE A 121 4.92 18.37 19.38
C ILE A 121 4.41 19.74 18.95
N ALA A 122 4.06 19.90 17.66
CA ALA A 122 3.37 21.12 17.25
C ALA A 122 2.08 21.31 18.04
N SER A 123 1.23 20.28 18.08
CA SER A 123 -0.03 20.41 18.81
C SER A 123 0.18 20.50 20.32
N PHE A 124 1.27 19.92 20.83
CA PHE A 124 1.49 19.90 22.28
C PHE A 124 1.87 21.26 22.83
N LYS A 125 2.71 22.02 22.14
CA LYS A 125 2.94 23.37 22.61
C LYS A 125 1.94 24.38 22.06
N ASN A 126 0.83 23.92 21.48
CA ASN A 126 -0.35 24.76 21.35
C ASN A 126 -1.28 24.62 22.54
N LEU A 127 -0.89 23.79 23.51
CA LEU A 127 -1.66 23.57 24.73
C LEU A 127 -1.06 24.32 25.91
N VAL A 128 -0.14 25.24 25.66
CA VAL A 128 0.80 25.73 26.68
C VAL A 128 0.65 27.24 26.81
N PRO A 129 0.53 27.77 28.03
CA PRO A 129 0.41 29.22 28.22
C PRO A 129 1.65 29.96 27.78
N GLN A 130 1.44 31.16 27.24
CA GLN A 130 2.54 32.02 26.85
C GLN A 130 3.04 32.90 28.00
N GLN A 131 2.21 33.18 28.99
CA GLN A 131 2.58 34.08 30.08
C GLN A 131 2.27 33.46 31.42
N ALA A 132 2.85 34.06 32.46
CA ALA A 132 2.64 33.63 33.83
C ALA A 132 2.90 34.82 34.75
N THR A 133 2.25 34.82 35.90
CA THR A 133 2.62 35.75 36.95
C THR A 133 3.37 35.00 38.04
N VAL A 134 4.47 35.60 38.50
CA VAL A 134 5.47 34.95 39.33
C VAL A 134 5.90 35.97 40.35
N ILE A 135 6.38 35.51 41.50
CA ILE A 135 6.91 36.41 42.53
C ILE A 135 8.36 36.06 42.83
N ARG A 136 9.24 37.06 42.74
CA ARG A 136 10.66 36.92 43.02
C ARG A 136 11.14 38.14 43.78
N ASP A 137 11.88 37.91 44.86
CA ASP A 137 12.24 38.97 45.77
C ASP A 137 10.99 39.74 46.20
N GLY A 138 9.91 39.00 46.44
CA GLY A 138 8.65 39.57 46.88
C GLY A 138 8.06 40.60 45.96
N ASP A 139 8.31 40.49 44.66
CA ASP A 139 7.75 41.39 43.65
C ASP A 139 7.00 40.54 42.63
N LYS A 140 5.67 40.66 42.63
CA LYS A 140 4.82 39.93 41.70
C LYS A 140 4.77 40.67 40.37
N PHE A 141 4.94 39.94 39.29
CA PHE A 141 4.87 40.53 37.97
C PHE A 141 4.63 39.40 36.97
N GLN A 142 4.36 39.80 35.74
CA GLN A 142 4.01 38.87 34.68
C GLN A 142 5.27 38.58 33.87
N ILE A 143 5.70 37.33 33.87
CA ILE A 143 6.91 36.92 33.19
C ILE A 143 6.51 36.06 32.00
N ASN A 144 7.46 35.79 31.12
CA ASN A 144 7.21 34.88 30.04
C ASN A 144 7.16 33.50 30.69
N ALA A 145 6.29 32.64 30.20
CA ALA A 145 6.09 31.32 30.78
C ALA A 145 7.33 30.44 30.74
N ASP A 146 8.08 30.53 29.67
CA ASP A 146 9.31 29.76 29.50
C ASP A 146 10.42 30.07 30.49
N GLN A 147 10.43 31.27 31.05
CA GLN A 147 11.42 31.66 32.03
C GLN A 147 11.27 31.05 33.42
N LEU A 148 10.17 30.35 33.72
CA LEU A 148 10.01 29.79 35.06
C LEU A 148 11.03 28.70 35.31
N VAL A 149 11.41 28.56 36.57
CA VAL A 149 12.35 27.52 36.97
C VAL A 149 11.84 26.88 38.25
N VAL A 150 12.17 25.60 38.43
CA VAL A 150 11.79 24.91 39.65
C VAL A 150 12.20 25.76 40.84
N GLY A 151 11.26 25.98 41.76
CA GLY A 151 11.44 26.86 42.90
C GLY A 151 10.65 28.15 42.81
N ASP A 152 10.23 28.53 41.60
CA ASP A 152 9.54 29.80 41.40
C ASP A 152 8.21 29.84 42.13
N LEU A 153 7.85 31.02 42.60
CA LEU A 153 6.56 31.22 43.25
C LEU A 153 5.57 31.82 42.26
N VAL A 154 4.49 31.09 42.00
CA VAL A 154 3.63 31.30 40.85
C VAL A 154 2.18 31.46 41.31
N GLU A 155 1.50 32.45 40.73
CA GLU A 155 0.11 32.79 41.06
C GLU A 155 -0.79 32.48 39.86
N MET A 156 -1.81 31.66 40.08
CA MET A 156 -2.74 31.26 39.03
C MET A 156 -4.12 31.85 39.30
N LYS A 157 -4.95 31.90 38.25
CA LYS A 157 -6.34 32.31 38.38
C LYS A 157 -7.22 31.59 37.36
N GLY A 158 -8.54 31.69 37.57
CA GLY A 158 -9.47 31.15 36.59
C GLY A 158 -9.32 31.81 35.24
N GLY A 159 -9.57 31.02 34.18
CA GLY A 159 -9.39 31.47 32.79
C GLY A 159 -8.01 31.23 32.20
N ASP A 160 -6.97 31.33 33.03
CA ASP A 160 -5.60 31.12 32.62
C ASP A 160 -5.21 29.64 32.70
N ARG A 161 -4.31 29.23 31.80
CA ARG A 161 -3.71 27.90 31.82
C ARG A 161 -2.54 27.86 32.81
N VAL A 162 -2.36 26.70 33.43
CA VAL A 162 -1.37 26.54 34.52
C VAL A 162 0.04 26.53 33.94
N PRO A 163 0.95 27.40 34.41
CA PRO A 163 2.22 27.63 33.68
C PRO A 163 3.29 26.57 33.86
N ALA A 164 3.17 25.70 34.85
CA ALA A 164 4.14 24.63 35.07
C ALA A 164 3.50 23.61 35.97
N ASP A 165 4.24 22.55 36.28
CA ASP A 165 3.80 21.64 37.32
C ASP A 165 4.03 22.30 38.67
N ILE A 166 2.93 22.54 39.39
CA ILE A 166 2.90 23.41 40.56
C ILE A 166 2.54 22.59 41.79
N ARG A 167 3.27 22.83 42.88
CA ARG A 167 2.88 22.33 44.19
C ARG A 167 2.17 23.47 44.92
N ILE A 168 0.90 23.27 45.21
CA ILE A 168 0.04 24.37 45.58
C ILE A 168 0.20 24.69 47.06
N LEU A 169 0.43 25.96 47.37
CA LEU A 169 0.66 26.36 48.74
C LEU A 169 -0.55 27.01 49.39
N GLN A 170 -1.36 27.71 48.60
CA GLN A 170 -2.58 28.29 49.10
C GLN A 170 -3.54 28.43 47.93
N ALA A 171 -4.83 28.24 48.20
CA ALA A 171 -5.82 28.22 47.14
C ALA A 171 -7.11 28.84 47.64
N GLN A 172 -7.87 29.43 46.71
CA GLN A 172 -9.15 30.08 47.01
C GLN A 172 -10.18 29.64 45.96
N GLY A 173 -10.89 28.56 46.27
CA GLY A 173 -11.98 28.05 45.43
C GLY A 173 -11.52 27.76 44.03
N CYS A 174 -10.49 26.94 43.89
CA CYS A 174 -9.75 26.82 42.65
C CYS A 174 -10.01 25.45 42.05
N LYS A 175 -10.33 25.44 40.77
CA LYS A 175 -10.69 24.22 40.08
C LYS A 175 -9.95 24.18 38.75
N VAL A 176 -9.58 22.98 38.32
CA VAL A 176 -8.82 22.82 37.10
C VAL A 176 -9.52 21.81 36.20
N ASP A 177 -9.12 21.79 34.94
CA ASP A 177 -9.55 20.80 33.98
C ASP A 177 -8.35 19.90 33.70
N ASN A 178 -8.42 18.65 34.15
CA ASN A 178 -7.27 17.76 33.98
C ASN A 178 -7.45 16.80 32.82
N SER A 179 -8.30 17.13 31.84
CA SER A 179 -8.64 16.15 30.80
C SER A 179 -7.41 15.78 29.96
N SER A 180 -6.46 16.70 29.80
CA SER A 180 -5.24 16.32 29.12
C SER A 180 -4.49 15.22 29.86
N LEU A 181 -4.78 14.98 31.13
CA LEU A 181 -4.18 13.87 31.86
C LEU A 181 -5.08 12.66 31.88
N THR A 182 -6.35 12.86 32.16
CA THR A 182 -7.27 11.78 32.44
C THR A 182 -8.26 11.52 31.33
N GLY A 183 -8.35 12.40 30.34
CA GLY A 183 -9.44 12.37 29.37
C GLY A 183 -10.75 12.88 29.91
N GLU A 184 -10.77 13.38 31.15
CA GLU A 184 -11.99 13.75 31.83
C GLU A 184 -11.97 15.26 32.15
N SER A 185 -12.89 15.98 31.51
CA SER A 185 -13.02 17.42 31.68
C SER A 185 -13.80 17.80 32.93
N GLU A 186 -14.16 16.82 33.76
CA GLU A 186 -14.84 17.16 35.01
C GLU A 186 -13.91 18.01 35.87
N PRO A 187 -14.35 19.16 36.34
CA PRO A 187 -13.47 20.01 37.16
C PRO A 187 -12.98 19.28 38.40
N GLN A 188 -11.73 19.51 38.78
CA GLN A 188 -11.15 18.96 40.00
C GLN A 188 -10.71 20.10 40.91
N THR A 189 -10.86 19.87 42.22
CA THR A 189 -10.50 20.86 43.21
C THR A 189 -8.99 20.86 43.47
N ARG A 190 -8.43 22.06 43.57
CA ARG A 190 -7.04 22.23 44.00
C ARG A 190 -7.06 22.95 45.35
N SER A 191 -6.39 22.35 46.34
CA SER A 191 -6.18 22.94 47.66
C SER A 191 -4.69 22.80 47.95
N PRO A 192 -4.18 23.22 49.11
CA PRO A 192 -2.82 22.82 49.50
C PRO A 192 -2.76 21.51 50.25
N GLU A 193 -3.90 20.82 50.36
CA GLU A 193 -3.97 19.61 51.17
C GLU A 193 -3.46 18.41 50.39
N CYS A 194 -2.70 17.57 51.07
CA CYS A 194 -2.19 16.33 50.48
C CYS A 194 -3.26 15.25 50.59
N THR A 195 -3.90 14.90 49.47
CA THR A 195 -5.08 14.03 49.52
C THR A 195 -4.88 12.66 48.86
N HIS A 196 -3.67 12.29 48.47
CA HIS A 196 -3.45 11.00 47.82
C HIS A 196 -1.97 10.70 47.78
N GLU A 197 -1.66 9.40 47.71
CA GLU A 197 -0.29 8.97 47.48
C GLU A 197 0.24 9.49 46.15
N SER A 198 -0.54 9.31 45.09
CA SER A 198 -0.12 9.75 43.76
C SER A 198 -0.19 11.27 43.64
N PRO A 199 0.82 11.90 43.03
CA PRO A 199 0.68 13.33 42.69
C PRO A 199 -0.31 13.56 41.55
N LEU A 200 -0.69 12.51 40.82
CA LEU A 200 -1.72 12.64 39.79
C LEU A 200 -3.12 12.77 40.36
N GLU A 201 -3.32 12.47 41.64
CA GLU A 201 -4.63 12.48 42.27
C GLU A 201 -4.76 13.45 43.41
N THR A 202 -3.64 13.88 44.00
CA THR A 202 -3.70 14.79 45.12
C THR A 202 -4.18 16.18 44.68
N ARG A 203 -4.66 16.95 45.64
CA ARG A 203 -5.27 18.23 45.35
C ARG A 203 -4.27 19.37 45.23
N ASN A 204 -3.07 19.23 45.80
CA ASN A 204 -2.14 20.36 45.86
C ASN A 204 -1.06 20.30 44.80
N ILE A 205 -1.29 19.55 43.72
CA ILE A 205 -0.46 19.61 42.52
C ILE A 205 -1.34 20.06 41.38
N ALA A 206 -0.89 21.07 40.65
CA ALA A 206 -1.55 21.54 39.44
C ALA A 206 -0.55 21.34 38.31
N PHE A 207 -1.07 21.11 37.12
CA PHE A 207 -0.25 20.54 36.05
C PHE A 207 -0.10 21.52 34.91
N PHE A 208 1.14 21.60 34.40
CA PHE A 208 1.45 22.44 33.25
C PHE A 208 0.48 22.17 32.11
N SER A 209 -0.10 23.25 31.56
CA SER A 209 -1.01 23.28 30.42
C SER A 209 -2.48 23.06 30.78
N THR A 210 -2.79 22.44 31.92
CA THR A 210 -4.18 22.33 32.35
C THR A 210 -4.80 23.71 32.50
N MET A 211 -6.11 23.77 32.34
CA MET A 211 -6.82 25.04 32.41
C MET A 211 -7.37 25.23 33.81
N CYS A 212 -7.01 26.34 34.46
CA CYS A 212 -7.59 26.70 35.75
C CYS A 212 -8.98 27.26 35.51
N LEU A 213 -10.01 26.47 35.82
CA LEU A 213 -11.38 26.83 35.48
C LEU A 213 -11.88 28.01 36.29
N GLU A 214 -11.46 28.14 37.54
CA GLU A 214 -11.99 29.18 38.43
C GLU A 214 -11.16 29.23 39.69
N GLY A 215 -11.42 30.23 40.50
CA GLY A 215 -10.63 30.44 41.71
C GLY A 215 -9.29 31.11 41.45
N THR A 216 -8.46 31.04 42.50
CA THR A 216 -7.07 31.47 42.48
C THR A 216 -6.27 30.50 43.33
N ALA A 217 -4.95 30.46 43.09
CA ALA A 217 -4.05 29.71 43.97
C ALA A 217 -2.61 30.19 43.75
N GLN A 218 -1.78 29.91 44.75
CA GLN A 218 -0.34 30.07 44.66
C GLN A 218 0.33 28.74 44.98
N GLY A 219 1.53 28.56 44.44
CA GLY A 219 2.18 27.27 44.58
C GLY A 219 3.57 27.29 43.96
N LEU A 220 4.37 26.30 44.37
CA LEU A 220 5.77 26.23 43.98
C LEU A 220 5.93 25.38 42.73
N VAL A 221 6.74 25.88 41.80
CA VAL A 221 7.08 25.21 40.55
C VAL A 221 7.99 24.03 40.89
N VAL A 222 7.48 22.80 40.78
CA VAL A 222 8.30 21.64 41.10
C VAL A 222 8.78 20.89 39.88
N ASN A 223 8.39 21.32 38.68
CA ASN A 223 8.93 20.74 37.45
C ASN A 223 8.61 21.67 36.30
N THR A 224 9.52 21.70 35.31
CA THR A 224 9.38 22.52 34.11
C THR A 224 9.82 21.71 32.91
N GLY A 225 9.41 22.16 31.74
CA GLY A 225 9.91 21.59 30.49
C GLY A 225 9.40 20.18 30.23
N ASP A 226 10.25 19.37 29.61
CA ASP A 226 9.90 17.99 29.34
C ASP A 226 9.70 17.18 30.61
N ARG A 227 10.17 17.68 31.77
CA ARG A 227 9.89 17.04 33.05
C ARG A 227 8.43 17.19 33.50
N THR A 228 7.66 18.13 32.94
CA THR A 228 6.26 18.25 33.34
C THR A 228 5.45 17.08 32.82
N ILE A 229 4.30 16.84 33.43
CA ILE A 229 3.51 15.68 33.04
C ILE A 229 3.07 15.78 31.59
N ILE A 230 2.88 17.00 31.09
CA ILE A 230 2.54 17.11 29.68
C ILE A 230 3.79 16.88 28.82
N GLY A 231 4.97 17.26 29.33
CA GLY A 231 6.19 17.02 28.57
C GLY A 231 6.55 15.55 28.49
N ARG A 232 6.14 14.77 29.49
CA ARG A 232 6.38 13.34 29.44
C ARG A 232 5.38 12.64 28.52
N ILE A 233 4.12 13.07 28.55
CA ILE A 233 3.16 12.55 27.58
C ILE A 233 3.68 12.80 26.18
N ALA A 234 4.21 14.00 25.94
CA ALA A 234 4.72 14.35 24.63
C ALA A 234 5.92 13.46 24.25
N SER A 235 6.88 13.31 25.18
CA SER A 235 8.05 12.48 24.92
C SER A 235 7.62 11.07 24.55
N LEU A 236 6.78 10.45 25.38
CA LEU A 236 6.26 9.13 25.07
C LEU A 236 5.69 9.05 23.66
N ALA A 237 5.04 10.13 23.19
CA ALA A 237 4.49 10.08 21.84
C ALA A 237 5.59 10.20 20.80
N SER A 238 6.44 11.23 20.94
CA SER A 238 7.53 11.42 19.97
C SER A 238 8.51 10.28 20.03
N GLY A 239 8.90 9.89 21.23
CA GLY A 239 9.95 8.90 21.36
C GLY A 239 9.57 7.48 21.02
N VAL A 240 8.32 7.21 20.63
CA VAL A 240 7.98 5.85 20.19
C VAL A 240 8.77 5.51 18.95
N GLU A 241 9.58 4.45 19.02
CA GLU A 241 10.35 4.02 17.87
C GLU A 241 9.42 3.64 16.74
N ASN A 242 9.85 3.91 15.51
CA ASN A 242 8.94 3.84 14.35
C ASN A 242 8.98 2.42 13.82
N GLU A 243 8.10 1.59 14.38
CA GLU A 243 7.91 0.20 14.00
C GLU A 243 7.05 0.08 12.74
N LYS A 244 7.17 -1.07 12.10
CA LYS A 244 6.61 -1.28 10.78
C LYS A 244 5.16 -1.77 10.88
N THR A 245 4.27 -1.17 10.08
CA THR A 245 2.89 -1.65 10.03
C THR A 245 2.86 -3.13 9.64
N PRO A 246 1.74 -3.80 9.92
CA PRO A 246 1.65 -5.21 9.51
C PRO A 246 1.83 -5.43 8.03
N ILE A 247 1.33 -4.52 7.19
CA ILE A 247 1.47 -4.78 5.76
C ILE A 247 2.86 -4.40 5.27
N ALA A 248 3.50 -3.38 5.86
CA ALA A 248 4.90 -3.11 5.53
C ALA A 248 5.75 -4.35 5.78
N ILE A 249 5.46 -5.06 6.86
CA ILE A 249 6.20 -6.25 7.18
C ILE A 249 6.00 -7.28 6.08
N GLU A 250 4.76 -7.41 5.62
CA GLU A 250 4.44 -8.35 4.57
C GLU A 250 5.10 -8.02 3.26
N ILE A 251 5.11 -6.75 2.90
CA ILE A 251 5.73 -6.32 1.66
C ILE A 251 7.23 -6.57 1.69
N GLU A 252 7.84 -6.25 2.82
CA GLU A 252 9.26 -6.45 2.95
C GLU A 252 9.61 -7.92 2.86
N HIS A 253 8.79 -8.77 3.48
CA HIS A 253 9.04 -10.19 3.43
C HIS A 253 8.97 -10.74 2.00
N PHE A 254 7.96 -10.34 1.24
CA PHE A 254 7.86 -10.82 -0.14
C PHE A 254 9.00 -10.29 -1.01
N VAL A 255 9.40 -9.04 -0.75
CA VAL A 255 10.50 -8.42 -1.47
C VAL A 255 11.79 -9.17 -1.18
N ASP A 256 11.98 -9.58 0.06
CA ASP A 256 13.17 -10.32 0.44
C ASP A 256 13.19 -11.64 -0.33
N ILE A 257 12.03 -12.26 -0.50
CA ILE A 257 11.97 -13.51 -1.26
C ILE A 257 12.37 -13.31 -2.73
N ILE A 258 11.85 -12.25 -3.33
CA ILE A 258 12.14 -11.93 -4.73
C ILE A 258 13.61 -11.55 -4.89
N ALA A 259 14.11 -10.60 -4.08
CA ALA A 259 15.48 -10.17 -4.26
C ALA A 259 16.45 -11.33 -4.06
N GLY A 260 16.16 -12.20 -3.12
CA GLY A 260 17.03 -13.35 -2.94
C GLY A 260 17.01 -14.27 -4.15
N LEU A 261 15.83 -14.51 -4.69
CA LEU A 261 15.72 -15.36 -5.86
C LEU A 261 16.42 -14.73 -7.05
N ALA A 262 16.26 -13.41 -7.19
CA ALA A 262 16.88 -12.73 -8.31
C ALA A 262 18.40 -12.81 -8.26
N ILE A 263 19.00 -12.59 -7.10
CA ILE A 263 20.45 -12.69 -7.02
C ILE A 263 20.91 -14.11 -7.28
N LEU A 264 20.18 -15.08 -6.76
CA LEU A 264 20.57 -16.44 -6.98
C LEU A 264 20.50 -16.81 -8.46
N PHE A 265 19.42 -16.45 -9.12
CA PHE A 265 19.28 -16.78 -10.53
C PHE A 265 20.31 -16.09 -11.38
N GLY A 266 20.49 -14.80 -11.11
CA GLY A 266 21.43 -14.01 -11.86
C GLY A 266 22.84 -14.46 -11.66
N ALA A 267 23.16 -14.87 -10.44
CA ALA A 267 24.54 -15.24 -10.15
C ALA A 267 24.84 -16.65 -10.63
N THR A 268 23.89 -17.59 -10.52
CA THR A 268 24.22 -18.93 -11.02
C THR A 268 24.42 -18.95 -12.52
N PHE A 269 23.66 -18.14 -13.27
CA PHE A 269 23.82 -18.21 -14.71
C PHE A 269 25.02 -17.40 -15.17
N PHE A 270 25.34 -16.30 -14.48
CA PHE A 270 26.62 -15.65 -14.72
C PHE A 270 27.76 -16.65 -14.68
N ILE A 271 27.80 -17.49 -13.65
CA ILE A 271 28.75 -18.61 -13.63
C ILE A 271 28.58 -19.47 -14.86
N VAL A 272 27.37 -20.02 -15.08
CA VAL A 272 27.12 -20.87 -16.24
C VAL A 272 27.58 -20.17 -17.52
N ALA A 273 27.20 -18.89 -17.67
CA ALA A 273 27.66 -18.12 -18.82
C ALA A 273 29.18 -18.22 -18.97
N MET A 274 29.92 -17.79 -17.95
CA MET A 274 31.39 -17.87 -18.00
C MET A 274 31.87 -19.30 -18.21
N CYS A 275 31.14 -20.29 -17.69
CA CYS A 275 31.59 -21.67 -17.82
C CYS A 275 31.44 -22.19 -19.24
N ILE A 276 30.48 -21.69 -20.01
CA ILE A 276 30.32 -22.15 -21.39
C ILE A 276 30.97 -21.17 -22.38
N GLY A 277 31.83 -20.29 -21.88
CA GLY A 277 32.76 -19.55 -22.70
C GLY A 277 32.36 -18.16 -23.12
N TYR A 278 31.47 -17.50 -22.38
CA TYR A 278 31.20 -16.10 -22.67
C TYR A 278 32.25 -15.22 -22.00
N THR A 279 32.38 -14.00 -22.50
CA THR A 279 33.29 -13.05 -21.87
C THR A 279 32.62 -12.44 -20.64
N PHE A 280 33.45 -12.12 -19.64
CA PHE A 280 32.93 -11.58 -18.38
C PHE A 280 31.97 -10.42 -18.64
N LEU A 281 32.38 -9.47 -19.49
CA LEU A 281 31.52 -8.33 -19.79
C LEU A 281 30.16 -8.76 -20.36
N ARG A 282 30.11 -9.84 -21.15
CA ARG A 282 28.81 -10.30 -21.65
C ARG A 282 27.99 -10.97 -20.55
N ALA A 283 28.63 -11.84 -19.75
CA ALA A 283 27.94 -12.45 -18.62
C ALA A 283 27.43 -11.40 -17.64
N MET A 284 28.23 -10.33 -17.41
CA MET A 284 27.74 -9.20 -16.62
C MET A 284 26.46 -8.63 -17.22
N VAL A 285 26.33 -8.63 -18.55
CA VAL A 285 25.10 -8.12 -19.16
C VAL A 285 23.97 -9.13 -19.03
N PHE A 286 24.29 -10.43 -19.00
CA PHE A 286 23.27 -11.43 -18.72
C PHE A 286 22.75 -11.29 -17.30
N PHE A 287 23.66 -11.09 -16.37
CA PHE A 287 23.21 -10.89 -15.00
C PHE A 287 22.20 -9.76 -14.95
N MET A 288 22.48 -8.67 -15.69
CA MET A 288 21.53 -7.55 -15.73
C MET A 288 20.21 -7.97 -16.36
N ALA A 289 20.27 -8.65 -17.50
CA ALA A 289 19.05 -9.14 -18.14
C ALA A 289 18.24 -10.06 -17.23
N ILE A 290 18.90 -11.01 -16.53
CA ILE A 290 18.14 -11.96 -15.72
C ILE A 290 17.43 -11.22 -14.59
N VAL A 291 18.17 -10.33 -13.92
CA VAL A 291 17.58 -9.45 -12.93
C VAL A 291 16.42 -8.67 -13.53
N VAL A 292 16.60 -8.09 -14.72
CA VAL A 292 15.49 -7.30 -15.23
C VAL A 292 14.29 -8.18 -15.53
N ALA A 293 14.53 -9.42 -15.99
CA ALA A 293 13.42 -10.31 -16.31
C ALA A 293 12.69 -10.78 -15.06
N TYR A 294 13.44 -11.21 -14.05
CA TYR A 294 12.82 -11.90 -12.92
C TYR A 294 12.15 -10.93 -11.96
N VAL A 295 12.76 -9.77 -11.76
CA VAL A 295 12.21 -8.78 -10.84
C VAL A 295 10.89 -8.22 -11.40
N PRO A 296 9.83 -8.15 -10.60
CA PRO A 296 8.60 -7.49 -11.07
C PRO A 296 8.64 -5.96 -10.94
N GLU A 297 9.08 -5.27 -11.98
CA GLU A 297 9.24 -3.83 -11.91
C GLU A 297 7.96 -3.10 -11.49
N GLY A 298 6.80 -3.53 -11.99
CA GLY A 298 5.54 -2.86 -11.66
C GLY A 298 4.90 -3.26 -10.34
N LEU A 299 5.49 -4.19 -9.59
CA LEU A 299 4.77 -4.82 -8.48
C LEU A 299 4.43 -3.81 -7.40
N LEU A 300 5.45 -3.23 -6.76
CA LEU A 300 5.20 -2.29 -5.67
C LEU A 300 4.23 -1.21 -6.11
N ALA A 301 4.32 -0.80 -7.37
CA ALA A 301 3.36 0.17 -7.90
C ALA A 301 1.94 -0.37 -7.82
N THR A 302 1.71 -1.59 -8.34
CA THR A 302 0.36 -2.16 -8.28
C THR A 302 -0.13 -2.25 -6.85
N VAL A 303 0.73 -2.70 -5.93
CA VAL A 303 0.33 -2.85 -4.53
C VAL A 303 -0.19 -1.52 -3.99
N THR A 304 0.56 -0.43 -4.21
CA THR A 304 0.03 0.79 -3.63
C THR A 304 -1.14 1.38 -4.42
N VAL A 305 -1.33 1.03 -5.69
CA VAL A 305 -2.59 1.43 -6.33
C VAL A 305 -3.77 0.71 -5.69
N CYS A 306 -3.61 -0.58 -5.34
CA CYS A 306 -4.69 -1.29 -4.67
C CYS A 306 -5.02 -0.67 -3.31
N LEU A 307 -3.99 -0.37 -2.51
CA LEU A 307 -4.21 0.35 -1.26
C LEU A 307 -4.89 1.70 -1.51
N SER A 308 -4.46 2.43 -2.53
CA SER A 308 -5.12 3.69 -2.85
C SER A 308 -6.62 3.51 -3.04
N LEU A 309 -7.02 2.45 -3.75
CA LEU A 309 -8.44 2.31 -3.99
C LEU A 309 -9.19 1.81 -2.77
N THR A 310 -8.52 1.15 -1.82
CA THR A 310 -9.21 0.87 -0.55
C THR A 310 -9.31 2.15 0.29
N ALA A 311 -8.21 2.91 0.40
CA ALA A 311 -8.28 4.24 1.01
C ALA A 311 -9.41 5.06 0.41
N LYS A 312 -9.57 5.00 -0.90
CA LYS A 312 -10.67 5.75 -1.49
C LYS A 312 -12.00 5.29 -0.91
N ARG A 313 -12.20 3.97 -0.83
CA ARG A 313 -13.46 3.40 -0.37
C ARG A 313 -13.73 3.74 1.08
N LEU A 314 -12.72 3.58 1.95
CA LEU A 314 -12.88 3.97 3.35
C LEU A 314 -13.27 5.44 3.46
N ALA A 315 -12.64 6.30 2.66
CA ALA A 315 -12.84 7.73 2.85
C ALA A 315 -14.27 8.13 2.53
N SER A 316 -14.97 7.36 1.70
CA SER A 316 -16.37 7.66 1.43
C SER A 316 -17.28 7.29 2.58
N LYS A 317 -16.82 6.47 3.52
CA LYS A 317 -17.55 6.25 4.75
C LYS A 317 -17.08 7.18 5.87
N ASN A 318 -16.45 8.31 5.51
CA ASN A 318 -15.97 9.32 6.45
C ASN A 318 -14.80 8.82 7.28
N CYS A 319 -14.14 7.78 6.82
CA CYS A 319 -13.02 7.18 7.51
C CYS A 319 -11.78 7.55 6.72
N VAL A 320 -10.96 8.42 7.29
CA VAL A 320 -9.85 9.02 6.55
C VAL A 320 -8.54 8.45 7.07
N VAL A 321 -7.70 8.03 6.16
CA VAL A 321 -6.42 7.42 6.45
C VAL A 321 -5.35 8.49 6.28
N LYS A 322 -4.22 8.34 6.99
CA LYS A 322 -3.11 9.26 6.79
C LYS A 322 -1.96 8.62 6.03
N ASN A 323 -1.95 7.30 5.89
CA ASN A 323 -0.90 6.63 5.15
C ASN A 323 -1.49 5.32 4.62
N LEU A 324 -1.25 5.04 3.33
CA LEU A 324 -1.89 3.90 2.69
C LEU A 324 -1.70 2.61 3.47
N GLU A 325 -0.59 2.46 4.21
CA GLU A 325 -0.43 1.27 5.03
C GLU A 325 -1.57 1.11 6.04
N ALA A 326 -1.99 2.21 6.65
CA ALA A 326 -3.05 2.16 7.65
C ALA A 326 -4.36 1.60 7.10
N VAL A 327 -4.49 1.47 5.78
CA VAL A 327 -5.73 0.98 5.16
C VAL A 327 -5.88 -0.53 5.30
N GLU A 328 -4.83 -1.24 5.71
CA GLU A 328 -4.91 -2.69 5.88
C GLU A 328 -5.05 -3.13 7.33
N THR A 329 -4.58 -2.31 8.28
CA THR A 329 -4.23 -2.84 9.60
C THR A 329 -5.44 -3.36 10.36
N LEU A 330 -6.60 -2.69 10.27
CA LEU A 330 -7.77 -3.16 11.03
C LEU A 330 -8.24 -4.54 10.56
N GLY A 331 -7.83 -4.98 9.37
CA GLY A 331 -8.15 -6.33 8.96
C GLY A 331 -7.32 -7.36 9.68
N SER A 332 -6.09 -7.00 10.06
CA SER A 332 -5.18 -7.88 10.78
C SER A 332 -5.24 -7.67 12.29
N THR A 333 -6.06 -6.72 12.77
CA THR A 333 -6.12 -6.39 14.20
C THR A 333 -6.83 -7.50 14.95
N SER A 334 -6.28 -7.87 16.11
CA SER A 334 -6.88 -8.92 16.93
C SER A 334 -7.23 -8.48 18.35
N VAL A 335 -6.75 -7.31 18.79
CA VAL A 335 -7.11 -6.70 20.05
C VAL A 335 -7.37 -5.23 19.79
N ILE A 336 -8.50 -4.70 20.23
CA ILE A 336 -8.78 -3.26 20.19
C ILE A 336 -8.66 -2.74 21.62
N CYS A 337 -7.82 -1.73 21.85
CA CYS A 337 -7.85 -1.01 23.11
C CYS A 337 -8.52 0.34 22.90
N SER A 338 -9.55 0.63 23.69
CA SER A 338 -10.43 1.77 23.41
C SER A 338 -10.53 2.69 24.61
N ASP A 339 -10.35 4.00 24.40
CA ASP A 339 -10.54 4.96 25.49
C ASP A 339 -12.05 5.06 25.68
N LYS A 340 -12.52 5.14 26.92
CA LYS A 340 -13.95 5.26 27.15
C LYS A 340 -14.67 6.57 26.81
N THR A 341 -14.12 7.70 27.26
CA THR A 341 -14.82 8.97 27.10
C THR A 341 -14.60 9.68 25.80
N GLY A 342 -15.67 9.93 25.06
CA GLY A 342 -15.58 10.64 23.78
C GLY A 342 -15.23 9.73 22.60
N THR A 343 -15.15 8.42 22.86
CA THR A 343 -14.84 7.46 21.82
C THR A 343 -16.03 6.54 21.90
N LEU A 344 -16.08 5.75 22.96
CA LEU A 344 -17.22 4.90 23.25
C LEU A 344 -18.44 5.72 23.66
N THR A 345 -18.20 6.75 24.46
CA THR A 345 -19.28 7.58 24.97
C THR A 345 -19.32 8.91 24.21
N GLN A 346 -20.35 9.71 24.47
CA GLN A 346 -20.54 10.94 23.73
C GLN A 346 -19.75 12.11 24.32
N ASN A 347 -19.08 11.90 25.46
CA ASN A 347 -18.56 12.97 26.30
C ASN A 347 -19.58 14.04 26.69
N ARG A 348 -20.79 13.58 26.98
CA ARG A 348 -21.83 14.50 27.40
C ARG A 348 -22.71 13.87 28.47
N MET A 349 -22.78 14.51 29.65
CA MET A 349 -23.63 14.02 30.74
C MET A 349 -25.08 13.98 30.30
N THR A 350 -25.69 12.82 30.45
CA THR A 350 -27.04 12.60 29.94
C THR A 350 -27.89 11.91 31.01
N VAL A 351 -29.17 12.30 31.13
CA VAL A 351 -30.05 11.67 32.10
C VAL A 351 -30.27 10.22 31.71
N SER A 352 -30.06 9.31 32.66
CA SER A 352 -29.96 7.88 32.42
C SER A 352 -31.04 7.06 33.10
N HIS A 353 -31.33 7.32 34.38
CA HIS A 353 -32.35 6.58 35.11
C HIS A 353 -33.15 7.52 35.99
N LEU A 354 -34.30 7.03 36.45
CA LEU A 354 -35.15 7.76 37.36
C LEU A 354 -35.78 6.77 38.33
N TRP A 355 -35.74 7.09 39.62
CA TRP A 355 -36.48 6.36 40.63
C TRP A 355 -37.71 7.19 40.97
N PHE A 356 -38.88 6.69 40.59
CA PHE A 356 -40.15 7.23 41.08
C PHE A 356 -41.16 6.11 41.08
N ASP A 357 -42.18 6.24 41.93
CA ASP A 357 -43.21 5.20 42.04
C ASP A 357 -42.62 3.87 42.47
N ASN A 358 -41.52 3.91 43.23
CA ASN A 358 -40.84 2.76 43.80
C ASN A 358 -40.11 1.92 42.77
N HIS A 359 -39.95 2.41 41.54
CA HIS A 359 -39.30 1.61 40.51
C HIS A 359 -38.28 2.45 39.76
N ILE A 360 -37.20 1.80 39.35
CA ILE A 360 -36.17 2.45 38.55
C ILE A 360 -36.61 2.39 37.09
N HIS A 361 -36.61 3.54 36.42
CA HIS A 361 -36.89 3.61 34.99
C HIS A 361 -35.63 3.97 34.22
N SER A 362 -35.59 3.57 32.95
CA SER A 362 -34.43 3.82 32.11
C SER A 362 -34.77 4.81 31.02
N ALA A 363 -34.05 5.94 31.00
CA ALA A 363 -34.21 6.94 29.95
C ALA A 363 -33.40 6.57 28.72
N ASP A 364 -33.88 7.04 27.57
CA ASP A 364 -33.22 6.83 26.28
C ASP A 364 -32.06 7.81 26.14
N THR A 365 -30.83 7.32 26.26
CA THR A 365 -29.66 8.19 26.35
C THR A 365 -28.88 8.27 25.04
N THR A 366 -29.46 7.81 23.93
CA THR A 366 -28.81 7.89 22.64
C THR A 366 -28.86 9.33 22.11
N GLU A 367 -27.84 9.69 21.30
CA GLU A 367 -27.78 11.03 20.73
C GLU A 367 -28.87 11.26 19.67
N ASP A 368 -29.27 10.23 18.95
CA ASP A 368 -30.33 10.35 17.95
C ASP A 368 -31.68 9.98 18.52
N GLN A 369 -31.77 9.76 19.83
CA GLN A 369 -33.03 9.42 20.47
C GLN A 369 -33.65 8.18 19.82
N SER A 370 -32.79 7.22 19.47
CA SER A 370 -33.16 6.06 18.69
C SER A 370 -33.49 4.86 19.53
N GLY A 371 -33.42 5.07 20.83
CA GLY A 371 -33.61 4.06 21.85
C GLY A 371 -34.96 3.86 22.47
N GLN A 372 -34.92 3.20 23.61
CA GLN A 372 -36.08 2.86 24.40
C GLN A 372 -36.31 3.88 25.51
N THR A 373 -37.53 4.40 25.56
CA THR A 373 -37.94 5.36 26.56
C THR A 373 -38.56 4.69 27.77
N PHE A 374 -39.03 5.51 28.70
CA PHE A 374 -39.65 5.03 29.89
C PHE A 374 -41.12 5.50 29.96
N ASP A 375 -41.93 4.85 30.79
CA ASP A 375 -43.34 5.19 30.91
C ASP A 375 -43.53 6.58 31.48
N GLN A 376 -44.34 7.40 30.82
CA GLN A 376 -44.58 8.78 31.27
C GLN A 376 -46.07 9.04 31.49
N SER A 377 -46.87 7.98 31.66
CA SER A 377 -48.27 8.16 31.98
C SER A 377 -48.49 8.55 33.42
N SER A 378 -47.47 8.41 34.26
CA SER A 378 -47.66 8.53 35.69
C SER A 378 -47.90 9.99 36.08
N GLU A 379 -48.68 10.17 37.13
CA GLU A 379 -48.83 11.50 37.68
C GLU A 379 -47.77 11.81 38.72
N THR A 380 -47.19 10.78 39.36
CA THR A 380 -45.92 10.99 40.05
C THR A 380 -44.88 11.52 39.07
N TRP A 381 -44.88 11.00 37.84
CA TRP A 381 -43.91 11.43 36.85
C TRP A 381 -44.17 12.85 36.38
N ARG A 382 -45.42 13.16 36.03
CA ARG A 382 -45.76 14.51 35.64
C ARG A 382 -45.28 15.50 36.69
N ALA A 383 -45.26 15.06 37.95
CA ALA A 383 -44.82 15.91 39.05
C ALA A 383 -43.30 16.03 39.11
N LEU A 384 -42.61 14.89 39.10
CA LEU A 384 -41.15 14.93 39.10
C LEU A 384 -40.64 15.78 37.94
N CYS A 385 -41.22 15.60 36.74
CA CYS A 385 -40.87 16.42 35.58
C CYS A 385 -41.06 17.90 35.85
N ARG A 386 -42.15 18.27 36.53
CA ARG A 386 -42.33 19.66 36.90
C ARG A 386 -41.20 20.17 37.79
N VAL A 387 -40.71 19.31 38.69
CA VAL A 387 -39.68 19.75 39.64
C VAL A 387 -38.34 19.92 38.94
N LEU A 388 -37.89 18.89 38.21
CA LEU A 388 -36.58 18.98 37.56
C LEU A 388 -36.57 20.06 36.48
N THR A 389 -37.74 20.48 36.02
CA THR A 389 -37.83 21.55 35.03
C THR A 389 -37.79 22.94 35.70
N LEU A 390 -38.65 23.19 36.71
CA LEU A 390 -38.63 24.49 37.37
C LEU A 390 -37.32 24.75 38.12
N CYS A 391 -36.77 23.72 38.77
CA CYS A 391 -35.60 23.89 39.63
C CYS A 391 -34.31 23.72 38.82
N ASN A 392 -34.15 24.58 37.81
CA ASN A 392 -33.01 24.51 36.91
C ASN A 392 -32.71 25.92 36.40
N ARG A 393 -31.41 26.27 36.35
CA ARG A 393 -31.01 27.64 36.01
C ARG A 393 -30.20 27.72 34.72
N ALA A 394 -30.09 26.63 33.97
CA ALA A 394 -29.26 26.61 32.77
C ALA A 394 -30.02 27.19 31.58
N ALA A 395 -29.31 27.49 30.49
CA ALA A 395 -30.04 28.11 29.39
C ALA A 395 -29.54 27.71 28.00
N PHE A 396 -30.50 27.49 27.07
CA PHE A 396 -30.12 27.30 25.67
C PHE A 396 -29.75 28.65 25.07
N LYS A 397 -28.59 28.72 24.44
CA LYS A 397 -28.29 29.90 23.62
C LYS A 397 -29.25 29.94 22.42
N SER A 398 -29.57 31.16 21.99
CA SER A 398 -30.70 31.36 21.09
C SER A 398 -30.39 30.94 19.64
N GLY A 399 -31.46 30.83 18.86
CA GLY A 399 -31.37 30.44 17.46
C GLY A 399 -30.92 29.02 17.23
N GLN A 400 -30.97 28.16 18.24
CA GLN A 400 -30.52 26.79 18.12
C GLN A 400 -31.63 25.84 17.69
N ASP A 401 -32.76 26.37 17.25
CA ASP A 401 -33.90 25.52 16.91
C ASP A 401 -33.61 24.59 15.73
N ALA A 402 -32.62 24.91 14.92
CA ALA A 402 -32.20 23.98 13.88
C ALA A 402 -31.36 22.84 14.44
N VAL A 403 -30.76 23.02 15.60
CA VAL A 403 -29.81 22.09 16.20
C VAL A 403 -30.57 20.92 16.83
N PRO A 404 -30.00 19.71 16.81
CA PRO A 404 -30.54 18.64 17.68
C PRO A 404 -30.31 18.98 19.14
N VAL A 405 -31.31 18.67 19.98
CA VAL A 405 -31.22 19.02 21.40
C VAL A 405 -29.89 18.60 22.01
N PRO A 406 -29.40 17.37 21.82
CA PRO A 406 -28.12 16.98 22.43
C PRO A 406 -26.95 17.83 21.99
N LYS A 407 -26.96 18.29 20.74
CA LYS A 407 -25.86 19.10 20.24
C LYS A 407 -25.90 20.53 20.74
N ARG A 408 -27.08 20.99 21.21
CA ARG A 408 -27.26 22.37 21.58
C ARG A 408 -26.33 22.77 22.72
N ILE A 409 -25.76 23.97 22.62
CA ILE A 409 -24.83 24.47 23.62
C ILE A 409 -25.61 25.27 24.65
N VAL A 410 -25.39 24.97 25.92
CA VAL A 410 -26.21 25.57 26.95
C VAL A 410 -25.32 26.12 28.05
N ILE A 411 -25.80 27.16 28.72
CA ILE A 411 -25.07 27.79 29.80
C ILE A 411 -25.46 27.12 31.10
N GLY A 412 -24.55 26.35 31.67
CA GLY A 412 -24.78 25.64 32.91
C GLY A 412 -23.78 24.53 33.08
N ASP A 413 -23.64 24.06 34.33
CA ASP A 413 -22.77 22.93 34.59
C ASP A 413 -23.28 21.69 33.85
N ALA A 414 -22.46 20.64 33.83
CA ALA A 414 -22.86 19.45 33.09
C ALA A 414 -24.20 18.95 33.59
N SER A 415 -24.39 18.98 34.91
CA SER A 415 -25.60 18.42 35.51
C SER A 415 -26.85 19.14 35.03
N GLU A 416 -26.89 20.46 35.23
CA GLU A 416 -28.08 21.20 34.85
C GLU A 416 -28.26 21.20 33.34
N THR A 417 -27.15 21.20 32.60
CA THR A 417 -27.17 21.04 31.17
C THR A 417 -27.90 19.76 30.76
N ALA A 418 -27.65 18.66 31.48
CA ALA A 418 -28.28 17.39 31.14
C ALA A 418 -29.77 17.42 31.46
N LEU A 419 -30.11 17.93 32.66
CA LEU A 419 -31.50 18.03 33.06
C LEU A 419 -32.32 18.86 32.09
N LEU A 420 -31.77 19.99 31.64
CA LEU A 420 -32.48 20.84 30.71
C LEU A 420 -32.66 20.15 29.36
N LYS A 421 -31.59 19.54 28.83
CA LYS A 421 -31.72 18.80 27.59
C LYS A 421 -32.76 17.69 27.75
N PHE A 422 -32.72 16.97 28.89
CA PHE A 422 -33.65 15.89 29.14
C PHE A 422 -35.09 16.42 29.16
N SER A 423 -35.29 17.62 29.71
CA SER A 423 -36.64 18.16 29.82
C SER A 423 -37.18 18.60 28.46
N GLU A 424 -36.33 19.19 27.63
CA GLU A 424 -36.78 19.58 26.30
C GLU A 424 -37.03 18.39 25.42
N LEU A 425 -36.34 17.29 25.66
CA LEU A 425 -36.61 16.08 24.91
C LEU A 425 -37.96 15.46 25.31
N THR A 426 -38.22 15.43 26.63
CA THR A 426 -39.46 14.90 27.19
C THR A 426 -40.71 15.72 26.94
N LEU A 427 -40.58 17.03 27.09
CA LEU A 427 -41.70 17.95 26.90
C LEU A 427 -41.26 18.98 25.85
N GLY A 428 -42.21 19.65 25.21
CA GLY A 428 -41.82 20.45 24.06
C GLY A 428 -40.69 21.45 24.26
N ASN A 429 -40.92 22.43 25.12
CA ASN A 429 -39.97 23.54 25.26
C ASN A 429 -39.85 23.88 26.74
N ALA A 430 -38.72 23.48 27.34
CA ALA A 430 -38.56 23.59 28.79
C ALA A 430 -38.54 25.05 29.24
N MET A 431 -37.91 25.91 28.45
CA MET A 431 -37.82 27.32 28.79
C MET A 431 -39.17 28.00 28.69
N GLY A 432 -39.99 27.58 27.72
CA GLY A 432 -41.35 28.10 27.63
C GLY A 432 -42.22 27.64 28.78
N TYR A 433 -42.17 26.35 29.08
CA TYR A 433 -42.88 25.82 30.25
C TYR A 433 -42.49 26.57 31.52
N ARG A 434 -41.17 26.74 31.75
CA ARG A 434 -40.72 27.34 33.00
C ARG A 434 -41.24 28.77 33.15
N GLU A 435 -41.37 29.49 32.04
CA GLU A 435 -41.83 30.88 32.14
C GLU A 435 -43.29 30.95 32.58
N ARG A 436 -44.09 29.95 32.23
CA ARG A 436 -45.49 29.91 32.65
C ARG A 436 -45.64 29.84 34.17
N PHE A 437 -44.60 29.39 34.88
CA PHE A 437 -44.65 29.27 36.32
C PHE A 437 -43.63 30.24 36.91
N PRO A 438 -43.96 31.54 36.96
CA PRO A 438 -42.94 32.56 37.25
C PRO A 438 -42.26 32.37 38.60
N LYS A 439 -40.93 32.52 38.59
CA LYS A 439 -40.11 32.26 39.76
C LYS A 439 -40.15 33.46 40.69
N VAL A 440 -40.95 33.31 41.72
CA VAL A 440 -41.14 34.29 42.77
C VAL A 440 -39.92 34.47 43.64
N CYS A 441 -39.28 33.35 43.98
CA CYS A 441 -38.13 33.38 44.86
C CYS A 441 -37.14 32.29 44.51
N GLU A 442 -35.85 32.51 44.78
CA GLU A 442 -34.86 31.50 44.48
C GLU A 442 -33.59 31.56 45.32
N ILE A 443 -33.03 30.41 45.63
CA ILE A 443 -31.75 30.35 46.28
C ILE A 443 -30.97 29.37 45.44
N PRO A 444 -29.84 29.80 44.84
CA PRO A 444 -29.08 28.89 43.98
C PRO A 444 -28.38 27.84 44.82
N PHE A 445 -27.74 26.88 44.14
CA PHE A 445 -27.13 25.80 44.89
C PHE A 445 -25.93 26.30 45.68
N ASN A 446 -25.82 25.80 46.91
CA ASN A 446 -24.94 26.37 47.90
C ASN A 446 -24.07 25.26 48.48
N SER A 447 -22.91 25.67 49.03
CA SER A 447 -22.10 24.73 49.77
C SER A 447 -22.68 24.46 51.15
N THR A 448 -23.19 25.51 51.81
CA THR A 448 -23.75 25.34 53.16
C THR A 448 -25.13 24.68 53.10
N ASN A 449 -26.03 25.23 52.28
CA ASN A 449 -27.37 24.65 52.12
C ASN A 449 -27.29 23.21 51.63
N LYS A 450 -26.36 22.94 50.72
CA LYS A 450 -26.19 21.65 50.07
C LYS A 450 -27.43 21.25 49.25
N PHE A 451 -28.24 22.22 48.86
CA PHE A 451 -29.33 22.01 47.92
C PHE A 451 -29.61 23.32 47.18
N GLN A 452 -30.60 23.28 46.29
CA GLN A 452 -31.04 24.44 45.53
C GLN A 452 -32.56 24.47 45.56
N LEU A 453 -33.12 25.67 45.74
CA LEU A 453 -34.54 25.80 46.01
C LEU A 453 -35.08 27.02 45.28
N SER A 454 -36.35 26.96 44.88
CA SER A 454 -37.04 28.14 44.38
C SER A 454 -38.54 27.90 44.47
N ILE A 455 -39.29 29.00 44.56
CA ILE A 455 -40.73 28.99 44.78
C ILE A 455 -41.39 29.75 43.65
N HIS A 456 -42.58 29.28 43.23
CA HIS A 456 -43.10 29.71 41.94
C HIS A 456 -44.59 29.91 42.00
N THR A 457 -45.04 31.07 41.50
CA THR A 457 -46.42 31.24 41.04
C THR A 457 -46.78 30.09 40.10
N LEU A 458 -48.04 29.67 40.14
CA LEU A 458 -48.49 28.62 39.23
C LEU A 458 -49.23 29.19 38.04
N GLU A 459 -49.44 28.31 37.06
CA GLU A 459 -49.85 28.74 35.71
C GLU A 459 -51.35 28.97 35.63
N ASP A 460 -52.10 28.16 36.36
CA ASP A 460 -53.54 28.26 36.38
C ASP A 460 -53.92 29.61 36.95
N PRO A 461 -54.82 30.32 36.27
CA PRO A 461 -55.28 31.62 36.78
C PRO A 461 -56.05 31.40 38.07
N ARG A 462 -56.87 30.35 38.07
CA ARG A 462 -57.70 30.00 39.22
C ARG A 462 -56.87 29.59 40.42
N ASP A 463 -55.79 28.86 40.19
CA ASP A 463 -54.95 28.38 41.27
C ASP A 463 -53.98 29.46 41.76
N PRO A 464 -54.12 29.83 43.04
CA PRO A 464 -53.37 30.85 43.76
C PRO A 464 -52.26 30.33 44.65
N ARG A 465 -52.00 29.03 44.64
CA ARG A 465 -50.97 28.43 45.47
C ARG A 465 -49.56 28.71 44.96
N HIS A 466 -48.59 28.54 45.83
CA HIS A 466 -47.18 28.71 45.48
C HIS A 466 -46.53 27.34 45.64
N VAL A 467 -45.80 26.89 44.62
CA VAL A 467 -45.16 25.59 44.71
C VAL A 467 -43.66 25.80 44.89
N LEU A 468 -43.12 25.19 45.95
CA LEU A 468 -41.69 25.15 46.24
C LEU A 468 -41.09 23.88 45.63
N VAL A 469 -39.96 24.03 44.94
CA VAL A 469 -39.29 22.94 44.23
C VAL A 469 -37.81 22.93 44.58
N MET A 470 -37.25 21.75 44.83
CA MET A 470 -35.89 21.68 45.35
C MET A 470 -35.20 20.42 44.86
N LYS A 471 -33.88 20.50 44.69
CA LYS A 471 -33.03 19.37 44.34
C LYS A 471 -31.69 19.47 45.06
N GLY A 472 -31.02 18.34 45.19
CA GLY A 472 -29.75 18.27 45.86
C GLY A 472 -29.33 16.83 46.01
N ALA A 473 -28.33 16.57 46.85
CA ALA A 473 -27.89 15.22 47.08
C ALA A 473 -29.08 14.47 47.65
N PRO A 474 -29.30 13.24 47.20
CA PRO A 474 -30.52 12.54 47.60
C PRO A 474 -30.74 12.32 49.08
N GLU A 475 -29.74 11.91 49.81
CA GLU A 475 -29.93 11.68 51.23
C GLU A 475 -30.30 12.97 51.90
N ARG A 476 -29.66 14.02 51.44
CA ARG A 476 -29.82 15.31 52.07
C ARG A 476 -31.05 16.03 51.56
N VAL A 477 -31.56 15.68 50.36
CA VAL A 477 -32.91 16.07 50.00
C VAL A 477 -33.92 15.35 50.88
N LEU A 478 -33.71 14.05 51.08
CA LEU A 478 -34.69 13.22 51.76
C LEU A 478 -34.79 13.56 53.24
N GLU A 479 -33.68 13.96 53.87
CA GLU A 479 -33.79 14.31 55.29
C GLU A 479 -34.58 15.59 55.51
N ARG A 480 -35.09 16.23 54.46
CA ARG A 480 -36.00 17.36 54.60
C ARG A 480 -37.40 17.06 54.04
N CYS A 481 -37.73 15.79 53.77
CA CYS A 481 -39.04 15.39 53.32
C CYS A 481 -39.78 14.65 54.43
N SER A 482 -41.11 14.78 54.42
CA SER A 482 -42.00 14.08 55.33
C SER A 482 -42.91 13.08 54.63
N SER A 483 -43.28 13.33 53.39
CA SER A 483 -44.16 12.47 52.61
C SER A 483 -43.46 12.13 51.29
N ILE A 484 -44.13 11.32 50.46
CA ILE A 484 -43.60 10.89 49.19
C ILE A 484 -44.74 10.65 48.21
N LEU A 485 -44.51 10.98 46.95
CA LEU A 485 -45.46 10.70 45.88
C LEU A 485 -45.31 9.25 45.43
N ILE A 486 -46.38 8.47 45.56
CA ILE A 486 -46.34 7.07 45.14
C ILE A 486 -47.69 6.73 44.53
N LYS A 487 -47.72 6.51 43.23
CA LYS A 487 -48.93 6.08 42.53
C LYS A 487 -50.06 7.11 42.69
N GLY A 488 -49.69 8.37 42.59
CA GLY A 488 -50.66 9.47 42.66
C GLY A 488 -50.99 9.94 44.04
N GLN A 489 -51.24 9.01 44.96
CA GLN A 489 -51.46 9.38 46.34
C GLN A 489 -50.12 9.74 46.99
N GLU A 490 -50.21 10.49 48.10
CA GLU A 490 -49.02 10.97 48.81
C GLU A 490 -48.98 10.34 50.19
N LEU A 491 -47.90 9.64 50.48
CA LEU A 491 -47.79 8.91 51.71
C LEU A 491 -46.71 9.38 52.62
N PRO A 492 -46.92 9.22 53.92
CA PRO A 492 -45.92 9.60 54.90
C PRO A 492 -44.67 8.78 54.69
N LEU A 493 -43.52 9.39 54.88
CA LEU A 493 -42.30 8.68 54.65
C LEU A 493 -41.97 7.80 55.83
N ASP A 494 -42.54 6.60 55.80
CA ASP A 494 -42.33 5.59 56.82
C ASP A 494 -41.01 4.89 56.64
N GLU A 495 -40.63 4.11 57.62
CA GLU A 495 -39.32 3.48 57.55
C GLU A 495 -39.14 2.66 56.29
N GLN A 496 -40.21 2.00 55.84
CA GLN A 496 -40.09 1.15 54.66
C GLN A 496 -39.82 1.99 53.41
N TRP A 497 -40.37 3.19 53.34
CA TRP A 497 -40.06 4.04 52.19
C TRP A 497 -38.63 4.52 52.22
N ARG A 498 -38.19 5.03 53.36
CA ARG A 498 -36.81 5.49 53.52
C ARG A 498 -35.81 4.42 53.11
N GLU A 499 -36.10 3.15 53.44
CA GLU A 499 -35.17 2.08 53.04
C GLU A 499 -35.25 1.82 51.54
N ALA A 500 -36.47 1.74 51.00
CA ALA A 500 -36.64 1.67 49.54
C ALA A 500 -35.80 2.73 48.84
N PHE A 501 -35.96 3.99 49.25
CA PHE A 501 -35.17 5.09 48.72
C PHE A 501 -33.68 4.79 48.77
N GLN A 502 -33.18 4.43 49.96
CA GLN A 502 -31.75 4.18 50.10
C GLN A 502 -31.25 3.09 49.15
N THR A 503 -32.04 2.05 48.91
CA THR A 503 -31.56 1.02 47.99
C THR A 503 -31.52 1.53 46.56
N ALA A 504 -32.52 2.32 46.17
CA ALA A 504 -32.52 2.88 44.83
C ALA A 504 -31.30 3.79 44.64
N TYR A 505 -31.08 4.67 45.61
CA TYR A 505 -29.93 5.58 45.60
C TYR A 505 -28.62 4.82 45.42
N LEU A 506 -28.38 3.84 46.29
CA LEU A 506 -27.16 3.06 46.16
C LEU A 506 -27.14 2.23 44.88
N SER A 507 -28.32 1.82 44.38
CA SER A 507 -28.37 1.08 43.11
C SER A 507 -27.84 1.92 41.96
N LEU A 508 -28.46 3.08 41.72
CA LEU A 508 -27.94 4.00 40.72
C LEU A 508 -26.50 4.39 41.02
N GLY A 509 -26.14 4.47 42.30
CA GLY A 509 -24.75 4.68 42.65
C GLY A 509 -23.85 3.61 42.08
N GLY A 510 -24.29 2.35 42.18
CA GLY A 510 -23.55 1.22 41.65
C GLY A 510 -23.44 1.18 40.14
N LEU A 511 -24.30 1.90 39.42
CA LEU A 511 -24.18 1.97 37.97
C LEU A 511 -23.19 3.05 37.52
N GLY A 512 -22.38 3.59 38.43
CA GLY A 512 -21.43 4.63 38.10
C GLY A 512 -22.09 5.90 37.64
N GLU A 513 -23.25 6.22 38.21
CA GLU A 513 -24.04 7.37 37.80
C GLU A 513 -24.14 8.37 38.93
N ARG A 514 -24.19 9.65 38.55
CA ARG A 514 -24.47 10.74 39.49
C ARG A 514 -25.97 10.74 39.78
N VAL A 515 -26.35 11.04 41.04
CA VAL A 515 -27.73 10.90 41.51
C VAL A 515 -28.18 12.15 42.23
N LEU A 516 -29.43 12.56 41.99
CA LEU A 516 -30.02 13.74 42.59
C LEU A 516 -31.43 13.44 43.05
N GLY A 517 -31.78 13.94 44.23
CA GLY A 517 -33.15 13.95 44.67
C GLY A 517 -33.89 15.22 44.26
N PHE A 518 -35.21 15.12 44.25
CA PHE A 518 -36.10 16.18 43.77
C PHE A 518 -37.39 16.19 44.60
N CYS A 519 -37.64 17.26 45.36
CA CYS A 519 -38.86 17.33 46.15
C CYS A 519 -39.62 18.62 45.88
N GLN A 520 -40.88 18.64 46.33
CA GLN A 520 -41.77 19.75 46.14
C GLN A 520 -42.54 20.01 47.43
N LEU A 521 -43.16 21.19 47.51
CA LEU A 521 -44.11 21.48 48.58
C LEU A 521 -45.04 22.59 48.10
N TYR A 522 -46.34 22.30 48.04
CA TYR A 522 -47.34 23.27 47.65
C TYR A 522 -47.73 24.11 48.86
N LEU A 523 -47.61 25.43 48.69
CA LEU A 523 -47.89 26.40 49.73
C LEU A 523 -49.28 26.96 49.50
N SER A 524 -50.12 26.86 50.52
CA SER A 524 -51.48 27.39 50.44
C SER A 524 -51.46 28.92 50.37
N GLU A 525 -52.57 29.46 49.90
CA GLU A 525 -52.79 30.90 49.96
C GLU A 525 -53.15 31.36 51.37
N LYS A 526 -53.53 30.43 52.26
CA LYS A 526 -53.90 30.81 53.61
C LYS A 526 -52.71 31.36 54.39
N ASP A 527 -51.59 30.64 54.37
CA ASP A 527 -50.38 31.14 55.02
C ASP A 527 -49.52 32.01 54.11
N TYR A 528 -49.72 31.94 52.80
CA TYR A 528 -48.91 32.66 51.83
C TYR A 528 -49.81 33.26 50.76
N PRO A 529 -50.30 34.48 50.98
CA PRO A 529 -51.20 35.12 50.00
C PRO A 529 -50.56 35.22 48.62
N PRO A 530 -51.36 35.49 47.57
CA PRO A 530 -50.79 35.62 46.22
C PRO A 530 -49.58 36.54 46.11
N GLY A 531 -49.53 37.63 46.87
CA GLY A 531 -48.40 38.54 46.78
C GLY A 531 -47.43 38.47 47.95
N TYR A 532 -47.36 37.33 48.64
CA TYR A 532 -46.49 37.17 49.81
C TYR A 532 -45.04 37.47 49.44
N ALA A 533 -44.31 38.10 50.36
CA ALA A 533 -42.96 38.59 50.10
C ALA A 533 -41.93 37.57 50.60
N PHE A 534 -41.48 36.71 49.69
CA PHE A 534 -40.57 35.62 50.02
C PHE A 534 -39.14 36.16 50.12
N ASP A 535 -38.61 36.17 51.34
CA ASP A 535 -37.30 36.77 51.59
C ASP A 535 -36.31 35.67 51.92
N VAL A 536 -35.26 35.57 51.11
CA VAL A 536 -34.32 34.45 51.22
C VAL A 536 -33.55 34.51 52.54
N GLU A 537 -33.10 35.71 52.94
CA GLU A 537 -32.33 35.89 54.17
C GLU A 537 -33.18 35.69 55.40
N ALA A 538 -34.51 35.83 55.29
CA ALA A 538 -35.41 35.58 56.40
C ALA A 538 -35.69 34.10 56.58
N MET A 539 -35.65 33.32 55.49
CA MET A 539 -36.12 31.94 55.49
C MET A 539 -37.58 31.88 55.94
N ASN A 540 -38.36 32.89 55.52
CA ASN A 540 -39.77 32.99 55.92
C ASN A 540 -40.61 31.84 55.37
N PHE A 541 -40.05 30.97 54.55
CA PHE A 541 -40.69 29.78 54.01
C PHE A 541 -40.16 28.53 54.72
N PRO A 542 -40.81 27.38 54.52
CA PRO A 542 -40.28 26.15 55.10
C PRO A 542 -39.17 25.59 54.25
N THR A 543 -38.28 24.83 54.90
CA THR A 543 -37.30 24.02 54.20
C THR A 543 -37.25 22.63 54.79
N SER A 544 -38.35 22.21 55.44
CA SER A 544 -38.50 20.86 55.95
C SER A 544 -39.90 20.38 55.65
N GLY A 545 -40.13 19.09 55.92
CA GLY A 545 -41.44 18.48 55.71
C GLY A 545 -41.95 18.60 54.29
N LEU A 546 -41.07 18.52 53.31
CA LEU A 546 -41.42 18.55 51.91
C LEU A 546 -41.89 17.18 51.42
N CYS A 547 -42.30 17.13 50.17
CA CYS A 547 -42.79 15.91 49.54
C CYS A 547 -41.75 15.39 48.55
N PHE A 548 -41.24 14.19 48.79
CA PHE A 548 -40.28 13.59 47.88
C PHE A 548 -40.98 13.17 46.58
N ALA A 549 -40.30 13.39 45.46
CA ALA A 549 -40.83 13.04 44.15
C ALA A 549 -40.08 11.90 43.48
N GLY A 550 -38.76 11.99 43.39
CA GLY A 550 -37.99 10.98 42.68
C GLY A 550 -36.50 11.27 42.68
N LEU A 551 -35.73 10.20 42.42
CA LEU A 551 -34.32 10.29 42.06
C LEU A 551 -34.16 10.37 40.55
N VAL A 552 -33.16 11.15 40.12
CA VAL A 552 -32.71 11.19 38.73
C VAL A 552 -31.21 10.92 38.73
N SER A 553 -30.76 10.06 37.82
CA SER A 553 -29.35 9.75 37.73
C SER A 553 -28.87 9.96 36.31
N MET A 554 -27.60 10.33 36.20
CA MET A 554 -27.01 10.67 34.92
C MET A 554 -25.60 10.17 34.69
N ILE A 555 -25.31 9.87 33.43
CA ILE A 555 -24.01 9.37 33.05
C ILE A 555 -23.61 9.88 31.67
N ASP A 556 -22.34 9.70 31.31
CA ASP A 556 -21.88 10.03 29.97
C ASP A 556 -22.22 8.69 29.33
N PRO A 557 -23.14 8.70 28.36
CA PRO A 557 -23.68 7.45 27.81
C PRO A 557 -22.97 7.06 26.53
N PRO A 558 -23.12 5.82 26.08
CA PRO A 558 -22.47 5.40 24.83
C PRO A 558 -23.03 6.16 23.65
N ARG A 559 -22.17 6.37 22.63
CA ARG A 559 -22.68 6.83 21.35
C ARG A 559 -23.54 5.73 20.74
N ALA A 560 -24.55 6.15 19.98
CA ALA A 560 -25.62 5.23 19.61
C ALA A 560 -25.10 4.00 18.89
N THR A 561 -24.16 4.19 17.93
CA THR A 561 -23.70 3.07 17.09
C THR A 561 -22.63 2.22 17.73
N VAL A 562 -22.17 2.58 18.93
CA VAL A 562 -20.98 1.98 19.53
C VAL A 562 -21.24 0.56 20.04
N PRO A 563 -22.36 0.25 20.73
CA PRO A 563 -22.53 -1.12 21.23
C PRO A 563 -22.65 -2.19 20.16
N ASP A 564 -23.33 -1.92 19.04
CA ASP A 564 -23.33 -2.91 17.97
C ASP A 564 -21.95 -3.07 17.34
N ALA A 565 -21.22 -1.96 17.18
CA ALA A 565 -19.90 -2.05 16.58
C ALA A 565 -19.01 -2.99 17.38
N VAL A 566 -19.11 -2.94 18.70
CA VAL A 566 -18.30 -3.80 19.58
C VAL A 566 -18.63 -5.29 19.38
N LEU A 567 -19.92 -5.62 19.27
CA LEU A 567 -20.26 -7.03 19.08
C LEU A 567 -19.78 -7.52 17.72
N LYS A 568 -19.91 -6.68 16.70
CA LYS A 568 -19.44 -7.05 15.38
C LYS A 568 -17.96 -7.41 15.44
N CYS A 569 -17.15 -6.57 16.12
CA CYS A 569 -15.71 -6.84 16.22
C CYS A 569 -15.44 -8.18 16.88
N ARG A 570 -16.06 -8.41 18.03
CA ARG A 570 -15.89 -9.63 18.81
C ARG A 570 -16.31 -10.83 18.01
N THR A 571 -17.32 -10.62 17.18
CA THR A 571 -17.84 -11.62 16.26
C THR A 571 -16.78 -12.01 15.22
N ALA A 572 -15.97 -11.05 14.83
CA ALA A 572 -14.87 -11.19 13.91
C ALA A 572 -13.58 -11.63 14.59
N GLY A 573 -13.63 -12.04 15.85
CA GLY A 573 -12.51 -12.57 16.57
C GLY A 573 -11.58 -11.61 17.22
N ILE A 574 -12.00 -10.36 17.30
CA ILE A 574 -11.16 -9.36 17.90
C ILE A 574 -11.48 -9.14 19.36
N ARG A 575 -10.46 -9.21 20.19
CA ARG A 575 -10.64 -8.91 21.60
C ARG A 575 -10.84 -7.41 21.75
N VAL A 576 -11.65 -7.00 22.73
CA VAL A 576 -11.88 -5.58 22.96
C VAL A 576 -11.61 -5.27 24.43
N ILE A 577 -10.73 -4.32 24.67
CA ILE A 577 -10.32 -3.96 26.01
C ILE A 577 -10.70 -2.50 26.21
N MET A 578 -11.24 -2.17 27.37
CA MET A 578 -11.45 -0.77 27.71
C MET A 578 -10.23 -0.27 28.46
N VAL A 579 -9.66 0.84 28.00
CA VAL A 579 -8.56 1.48 28.68
C VAL A 579 -8.96 2.95 28.84
N THR A 580 -9.46 3.32 30.04
CA THR A 580 -9.90 4.68 30.38
C THR A 580 -9.27 5.19 31.68
N GLY A 581 -9.10 6.54 31.73
CA GLY A 581 -8.66 7.28 32.91
C GLY A 581 -9.76 7.62 33.90
N ASP A 582 -11.00 7.30 33.52
CA ASP A 582 -12.18 7.54 34.33
C ASP A 582 -12.21 6.57 35.51
N HIS A 583 -13.22 6.71 36.35
CA HIS A 583 -13.25 5.92 37.56
C HIS A 583 -13.84 4.53 37.29
N PRO A 584 -13.35 3.51 38.02
CA PRO A 584 -13.72 2.12 37.69
C PRO A 584 -15.21 1.85 37.63
N ILE A 585 -15.99 2.38 38.58
CA ILE A 585 -17.40 2.03 38.66
C ILE A 585 -18.13 2.48 37.40
N THR A 586 -17.92 3.74 37.00
CA THR A 586 -18.44 4.22 35.72
C THR A 586 -17.90 3.38 34.58
N ALA A 587 -16.59 3.10 34.58
CA ALA A 587 -15.97 2.36 33.47
C ALA A 587 -16.61 1.00 33.30
N LYS A 588 -16.89 0.30 34.40
CA LYS A 588 -17.48 -1.03 34.34
C LYS A 588 -18.91 -0.97 33.87
N ALA A 589 -19.69 0.00 34.37
CA ALA A 589 -21.05 0.17 33.90
C ALA A 589 -21.07 0.36 32.39
N ILE A 590 -20.17 1.22 31.89
CA ILE A 590 -20.17 1.53 30.47
C ILE A 590 -19.63 0.35 29.66
N ALA A 591 -18.65 -0.37 30.21
CA ALA A 591 -18.17 -1.58 29.56
C ALA A 591 -19.30 -2.58 29.37
N ALA A 592 -20.14 -2.74 30.38
CA ALA A 592 -21.29 -3.61 30.24
C ALA A 592 -22.28 -3.05 29.24
N SER A 593 -22.61 -1.75 29.36
CA SER A 593 -23.59 -1.10 28.51
C SER A 593 -23.26 -1.27 27.04
N VAL A 594 -21.96 -1.26 26.73
CA VAL A 594 -21.50 -1.24 25.34
C VAL A 594 -21.18 -2.62 24.81
N GLY A 595 -21.14 -3.65 25.66
CA GLY A 595 -20.81 -4.97 25.17
C GLY A 595 -19.41 -5.43 25.42
N ILE A 596 -18.53 -4.60 25.99
CA ILE A 596 -17.21 -5.08 26.36
C ILE A 596 -17.33 -6.19 27.40
N ILE A 597 -18.31 -6.09 28.29
CA ILE A 597 -18.59 -7.11 29.31
C ILE A 597 -19.93 -7.78 29.01
N SER A 598 -19.90 -9.08 28.75
CA SER A 598 -21.09 -9.80 28.33
C SER A 598 -22.07 -9.94 29.48
N GLU A 599 -23.37 -9.99 29.15
CA GLU A 599 -24.38 -10.22 30.17
C GLU A 599 -24.14 -11.58 30.83
N GLY A 600 -23.98 -11.57 32.15
CA GLY A 600 -23.65 -12.77 32.88
C GLY A 600 -22.19 -12.90 33.31
N SER A 601 -21.26 -12.20 32.65
CA SER A 601 -19.90 -12.14 33.14
C SER A 601 -19.85 -11.64 34.57
N GLU A 602 -19.04 -12.29 35.41
CA GLU A 602 -18.74 -11.80 36.74
C GLU A 602 -17.24 -11.51 36.86
N THR A 603 -16.90 -10.49 37.65
CA THR A 603 -15.53 -10.40 38.14
C THR A 603 -15.36 -11.29 39.37
N VAL A 604 -14.11 -11.43 39.84
CA VAL A 604 -13.94 -12.17 41.09
C VAL A 604 -14.63 -11.45 42.23
N GLU A 605 -14.70 -10.12 42.16
CA GLU A 605 -15.43 -9.35 43.17
C GLU A 605 -16.93 -9.60 43.05
N ASP A 606 -17.43 -9.67 41.82
CA ASP A 606 -18.82 -10.02 41.58
C ASP A 606 -19.16 -11.34 42.26
N ILE A 607 -18.45 -12.42 41.88
CA ILE A 607 -18.66 -13.74 42.47
C ILE A 607 -18.65 -13.66 44.00
N ALA A 608 -17.64 -13.00 44.56
CA ALA A 608 -17.47 -12.95 46.01
C ALA A 608 -18.71 -12.40 46.72
N ALA A 609 -19.44 -11.46 46.11
CA ALA A 609 -20.58 -10.87 46.79
C ALA A 609 -21.85 -11.68 46.61
N ARG A 610 -21.98 -12.38 45.48
CA ARG A 610 -23.05 -13.36 45.34
C ARG A 610 -22.89 -14.48 46.34
N LEU A 611 -21.80 -15.24 46.22
CA LEU A 611 -21.56 -16.34 47.13
C LEU A 611 -21.33 -15.91 48.57
N ARG A 612 -21.20 -14.60 48.82
CA ARG A 612 -20.97 -14.05 50.15
C ARG A 612 -19.72 -14.64 50.79
N VAL A 613 -18.72 -14.93 49.96
CA VAL A 613 -17.42 -15.46 50.39
C VAL A 613 -16.38 -14.36 50.19
N PRO A 614 -15.28 -14.34 50.96
CA PRO A 614 -14.21 -13.38 50.65
C PRO A 614 -13.65 -13.60 49.26
N VAL A 615 -13.17 -12.51 48.67
CA VAL A 615 -12.70 -12.53 47.29
C VAL A 615 -11.43 -13.37 47.14
N ASP A 616 -10.60 -13.43 48.19
CA ASP A 616 -9.36 -14.18 48.12
C ASP A 616 -9.60 -15.68 48.04
N GLN A 617 -10.85 -16.12 48.17
CA GLN A 617 -11.21 -17.52 48.02
C GLN A 617 -11.97 -17.78 46.73
N VAL A 618 -12.24 -16.74 45.94
CA VAL A 618 -12.85 -16.93 44.63
C VAL A 618 -11.78 -17.42 43.67
N ASN A 619 -12.11 -18.44 42.92
CA ASN A 619 -11.18 -19.03 41.96
C ASN A 619 -11.07 -18.13 40.74
N ARG A 620 -9.89 -17.53 40.52
CA ARG A 620 -9.76 -16.44 39.54
C ARG A 620 -10.18 -16.85 38.13
N LYS A 621 -10.20 -18.14 37.85
CA LYS A 621 -10.54 -18.57 36.50
C LYS A 621 -12.03 -18.42 36.24
N ASP A 622 -12.83 -18.55 37.30
CA ASP A 622 -14.28 -18.57 37.18
C ASP A 622 -14.85 -17.23 36.73
N ALA A 623 -14.06 -16.17 36.81
CA ALA A 623 -14.54 -14.82 36.50
C ALA A 623 -14.18 -14.48 35.07
N ARG A 624 -15.20 -14.19 34.25
CA ARG A 624 -14.90 -13.83 32.88
C ARG A 624 -14.43 -12.38 32.75
N ALA A 625 -14.85 -11.50 33.67
CA ALA A 625 -14.51 -10.10 33.57
C ALA A 625 -13.56 -9.68 34.68
N CYS A 626 -12.93 -8.52 34.48
CA CYS A 626 -11.89 -8.03 35.36
C CYS A 626 -11.78 -6.51 35.21
N VAL A 627 -11.63 -5.83 36.33
CA VAL A 627 -11.50 -4.38 36.39
C VAL A 627 -10.26 -4.07 37.21
N ILE A 628 -9.26 -3.46 36.60
CA ILE A 628 -7.98 -3.17 37.22
C ILE A 628 -7.75 -1.65 37.20
N ASN A 629 -7.66 -1.04 38.38
CA ASN A 629 -7.37 0.38 38.43
C ASN A 629 -5.87 0.63 38.25
N GLY A 630 -5.54 1.89 37.90
CA GLY A 630 -4.15 2.27 37.69
C GLY A 630 -3.24 1.97 38.87
N MET A 631 -3.72 2.25 40.10
CA MET A 631 -2.92 1.95 41.29
C MET A 631 -2.55 0.46 41.33
N GLN A 632 -3.54 -0.42 41.17
CA GLN A 632 -3.24 -1.84 41.06
C GLN A 632 -2.23 -2.08 39.95
N LEU A 633 -2.46 -1.48 38.78
CA LEU A 633 -1.56 -1.68 37.65
C LEU A 633 -0.15 -1.29 38.02
N LYS A 634 -0.01 -0.11 38.64
CA LYS A 634 1.27 0.37 39.15
C LYS A 634 1.91 -0.67 40.07
N ASP A 635 1.09 -1.39 40.83
CA ASP A 635 1.61 -2.38 41.76
C ASP A 635 2.01 -3.67 41.08
N MET A 636 1.38 -3.99 39.95
CA MET A 636 1.62 -5.28 39.33
C MET A 636 3.03 -5.38 38.76
N ASP A 637 3.41 -6.63 38.47
CA ASP A 637 4.52 -7.08 37.67
C ASP A 637 4.06 -7.34 36.25
N PRO A 638 4.97 -7.42 35.28
CA PRO A 638 4.53 -7.74 33.92
C PRO A 638 3.99 -9.14 33.81
N SER A 639 4.63 -10.12 34.46
CA SER A 639 4.08 -11.47 34.44
C SER A 639 2.65 -11.47 34.97
N GLU A 640 2.35 -10.61 35.93
CA GLU A 640 1.01 -10.55 36.48
C GLU A 640 0.04 -9.92 35.49
N LEU A 641 0.44 -8.86 34.82
CA LEU A 641 -0.45 -8.27 33.82
C LEU A 641 -0.76 -9.28 32.72
N VAL A 642 0.26 -10.00 32.27
CA VAL A 642 0.07 -11.04 31.27
C VAL A 642 -0.87 -12.12 31.81
N GLU A 643 -0.61 -12.55 33.05
CA GLU A 643 -1.45 -13.55 33.67
C GLU A 643 -2.91 -13.12 33.72
N ALA A 644 -3.14 -11.83 33.99
CA ALA A 644 -4.50 -11.29 33.99
C ALA A 644 -5.10 -11.32 32.59
N LEU A 645 -4.35 -10.82 31.60
CA LEU A 645 -4.85 -10.75 30.24
C LEU A 645 -5.22 -12.13 29.73
N ARG A 646 -4.40 -13.12 30.06
CA ARG A 646 -4.68 -14.48 29.60
C ARG A 646 -5.94 -15.00 30.27
N THR A 647 -6.10 -14.69 31.55
CA THR A 647 -7.16 -15.27 32.36
C THR A 647 -8.54 -14.67 32.07
N HIS A 648 -8.68 -13.35 32.11
CA HIS A 648 -10.02 -12.78 32.02
C HIS A 648 -10.26 -12.20 30.63
N PRO A 649 -11.04 -12.88 29.77
CA PRO A 649 -11.17 -12.40 28.38
C PRO A 649 -11.87 -11.07 28.23
N GLU A 650 -12.59 -10.63 29.24
CA GLU A 650 -13.26 -9.34 29.18
C GLU A 650 -12.60 -8.42 30.21
N MET A 651 -11.75 -7.51 29.73
CA MET A 651 -10.83 -6.77 30.59
C MET A 651 -11.16 -5.28 30.60
N VAL A 652 -11.25 -4.68 31.78
CA VAL A 652 -11.42 -3.24 31.89
C VAL A 652 -10.28 -2.67 32.72
N PHE A 653 -9.53 -1.75 32.14
CA PHE A 653 -8.51 -0.99 32.86
C PHE A 653 -9.06 0.41 33.09
N ALA A 654 -9.26 0.79 34.36
CA ALA A 654 -9.70 2.14 34.62
C ALA A 654 -8.66 2.92 35.42
N ARG A 655 -8.83 4.26 35.37
CA ARG A 655 -8.01 5.19 36.15
C ARG A 655 -6.52 4.99 35.83
N THR A 656 -6.22 4.98 34.52
CA THR A 656 -4.90 4.72 33.97
C THR A 656 -4.23 6.00 33.50
N SER A 657 -2.92 6.07 33.72
CA SER A 657 -2.11 7.16 33.24
C SER A 657 -1.88 7.00 31.75
N PRO A 658 -1.49 8.08 31.06
CA PRO A 658 -1.13 7.96 29.64
C PRO A 658 -0.09 6.88 29.35
N GLN A 659 0.95 6.78 30.20
CA GLN A 659 1.94 5.74 30.03
C GLN A 659 1.33 4.36 30.25
N GLN A 660 0.45 4.24 31.23
CA GLN A 660 -0.20 2.96 31.47
C GLN A 660 -0.97 2.48 30.25
N LYS A 661 -1.56 3.41 29.47
CA LYS A 661 -2.20 3.00 28.22
C LYS A 661 -1.18 2.40 27.25
N LEU A 662 -0.08 3.11 27.03
CA LEU A 662 1.02 2.54 26.26
C LEU A 662 1.39 1.15 26.75
N VAL A 663 1.55 1.00 28.07
CA VAL A 663 2.07 -0.25 28.63
C VAL A 663 1.09 -1.39 28.40
N ILE A 664 -0.21 -1.09 28.35
CA ILE A 664 -1.20 -2.12 28.03
C ILE A 664 -1.11 -2.50 26.57
N VAL A 665 -1.15 -1.49 25.68
CA VAL A 665 -0.98 -1.76 24.24
C VAL A 665 0.23 -2.65 24.00
N GLU A 666 1.41 -2.24 24.50
CA GLU A 666 2.65 -2.98 24.32
C GLU A 666 2.55 -4.41 24.87
N SER A 667 1.98 -4.57 26.05
CA SER A 667 1.83 -5.89 26.63
C SER A 667 1.09 -6.83 25.67
N CYS A 668 -0.01 -6.35 25.09
CA CYS A 668 -0.72 -7.14 24.10
C CYS A 668 0.15 -7.42 22.90
N GLN A 669 0.93 -6.42 22.48
CA GLN A 669 1.80 -6.63 21.33
C GLN A 669 2.80 -7.75 21.61
N ARG A 670 3.57 -7.64 22.71
CA ARG A 670 4.52 -8.70 23.04
C ARG A 670 3.85 -10.07 23.06
N LEU A 671 2.59 -10.15 23.47
CA LEU A 671 1.87 -11.43 23.47
C LEU A 671 1.56 -11.95 22.06
N GLY A 672 1.69 -11.13 21.03
CA GLY A 672 1.44 -11.58 19.67
C GLY A 672 0.28 -10.86 19.00
N ALA A 673 -0.22 -9.81 19.63
CA ALA A 673 -1.38 -9.13 19.10
C ALA A 673 -0.96 -8.07 18.11
N ILE A 674 -1.73 -7.96 17.04
CA ILE A 674 -1.77 -6.73 16.26
C ILE A 674 -2.85 -5.87 16.90
N VAL A 675 -2.46 -4.73 17.47
CA VAL A 675 -3.31 -3.95 18.36
C VAL A 675 -3.72 -2.66 17.69
N ALA A 676 -5.01 -2.41 17.62
CA ALA A 676 -5.57 -1.11 17.27
C ALA A 676 -5.97 -0.39 18.54
N VAL A 677 -6.05 0.93 18.44
CA VAL A 677 -6.32 1.81 19.58
C VAL A 677 -7.25 2.91 19.11
N THR A 678 -8.39 3.06 19.79
CA THR A 678 -9.41 4.06 19.47
C THR A 678 -9.52 5.02 20.63
N GLY A 679 -9.20 6.29 20.39
CA GLY A 679 -9.24 7.31 21.40
C GLY A 679 -9.52 8.70 20.85
N ASP A 680 -9.84 9.64 21.73
CA ASP A 680 -10.10 11.01 21.32
C ASP A 680 -9.29 12.07 22.07
N GLY A 681 -8.42 11.65 22.96
CA GLY A 681 -7.72 12.60 23.80
C GLY A 681 -6.22 12.68 23.88
N VAL A 682 -5.76 13.79 24.43
CA VAL A 682 -4.34 14.07 24.55
C VAL A 682 -3.69 12.96 25.35
N ASN A 683 -4.35 12.48 26.38
CA ASN A 683 -3.76 11.38 27.14
C ASN A 683 -3.70 10.07 26.35
N ASP A 684 -4.38 9.98 25.19
CA ASP A 684 -4.27 8.81 24.33
C ASP A 684 -3.07 8.83 23.38
N SER A 685 -2.40 9.96 23.22
CA SER A 685 -1.41 10.04 22.17
C SER A 685 -0.31 8.99 22.29
N PRO A 686 0.27 8.71 23.46
CA PRO A 686 1.24 7.59 23.50
C PRO A 686 0.62 6.26 23.09
N ALA A 687 -0.56 5.91 23.63
CA ALA A 687 -1.21 4.68 23.18
C ALA A 687 -1.49 4.71 21.69
N LEU A 688 -1.73 5.89 21.13
CA LEU A 688 -2.01 5.96 19.71
C LEU A 688 -0.76 5.74 18.88
N LYS A 689 0.33 6.42 19.24
CA LYS A 689 1.58 6.26 18.51
C LYS A 689 2.05 4.83 18.52
N LYS A 690 1.77 4.08 19.59
CA LYS A 690 2.38 2.77 19.76
C LYS A 690 1.52 1.62 19.24
N ALA A 691 0.22 1.82 19.07
CA ALA A 691 -0.58 0.80 18.40
C ALA A 691 -0.05 0.54 17.00
N ASP A 692 -0.49 -0.57 16.43
CA ASP A 692 -0.15 -0.82 15.04
C ASP A 692 -0.99 0.07 14.12
N ILE A 693 -2.16 0.48 14.58
CA ILE A 693 -2.94 1.53 13.95
C ILE A 693 -3.71 2.27 15.04
N GLY A 694 -3.72 3.59 14.92
CA GLY A 694 -4.41 4.46 15.85
C GLY A 694 -5.51 5.22 15.14
N VAL A 695 -6.71 5.15 15.72
CA VAL A 695 -7.91 5.75 15.16
C VAL A 695 -8.37 6.86 16.09
N ALA A 696 -8.58 8.07 15.54
CA ALA A 696 -9.08 9.19 16.33
C ALA A 696 -10.49 9.58 15.88
N MET A 697 -11.26 10.10 16.81
CA MET A 697 -12.53 10.71 16.42
C MET A 697 -12.24 12.07 15.78
N GLY A 698 -12.86 12.31 14.62
CA GLY A 698 -12.62 13.54 13.90
C GLY A 698 -13.17 14.77 14.59
N ILE A 699 -14.27 14.62 15.34
CA ILE A 699 -14.98 15.75 15.91
C ILE A 699 -14.63 15.97 17.38
N ALA A 700 -14.88 14.96 18.23
CA ALA A 700 -14.56 15.18 19.63
C ALA A 700 -13.10 14.94 19.94
N GLY A 701 -12.30 14.59 18.92
CA GLY A 701 -10.89 14.35 19.15
C GLY A 701 -10.11 15.63 19.43
N SER A 702 -9.06 15.48 20.22
CA SER A 702 -8.04 16.48 20.48
C SER A 702 -7.04 16.52 19.33
N ASP A 703 -6.40 17.68 19.13
CA ASP A 703 -5.40 17.79 18.08
C ASP A 703 -4.31 16.73 18.27
N ALA A 704 -3.69 16.72 19.44
CA ALA A 704 -2.67 15.71 19.70
C ALA A 704 -3.21 14.32 19.41
N ALA A 705 -4.48 14.06 19.74
CA ALA A 705 -5.04 12.73 19.44
C ALA A 705 -5.13 12.50 17.94
N LYS A 706 -5.64 13.47 17.19
CA LYS A 706 -5.68 13.31 15.75
C LYS A 706 -4.28 13.28 15.15
N ASN A 707 -3.35 14.08 15.69
CA ASN A 707 -2.02 14.10 15.11
C ASN A 707 -1.33 12.76 15.24
N ALA A 708 -1.48 12.09 16.38
CA ALA A 708 -0.77 10.81 16.53
C ALA A 708 -1.49 9.67 15.86
N ALA A 709 -2.71 9.88 15.37
CA ALA A 709 -3.48 8.81 14.76
C ALA A 709 -2.98 8.48 13.36
N ASP A 710 -3.29 7.27 12.91
CA ASP A 710 -3.11 6.89 11.52
C ASP A 710 -4.40 7.00 10.72
N MET A 711 -5.53 7.01 11.39
CA MET A 711 -6.84 7.00 10.75
C MET A 711 -7.78 7.89 11.56
N ILE A 712 -8.69 8.57 10.86
CA ILE A 712 -9.57 9.56 11.48
C ILE A 712 -11.00 9.28 11.06
N LEU A 713 -11.88 9.10 12.05
CA LEU A 713 -13.31 8.92 11.84
C LEU A 713 -13.97 10.30 11.81
N LEU A 714 -14.20 10.82 10.61
CA LEU A 714 -14.56 12.23 10.46
C LEU A 714 -15.91 12.57 11.05
N ASP A 715 -16.82 11.59 11.12
CA ASP A 715 -18.16 11.84 11.66
C ASP A 715 -18.31 11.31 13.08
N ASP A 716 -17.23 10.78 13.65
CA ASP A 716 -17.20 10.17 14.98
C ASP A 716 -18.02 8.89 15.07
N ASN A 717 -18.30 8.26 13.94
CA ASN A 717 -19.15 7.08 13.93
C ASN A 717 -18.28 5.85 14.17
N PHE A 718 -18.28 5.37 15.42
CA PHE A 718 -17.41 4.28 15.81
C PHE A 718 -17.62 3.03 14.97
N ALA A 719 -18.82 2.83 14.44
CA ALA A 719 -19.10 1.69 13.57
C ALA A 719 -18.17 1.63 12.34
N SER A 720 -17.54 2.76 11.98
CA SER A 720 -16.59 2.75 10.88
C SER A 720 -15.45 1.76 11.14
N ILE A 721 -15.12 1.51 12.41
CA ILE A 721 -14.09 0.51 12.71
C ILE A 721 -14.47 -0.82 12.12
N VAL A 722 -15.76 -1.19 12.21
CA VAL A 722 -16.20 -2.46 11.63
C VAL A 722 -15.95 -2.49 10.13
N THR A 723 -16.25 -1.39 9.44
CA THR A 723 -15.95 -1.31 8.01
C THR A 723 -14.47 -1.56 7.75
N GLY A 724 -13.60 -0.82 8.47
CA GLY A 724 -12.16 -0.97 8.34
C GLY A 724 -11.68 -2.40 8.48
N VAL A 725 -12.18 -3.10 9.50
CA VAL A 725 -11.90 -4.54 9.65
C VAL A 725 -12.16 -5.27 8.35
N GLU A 726 -13.36 -5.09 7.78
CA GLU A 726 -13.71 -5.79 6.54
C GLU A 726 -12.79 -5.39 5.39
N GLN A 727 -12.77 -4.09 5.05
CA GLN A 727 -11.93 -3.65 3.94
C GLN A 727 -10.49 -4.13 4.10
N GLY A 728 -9.95 -4.09 5.32
CA GLY A 728 -8.63 -4.64 5.55
C GLY A 728 -8.52 -6.12 5.20
N ARG A 729 -9.48 -6.92 5.68
CA ARG A 729 -9.41 -8.36 5.38
C ARG A 729 -9.61 -8.62 3.90
N LEU A 730 -10.42 -7.79 3.23
CA LEU A 730 -10.56 -7.90 1.78
C LEU A 730 -9.25 -7.58 1.09
N ILE A 731 -8.68 -6.40 1.40
CA ILE A 731 -7.56 -5.89 0.62
C ILE A 731 -6.40 -6.84 0.71
N PHE A 732 -6.23 -7.44 1.89
CA PHE A 732 -5.19 -8.45 2.08
C PHE A 732 -5.46 -9.66 1.19
N ASP A 733 -6.68 -10.19 1.26
CA ASP A 733 -7.03 -11.32 0.41
C ASP A 733 -6.87 -10.99 -1.06
N ASN A 734 -7.20 -9.75 -1.45
CA ASN A 734 -7.12 -9.41 -2.86
C ASN A 734 -5.69 -9.08 -3.28
N LEU A 735 -4.86 -8.61 -2.36
CA LEU A 735 -3.48 -8.30 -2.74
C LEU A 735 -2.74 -9.57 -3.09
N LYS A 736 -2.94 -10.64 -2.32
CA LYS A 736 -2.26 -11.87 -2.75
C LYS A 736 -2.74 -12.30 -4.11
N LYS A 737 -3.94 -11.89 -4.52
CA LYS A 737 -4.40 -12.19 -5.87
C LYS A 737 -3.63 -11.37 -6.91
N SER A 738 -3.53 -10.05 -6.75
CA SER A 738 -2.70 -9.30 -7.70
C SER A 738 -1.25 -9.75 -7.63
N ILE A 739 -0.70 -9.89 -6.42
CA ILE A 739 0.70 -10.28 -6.32
C ILE A 739 0.93 -11.62 -7.01
N ALA A 740 0.05 -12.59 -6.75
CA ALA A 740 0.13 -13.87 -7.46
C ALA A 740 0.06 -13.66 -8.97
N TYR A 741 -0.93 -12.88 -9.44
CA TYR A 741 -1.02 -12.59 -10.87
C TYR A 741 0.18 -11.81 -11.37
N THR A 742 0.71 -10.89 -10.57
CA THR A 742 1.79 -10.10 -11.14
C THR A 742 3.08 -10.92 -11.16
N LEU A 743 3.29 -11.79 -10.16
CA LEU A 743 4.53 -12.55 -10.11
C LEU A 743 4.56 -13.62 -11.18
N THR A 744 3.41 -14.24 -11.45
CA THR A 744 3.43 -15.47 -12.24
C THR A 744 4.02 -15.23 -13.64
N LYS A 745 3.83 -14.05 -14.20
CA LYS A 745 4.36 -13.79 -15.54
C LYS A 745 5.87 -13.54 -15.53
N ASN A 746 6.51 -13.46 -14.36
CA ASN A 746 7.95 -13.27 -14.34
C ASN A 746 8.70 -14.47 -14.93
N ILE A 747 8.23 -15.69 -14.68
CA ILE A 747 8.96 -16.89 -15.14
C ILE A 747 9.08 -16.96 -16.66
N PRO A 748 8.02 -16.73 -17.46
CA PRO A 748 8.23 -16.68 -18.93
C PRO A 748 8.94 -15.43 -19.43
N GLU A 749 9.18 -14.44 -18.59
CA GLU A 749 10.13 -13.41 -19.00
C GLU A 749 11.55 -13.86 -18.70
N LEU A 750 11.73 -14.71 -17.69
CA LEU A 750 13.06 -15.23 -17.38
C LEU A 750 13.50 -16.28 -18.39
N THR A 751 12.73 -17.36 -18.52
CA THR A 751 13.21 -18.53 -19.27
C THR A 751 13.75 -18.21 -20.66
N PRO A 752 13.14 -17.32 -21.44
CA PRO A 752 13.77 -16.95 -22.72
C PRO A 752 15.24 -16.58 -22.55
N TRP A 753 15.60 -15.87 -21.47
CA TRP A 753 17.00 -15.53 -21.34
C TRP A 753 17.83 -16.75 -20.98
N LEU A 754 17.36 -17.54 -20.00
CA LEU A 754 18.04 -18.77 -19.64
C LEU A 754 18.29 -19.66 -20.86
N ILE A 755 17.34 -19.73 -21.80
CA ILE A 755 17.55 -20.57 -22.99
C ILE A 755 18.55 -19.92 -23.94
N TYR A 756 18.31 -18.62 -24.25
CA TYR A 756 19.24 -17.79 -25.01
C TYR A 756 20.70 -17.95 -24.57
N ILE A 757 20.96 -17.83 -23.28
CA ILE A 757 22.30 -18.05 -22.74
C ILE A 757 22.77 -19.49 -22.99
N THR A 758 22.05 -20.46 -22.44
CA THR A 758 22.51 -21.85 -22.47
C THR A 758 22.31 -22.56 -23.81
N VAL A 759 21.46 -22.06 -24.71
CA VAL A 759 21.23 -22.75 -25.97
C VAL A 759 21.63 -21.93 -27.19
N SER A 760 21.88 -20.62 -27.06
CA SER A 760 22.35 -19.78 -28.17
C SER A 760 21.38 -19.84 -29.34
N VAL A 761 20.10 -19.78 -29.02
CA VAL A 761 19.01 -19.59 -29.97
C VAL A 761 18.91 -18.07 -30.14
N PRO A 762 18.35 -17.55 -31.24
CA PRO A 762 18.13 -16.11 -31.30
C PRO A 762 17.27 -15.65 -30.14
N LEU A 763 17.55 -14.43 -29.66
CA LEU A 763 16.97 -13.92 -28.42
C LEU A 763 15.45 -13.85 -28.51
N PRO A 764 14.70 -14.57 -27.67
CA PRO A 764 13.24 -14.60 -27.87
C PRO A 764 12.49 -13.38 -27.35
N LEU A 765 12.93 -12.83 -26.21
CA LEU A 765 12.21 -11.77 -25.50
C LEU A 765 13.20 -10.71 -25.04
N GLY A 766 13.09 -9.49 -25.57
CA GLY A 766 14.00 -8.43 -25.20
C GLY A 766 13.52 -7.65 -23.99
N CYS A 767 14.39 -6.77 -23.50
CA CYS A 767 14.08 -6.06 -22.26
C CYS A 767 12.99 -5.03 -22.46
N ILE A 768 13.16 -4.15 -23.44
CA ILE A 768 12.19 -3.09 -23.72
C ILE A 768 10.79 -3.69 -23.71
N THR A 769 10.61 -4.88 -24.29
CA THR A 769 9.26 -5.42 -24.34
C THR A 769 8.81 -5.92 -22.97
N ILE A 770 9.71 -6.53 -22.19
CA ILE A 770 9.32 -6.93 -20.83
C ILE A 770 8.74 -5.74 -20.07
N LEU A 771 9.46 -4.63 -20.06
CA LEU A 771 9.02 -3.47 -19.31
C LEU A 771 7.64 -3.08 -19.77
N PHE A 772 7.34 -3.20 -21.05
CA PHE A 772 6.01 -2.88 -21.51
C PHE A 772 4.99 -3.79 -20.86
N ILE A 773 5.28 -5.08 -20.78
CA ILE A 773 4.35 -5.96 -20.11
C ILE A 773 4.28 -5.64 -18.63
N GLU A 774 5.44 -5.50 -18.01
CA GLU A 774 5.51 -5.24 -16.59
C GLU A 774 4.94 -3.93 -16.11
N LEU A 775 5.21 -2.85 -16.83
CA LEU A 775 4.73 -1.55 -16.42
C LEU A 775 3.54 -1.02 -17.17
N CYS A 776 3.02 -1.77 -18.13
CA CYS A 776 1.91 -1.21 -18.89
C CYS A 776 0.72 -2.10 -19.21
N THR A 777 0.95 -3.15 -19.99
CA THR A 777 -0.12 -4.04 -20.41
C THR A 777 -0.85 -4.80 -19.31
N ASP A 778 -0.12 -5.28 -18.31
CA ASP A 778 -0.71 -6.03 -17.22
C ASP A 778 -0.99 -5.23 -15.96
N ILE A 779 -0.80 -3.92 -15.99
CA ILE A 779 -0.95 -3.15 -14.76
C ILE A 779 -2.40 -3.07 -14.35
N PHE A 780 -3.26 -2.67 -15.29
CA PHE A 780 -4.68 -2.58 -15.00
C PHE A 780 -5.27 -3.92 -14.58
N PRO A 781 -5.04 -5.05 -15.28
CA PRO A 781 -5.61 -6.31 -14.79
C PRO A 781 -5.22 -6.64 -13.35
N SER A 782 -3.96 -6.47 -12.97
CA SER A 782 -3.57 -6.83 -11.60
C SER A 782 -4.30 -5.96 -10.58
N VAL A 783 -4.48 -4.67 -10.89
CA VAL A 783 -5.16 -3.77 -9.97
C VAL A 783 -6.63 -4.15 -9.84
N SER A 784 -7.26 -4.54 -10.94
CA SER A 784 -8.69 -4.88 -10.91
C SER A 784 -9.04 -6.02 -9.94
N LEU A 785 -8.07 -6.88 -9.58
CA LEU A 785 -8.37 -7.89 -8.55
C LEU A 785 -8.63 -7.26 -7.19
N ALA A 786 -8.32 -5.97 -7.03
CA ALA A 786 -8.68 -5.30 -5.80
C ALA A 786 -10.19 -5.33 -5.62
N TYR A 787 -10.92 -5.14 -6.70
CA TYR A 787 -12.38 -5.09 -6.66
C TYR A 787 -13.08 -6.42 -6.37
N GLU A 788 -12.33 -7.51 -6.38
CA GLU A 788 -12.91 -8.81 -6.11
C GLU A 788 -13.53 -8.88 -4.73
N LYS A 789 -14.68 -9.54 -4.66
CA LYS A 789 -15.42 -9.74 -3.42
C LYS A 789 -14.88 -10.91 -2.62
N ALA A 790 -15.40 -11.09 -1.43
CA ALA A 790 -14.97 -12.18 -0.57
C ALA A 790 -15.53 -13.56 -0.94
N GLU A 791 -14.66 -14.54 -0.98
CA GLU A 791 -15.05 -15.93 -1.23
C GLU A 791 -15.80 -16.53 -0.04
N SER A 792 -15.35 -16.19 1.15
CA SER A 792 -15.93 -16.67 2.40
C SER A 792 -16.70 -15.61 3.13
N ASP A 793 -17.24 -15.98 4.29
CA ASP A 793 -17.95 -15.04 5.14
C ASP A 793 -16.82 -14.46 5.95
N ILE A 794 -16.25 -13.38 5.44
CA ILE A 794 -15.07 -12.75 6.02
C ILE A 794 -15.20 -12.20 7.44
N MET A 795 -16.35 -11.64 7.77
CA MET A 795 -16.57 -11.07 9.09
C MET A 795 -16.75 -12.07 10.23
N HIS A 796 -16.92 -13.34 9.92
CA HIS A 796 -17.05 -14.34 10.96
C HIS A 796 -15.78 -15.11 11.19
N LEU A 797 -14.79 -14.89 10.33
CA LEU A 797 -13.50 -15.52 10.47
C LEU A 797 -12.66 -14.81 11.52
N ARG A 798 -11.76 -15.56 12.12
CA ARG A 798 -10.84 -15.03 13.11
C ARG A 798 -9.78 -14.16 12.46
N PRO A 799 -9.19 -13.24 13.23
CA PRO A 799 -8.13 -12.45 12.64
C PRO A 799 -6.97 -13.39 12.28
N ARG A 800 -6.34 -13.17 11.14
CA ARG A 800 -5.27 -14.02 10.68
C ARG A 800 -4.07 -14.07 11.59
N ASN A 801 -3.53 -15.26 11.75
CA ASN A 801 -2.31 -15.48 12.50
C ASN A 801 -1.21 -14.73 11.78
N PRO A 802 -0.63 -13.69 12.38
CA PRO A 802 0.37 -12.88 11.64
C PRO A 802 1.63 -13.66 11.29
N LYS A 803 1.95 -14.71 12.06
CA LYS A 803 3.17 -15.49 11.88
C LYS A 803 3.05 -16.58 10.80
N ARG A 804 1.87 -17.18 10.60
CA ARG A 804 1.79 -18.27 9.64
C ARG A 804 0.95 -17.96 8.40
N ASP A 805 0.17 -16.87 8.39
CA ASP A 805 -0.69 -16.55 7.24
C ASP A 805 -0.16 -15.27 6.60
N ARG A 806 0.66 -15.40 5.56
CA ARG A 806 1.37 -14.27 5.00
C ARG A 806 0.88 -13.95 3.59
N LEU A 807 1.16 -12.73 3.14
CA LEU A 807 0.69 -12.28 1.86
C LEU A 807 1.23 -13.16 0.76
N VAL A 808 2.51 -13.46 0.83
CA VAL A 808 3.11 -14.34 -0.15
C VAL A 808 3.82 -15.42 0.63
N ASN A 809 3.52 -16.65 0.30
CA ASN A 809 4.12 -17.80 0.96
C ASN A 809 4.64 -18.76 -0.08
N GLU A 810 5.40 -19.75 0.34
CA GLU A 810 6.03 -20.66 -0.60
C GLU A 810 5.01 -21.37 -1.49
N PRO A 811 3.88 -21.79 -0.94
CA PRO A 811 2.91 -22.43 -1.82
C PRO A 811 2.41 -21.47 -2.90
N LEU A 812 2.11 -20.22 -2.56
CA LEU A 812 1.65 -19.28 -3.56
C LEU A 812 2.74 -19.01 -4.58
N ALA A 813 3.96 -18.79 -4.09
CA ALA A 813 5.06 -18.52 -4.99
C ALA A 813 5.43 -19.70 -5.88
N ALA A 814 5.54 -20.88 -5.31
CA ALA A 814 5.92 -22.04 -6.11
C ALA A 814 4.89 -22.37 -7.16
N TYR A 815 3.63 -22.37 -6.78
CA TYR A 815 2.60 -22.69 -7.73
C TYR A 815 2.59 -21.66 -8.84
N SER A 816 2.55 -20.38 -8.49
CA SER A 816 2.54 -19.37 -9.53
C SER A 816 3.83 -19.34 -10.35
N TYR A 817 4.96 -19.39 -9.67
CA TYR A 817 6.26 -19.37 -10.35
C TYR A 817 6.63 -20.58 -11.19
N PHE A 818 6.40 -21.77 -10.65
CA PHE A 818 6.81 -22.99 -11.35
C PHE A 818 5.74 -23.85 -12.01
N GLN A 819 4.48 -23.45 -11.92
CA GLN A 819 3.43 -24.22 -12.56
C GLN A 819 2.73 -23.38 -13.61
N ILE A 820 2.03 -22.35 -13.15
CA ILE A 820 1.34 -21.47 -14.08
C ILE A 820 2.36 -20.75 -14.94
N GLY A 821 3.44 -20.33 -14.30
CA GLY A 821 4.51 -19.63 -14.99
C GLY A 821 5.18 -20.55 -15.98
N ALA A 822 5.40 -21.78 -15.57
CA ALA A 822 6.00 -22.77 -16.43
C ALA A 822 5.11 -23.04 -17.64
N ILE A 823 3.81 -23.21 -17.43
CA ILE A 823 2.92 -23.40 -18.57
C ILE A 823 3.05 -22.23 -19.53
N GLN A 824 3.20 -21.03 -18.98
CA GLN A 824 3.26 -19.86 -19.83
C GLN A 824 4.54 -19.84 -20.65
N SER A 825 5.66 -20.32 -20.10
CA SER A 825 6.88 -20.34 -20.90
C SER A 825 6.82 -21.41 -22.00
N PHE A 826 6.23 -22.58 -21.73
CA PHE A 826 6.01 -23.56 -22.81
C PHE A 826 5.11 -23.00 -23.91
N ALA A 827 4.15 -22.13 -23.57
CA ALA A 827 3.35 -21.49 -24.61
C ALA A 827 4.22 -20.55 -25.43
N GLY A 828 4.91 -19.63 -24.78
CA GLY A 828 5.88 -18.76 -25.44
C GLY A 828 6.79 -19.49 -26.43
N PHE A 829 7.53 -20.47 -25.94
CA PHE A 829 8.44 -21.19 -26.82
C PHE A 829 7.69 -21.89 -27.96
N THR A 830 6.48 -22.38 -27.72
CA THR A 830 5.72 -23.02 -28.81
C THR A 830 5.41 -22.01 -29.92
N ASP A 831 5.02 -20.79 -29.55
CA ASP A 831 4.77 -19.78 -30.57
C ASP A 831 6.07 -19.26 -31.21
N TYR A 832 7.18 -19.28 -30.46
CA TYR A 832 8.48 -18.86 -30.99
C TYR A 832 8.92 -19.76 -32.15
N PHE A 833 9.06 -21.06 -31.88
CA PHE A 833 9.42 -21.98 -32.96
C PHE A 833 8.34 -22.03 -34.04
N THR A 834 7.08 -21.74 -33.70
CA THR A 834 6.06 -21.67 -34.74
C THR A 834 6.32 -20.51 -35.67
N ALA A 835 6.65 -19.34 -35.12
CA ALA A 835 6.82 -18.21 -36.03
C ALA A 835 8.17 -18.25 -36.72
N MET A 836 9.18 -18.82 -36.06
CA MET A 836 10.47 -18.98 -36.73
C MET A 836 10.34 -19.90 -37.93
N ALA A 837 9.68 -21.05 -37.76
CA ALA A 837 9.62 -22.03 -38.82
C ALA A 837 8.76 -21.53 -39.96
N GLN A 838 7.59 -20.97 -39.66
CA GLN A 838 6.76 -20.41 -40.73
C GLN A 838 7.47 -19.29 -41.47
N GLU A 839 8.59 -18.78 -40.94
CA GLU A 839 9.38 -17.73 -41.58
C GLU A 839 10.72 -18.24 -42.11
N GLY A 840 11.01 -19.54 -41.97
CA GLY A 840 12.12 -20.16 -42.68
C GLY A 840 13.18 -20.79 -41.79
N TRP A 841 13.03 -20.74 -40.47
CA TRP A 841 14.07 -21.21 -39.56
C TRP A 841 13.54 -22.40 -38.76
N PHE A 842 14.00 -23.60 -39.11
CA PHE A 842 13.53 -24.75 -38.36
C PHE A 842 14.23 -24.79 -37.00
N PRO A 843 13.57 -25.38 -35.98
CA PRO A 843 14.11 -25.35 -34.60
C PRO A 843 15.54 -25.84 -34.46
N LEU A 844 15.90 -26.94 -35.11
CA LEU A 844 17.25 -27.47 -34.98
C LEU A 844 18.26 -26.47 -35.49
N LEU A 845 17.88 -25.64 -36.47
CA LEU A 845 18.78 -24.62 -36.99
C LEU A 845 19.00 -23.49 -35.98
N CYS A 846 18.05 -23.32 -35.06
CA CYS A 846 18.12 -22.23 -34.08
C CYS A 846 19.15 -22.50 -33.00
N VAL A 847 19.36 -23.77 -32.65
CA VAL A 847 20.30 -24.12 -31.60
C VAL A 847 21.70 -23.72 -32.04
N GLY A 848 22.39 -22.96 -31.19
CA GLY A 848 23.70 -22.46 -31.55
C GLY A 848 23.71 -21.40 -32.63
N LEU A 849 22.53 -21.01 -33.14
CA LEU A 849 22.47 -20.05 -34.24
C LEU A 849 22.84 -18.62 -33.82
N ARG A 850 22.82 -18.33 -32.52
CA ARG A 850 22.90 -16.94 -32.06
C ARG A 850 24.10 -16.20 -32.61
N PRO A 851 25.34 -16.72 -32.53
CA PRO A 851 26.50 -15.94 -33.01
C PRO A 851 26.32 -15.41 -34.42
N GLN A 852 25.97 -16.26 -35.38
CA GLN A 852 25.75 -15.80 -36.73
C GLN A 852 24.53 -14.90 -36.82
N TRP A 853 23.50 -15.22 -36.04
CA TRP A 853 22.30 -14.40 -36.06
C TRP A 853 22.65 -12.94 -35.75
N GLU A 854 23.49 -12.74 -34.73
CA GLU A 854 23.75 -11.42 -34.17
C GLU A 854 24.96 -10.75 -34.80
N ASN A 855 25.50 -11.31 -35.89
CA ASN A 855 26.70 -10.83 -36.58
C ASN A 855 26.35 -9.80 -37.67
N HIS A 856 26.87 -8.56 -37.54
CA HIS A 856 26.72 -7.49 -38.54
C HIS A 856 27.69 -7.59 -39.71
N HIS A 857 28.58 -8.58 -39.71
CA HIS A 857 29.44 -8.82 -40.84
C HIS A 857 28.91 -9.98 -41.67
N LEU A 858 27.65 -10.35 -41.43
CA LEU A 858 27.06 -11.54 -42.00
C LEU A 858 25.73 -11.07 -42.58
N GLN A 859 25.75 -10.61 -43.82
CA GLN A 859 24.56 -10.11 -44.48
C GLN A 859 23.85 -11.11 -45.39
N ASP A 860 24.38 -12.33 -45.49
CA ASP A 860 23.76 -13.34 -46.32
C ASP A 860 23.61 -14.71 -45.66
N LEU A 861 23.28 -14.73 -44.38
CA LEU A 861 23.11 -15.98 -43.65
C LEU A 861 21.96 -16.77 -44.28
N GLN A 862 22.15 -18.07 -44.37
CA GLN A 862 21.16 -18.95 -44.96
C GLN A 862 20.30 -19.58 -43.91
N ASP A 863 19.01 -19.65 -44.21
CA ASP A 863 18.04 -20.29 -43.33
C ASP A 863 17.79 -21.72 -43.76
N SER A 864 16.93 -22.41 -43.03
CA SER A 864 16.60 -23.79 -43.32
C SER A 864 16.39 -24.14 -44.79
N TYR A 865 15.75 -23.26 -45.53
CA TYR A 865 15.50 -23.45 -46.95
C TYR A 865 16.65 -23.01 -47.87
N GLY A 866 17.74 -22.49 -47.32
CA GLY A 866 18.80 -21.96 -48.15
C GLY A 866 18.68 -20.48 -48.46
N GLN A 867 17.55 -19.86 -48.10
CA GLN A 867 17.38 -18.43 -48.32
C GLN A 867 18.41 -17.63 -47.54
N GLU A 868 18.96 -16.61 -48.19
CA GLU A 868 19.97 -15.76 -47.58
C GLU A 868 19.30 -14.56 -46.93
N TRP A 869 19.86 -14.12 -45.79
CA TRP A 869 19.23 -13.18 -44.88
C TRP A 869 20.19 -12.06 -44.47
N THR A 870 19.75 -10.79 -44.56
CA THR A 870 20.55 -9.71 -44.00
C THR A 870 20.42 -9.66 -42.48
N PHE A 871 21.39 -9.00 -41.85
CA PHE A 871 21.26 -8.69 -40.43
C PHE A 871 19.97 -7.92 -40.15
N GLY A 872 19.60 -6.98 -41.02
CA GLY A 872 18.39 -6.21 -40.82
C GLY A 872 17.16 -7.10 -40.80
N GLN A 873 16.95 -7.80 -41.91
CA GLN A 873 15.84 -8.75 -42.01
C GLN A 873 15.82 -9.74 -40.85
N ARG A 874 17.01 -10.23 -40.43
CA ARG A 874 17.06 -11.06 -39.23
C ARG A 874 16.62 -10.28 -37.99
N LEU A 875 17.05 -9.03 -37.88
CA LEU A 875 16.70 -8.24 -36.71
C LEU A 875 15.20 -8.08 -36.60
N TYR A 876 14.54 -7.71 -37.69
CA TYR A 876 13.07 -7.57 -37.64
C TYR A 876 12.42 -8.91 -37.32
N GLN A 877 12.95 -10.00 -37.85
CA GLN A 877 12.40 -11.29 -37.43
C GLN A 877 12.66 -11.58 -35.95
N GLN A 878 13.79 -11.13 -35.42
CA GLN A 878 13.96 -11.24 -33.97
C GLN A 878 12.86 -10.47 -33.23
N TYR A 879 12.54 -9.25 -33.72
CA TYR A 879 11.43 -8.49 -33.12
C TYR A 879 10.13 -9.28 -33.23
N THR A 880 9.90 -9.96 -34.35
CA THR A 880 8.71 -10.78 -34.45
C THR A 880 8.70 -11.84 -33.37
N CYS A 881 9.88 -12.38 -33.05
CA CYS A 881 9.97 -13.32 -31.93
C CYS A 881 9.57 -12.66 -30.63
N TYR A 882 10.04 -11.45 -30.39
CA TYR A 882 9.72 -10.78 -29.15
C TYR A 882 8.21 -10.67 -29.06
N THR A 883 7.58 -10.27 -30.14
CA THR A 883 6.14 -10.09 -30.16
C THR A 883 5.30 -11.33 -29.95
N VAL A 884 5.65 -12.46 -30.55
CA VAL A 884 4.87 -13.67 -30.32
C VAL A 884 5.01 -14.10 -28.86
N PHE A 885 6.20 -13.97 -28.31
CA PHE A 885 6.39 -14.30 -26.92
C PHE A 885 5.57 -13.33 -26.10
N PHE A 886 5.51 -12.06 -26.50
CA PHE A 886 4.69 -11.11 -25.76
C PHE A 886 3.22 -11.53 -25.74
N ILE A 887 2.67 -11.85 -26.90
CA ILE A 887 1.24 -12.13 -26.93
C ILE A 887 0.91 -13.53 -26.40
N SER A 888 1.84 -14.46 -26.40
CA SER A 888 1.62 -15.69 -25.65
C SER A 888 1.37 -15.37 -24.17
N ILE A 889 2.22 -14.51 -23.59
CA ILE A 889 2.08 -14.14 -22.20
C ILE A 889 0.77 -13.40 -21.95
N GLU A 890 0.42 -12.44 -22.82
CA GLU A 890 -0.83 -11.70 -22.68
C GLU A 890 -2.04 -12.63 -22.69
N MET A 891 -2.13 -13.50 -23.70
CA MET A 891 -3.24 -14.45 -23.74
C MET A 891 -3.30 -15.30 -22.48
N CYS A 892 -2.15 -15.66 -21.90
CA CYS A 892 -2.17 -16.40 -20.64
C CYS A 892 -2.53 -15.52 -19.46
N GLN A 893 -2.14 -14.25 -19.48
CA GLN A 893 -2.59 -13.38 -18.41
C GLN A 893 -4.10 -13.16 -18.42
N ILE A 894 -4.80 -13.50 -19.50
CA ILE A 894 -6.25 -13.56 -19.42
C ILE A 894 -6.69 -14.77 -18.61
N ALA A 895 -6.22 -15.96 -18.98
CA ALA A 895 -6.47 -17.15 -18.16
C ALA A 895 -6.03 -16.92 -16.73
N ASP A 896 -4.89 -16.25 -16.54
CA ASP A 896 -4.29 -16.10 -15.23
C ASP A 896 -5.15 -15.24 -14.32
N VAL A 897 -5.50 -14.03 -14.80
CA VAL A 897 -6.30 -13.15 -13.95
C VAL A 897 -7.67 -13.77 -13.67
N LEU A 898 -8.19 -14.58 -14.59
CA LEU A 898 -9.45 -15.25 -14.28
C LEU A 898 -9.28 -16.24 -13.15
N ILE A 899 -8.31 -17.16 -13.25
CA ILE A 899 -8.17 -18.12 -12.16
C ILE A 899 -7.72 -17.46 -10.85
N ARG A 900 -7.12 -16.26 -10.89
CA ARG A 900 -6.77 -15.63 -9.62
C ARG A 900 -7.97 -15.04 -8.90
N LYS A 901 -9.10 -14.82 -9.61
CA LYS A 901 -10.28 -14.23 -9.00
C LYS A 901 -10.70 -14.97 -7.73
N THR A 902 -10.41 -16.25 -7.66
CA THR A 902 -10.79 -17.07 -6.52
C THR A 902 -9.63 -17.97 -6.15
N ARG A 903 -9.41 -18.12 -4.84
CA ARG A 903 -8.44 -19.09 -4.34
C ARG A 903 -9.09 -20.38 -3.91
N ARG A 904 -10.32 -20.35 -3.45
CA ARG A 904 -11.06 -21.57 -3.09
C ARG A 904 -12.17 -21.88 -4.07
N LEU A 905 -12.92 -20.87 -4.49
CA LEU A 905 -14.20 -21.07 -5.14
C LEU A 905 -14.02 -21.24 -6.65
N SER A 906 -14.85 -22.10 -7.23
CA SER A 906 -14.78 -22.32 -8.67
C SER A 906 -15.25 -21.10 -9.44
N ALA A 907 -14.72 -20.93 -10.64
CA ALA A 907 -15.16 -19.83 -11.49
C ALA A 907 -16.54 -20.06 -12.07
N PHE A 908 -17.11 -21.26 -11.88
CA PHE A 908 -18.39 -21.59 -12.46
C PHE A 908 -19.57 -21.16 -11.59
N GLN A 909 -19.36 -20.97 -10.27
CA GLN A 909 -20.45 -20.51 -9.40
C GLN A 909 -20.42 -18.99 -9.24
N GLN A 910 -19.27 -18.44 -8.80
CA GLN A 910 -19.13 -17.00 -8.75
C GLN A 910 -19.18 -16.36 -10.13
N GLY A 911 -18.97 -17.16 -11.17
CA GLY A 911 -18.98 -16.67 -12.53
C GLY A 911 -17.67 -16.05 -12.93
N PHE A 912 -17.63 -15.64 -14.19
CA PHE A 912 -16.48 -14.94 -14.72
C PHE A 912 -16.65 -13.41 -14.73
N PHE A 913 -17.88 -12.91 -14.74
CA PHE A 913 -18.09 -11.53 -15.18
C PHE A 913 -18.70 -10.60 -14.13
N ARG A 914 -18.87 -11.04 -12.87
CA ARG A 914 -19.45 -10.17 -11.86
C ARG A 914 -18.53 -9.00 -11.52
N ASN A 915 -17.22 -9.22 -11.55
CA ASN A 915 -16.25 -8.14 -11.36
C ASN A 915 -16.18 -7.33 -12.64
N ARG A 916 -16.85 -6.17 -12.66
CA ARG A 916 -16.93 -5.35 -13.86
C ARG A 916 -15.57 -4.73 -14.19
N ILE A 917 -14.90 -4.14 -13.20
CA ILE A 917 -13.62 -3.46 -13.46
C ILE A 917 -12.61 -4.42 -14.08
N LEU A 918 -12.65 -5.70 -13.71
CA LEU A 918 -11.66 -6.64 -14.23
C LEU A 918 -11.84 -6.88 -15.72
N VAL A 919 -13.09 -6.93 -16.21
CA VAL A 919 -13.26 -7.20 -17.64
C VAL A 919 -12.83 -6.00 -18.48
N ILE A 920 -13.07 -4.77 -18.01
CA ILE A 920 -12.53 -3.61 -18.73
C ILE A 920 -11.00 -3.63 -18.72
N ALA A 921 -10.39 -4.10 -17.63
CA ALA A 921 -8.94 -4.23 -17.60
C ALA A 921 -8.45 -5.27 -18.62
N ILE A 922 -9.16 -6.40 -18.73
CA ILE A 922 -8.83 -7.40 -19.75
C ILE A 922 -8.95 -6.79 -21.14
N VAL A 923 -10.02 -6.03 -21.38
CA VAL A 923 -10.22 -5.44 -22.69
C VAL A 923 -9.19 -4.33 -22.95
N PHE A 924 -8.91 -3.50 -21.95
CA PHE A 924 -7.82 -2.54 -22.12
C PHE A 924 -6.49 -3.25 -22.36
N GLN A 925 -6.24 -4.36 -21.65
CA GLN A 925 -5.06 -5.19 -21.91
C GLN A 925 -4.93 -5.51 -23.40
N VAL A 926 -5.97 -6.06 -24.01
CA VAL A 926 -5.89 -6.48 -25.42
C VAL A 926 -5.87 -5.28 -26.36
N CYS A 927 -6.43 -4.14 -25.96
CA CYS A 927 -6.36 -2.98 -26.84
C CYS A 927 -4.95 -2.42 -26.85
N ILE A 928 -4.37 -2.20 -25.67
CA ILE A 928 -3.02 -1.65 -25.67
C ILE A 928 -2.09 -2.58 -26.43
N GLY A 929 -2.42 -3.87 -26.45
CA GLY A 929 -1.69 -4.83 -27.24
C GLY A 929 -1.77 -4.60 -28.74
N CYS A 930 -2.99 -4.64 -29.28
CA CYS A 930 -3.16 -4.43 -30.70
C CYS A 930 -2.54 -3.12 -31.16
N PHE A 931 -2.59 -2.08 -30.32
CA PHE A 931 -1.92 -0.83 -30.64
C PHE A 931 -0.42 -1.06 -30.83
N LEU A 932 0.26 -1.57 -29.79
CA LEU A 932 1.69 -1.87 -29.89
C LEU A 932 2.02 -2.72 -31.11
N CYS A 933 1.12 -3.64 -31.50
CA CYS A 933 1.38 -4.51 -32.64
C CYS A 933 1.16 -3.78 -33.97
N TYR A 934 -0.05 -3.25 -34.15
CA TYR A 934 -0.49 -2.86 -35.49
C TYR A 934 -0.55 -1.36 -35.68
N CYS A 935 -0.14 -0.59 -34.68
CA CYS A 935 0.11 0.81 -34.94
C CYS A 935 1.33 0.91 -35.86
N PRO A 936 1.27 1.69 -36.94
CA PRO A 936 2.45 1.82 -37.79
C PRO A 936 3.57 2.52 -37.05
N GLY A 937 4.80 2.26 -37.51
CA GLY A 937 5.99 2.73 -36.85
C GLY A 937 6.47 1.83 -35.73
N MET A 938 5.56 1.18 -35.02
CA MET A 938 5.89 0.40 -33.83
C MET A 938 7.13 -0.49 -33.96
N PRO A 939 7.44 -1.10 -35.12
CA PRO A 939 8.67 -1.91 -35.18
C PRO A 939 9.94 -1.10 -34.94
N ASN A 940 9.95 0.18 -35.27
CA ASN A 940 11.18 0.95 -35.13
C ASN A 940 11.23 1.78 -33.86
N ILE A 941 10.13 1.99 -33.15
CA ILE A 941 10.19 2.67 -31.87
C ILE A 941 10.33 1.70 -30.71
N PHE A 942 9.45 0.70 -30.64
CA PHE A 942 9.41 -0.20 -29.49
C PHE A 942 9.68 -1.67 -29.81
N ASN A 943 10.05 -2.01 -31.03
CA ASN A 943 10.45 -3.37 -31.41
C ASN A 943 9.26 -4.35 -31.39
N PHE A 944 8.08 -3.87 -31.80
CA PHE A 944 6.85 -4.66 -31.79
C PHE A 944 6.38 -4.90 -33.22
N MET A 945 5.78 -6.06 -33.48
CA MET A 945 5.57 -6.42 -34.87
C MET A 945 4.12 -6.81 -35.17
N PRO A 946 3.57 -6.40 -36.34
CA PRO A 946 2.20 -6.79 -36.70
C PRO A 946 2.06 -8.28 -37.00
N ILE A 947 1.96 -9.09 -35.97
CA ILE A 947 1.94 -10.54 -36.12
C ILE A 947 0.69 -10.98 -36.85
N ARG A 948 0.66 -12.24 -37.27
CA ARG A 948 -0.49 -12.76 -38.01
C ARG A 948 -1.45 -13.41 -37.04
N PHE A 949 -2.73 -13.51 -37.48
CA PHE A 949 -3.75 -14.01 -36.59
C PHE A 949 -3.36 -15.38 -36.03
N GLN A 950 -2.68 -16.18 -36.83
CA GLN A 950 -2.38 -17.54 -36.41
C GLN A 950 -1.60 -17.57 -35.10
N TRP A 951 -0.62 -16.67 -34.94
CA TRP A 951 0.22 -16.73 -33.75
C TRP A 951 -0.48 -16.16 -32.51
N TRP A 952 -1.63 -15.50 -32.65
CA TRP A 952 -2.44 -15.25 -31.46
C TRP A 952 -3.11 -16.54 -31.00
N LEU A 953 -3.54 -17.36 -31.97
CA LEU A 953 -4.24 -18.61 -31.65
C LEU A 953 -3.31 -19.60 -30.96
N VAL A 954 -2.04 -19.60 -31.32
CA VAL A 954 -1.11 -20.64 -30.84
C VAL A 954 -1.17 -20.81 -29.32
N PRO A 955 -1.04 -19.76 -28.50
CA PRO A 955 -1.01 -19.98 -27.04
C PRO A 955 -2.38 -20.14 -26.39
N MET A 956 -3.48 -19.99 -27.13
CA MET A 956 -4.79 -20.10 -26.49
C MET A 956 -5.03 -21.46 -25.84
N PRO A 957 -4.68 -22.60 -26.45
CA PRO A 957 -4.82 -23.89 -25.74
C PRO A 957 -4.06 -23.93 -24.43
N PHE A 958 -2.91 -23.25 -24.35
CA PHE A 958 -2.21 -23.15 -23.06
C PHE A 958 -2.97 -22.29 -22.05
N SER A 959 -3.53 -21.15 -22.48
CA SER A 959 -4.39 -20.38 -21.60
C SER A 959 -5.56 -21.21 -21.12
N LEU A 960 -6.30 -21.80 -22.06
CA LEU A 960 -7.40 -22.68 -21.66
C LEU A 960 -6.91 -23.73 -20.68
N LEU A 961 -5.80 -24.39 -21.00
CA LEU A 961 -5.19 -25.36 -20.07
C LEU A 961 -5.02 -24.76 -18.67
N ILE A 962 -4.49 -23.54 -18.59
CA ILE A 962 -4.29 -22.92 -17.27
C ILE A 962 -5.61 -22.85 -16.51
N PHE A 963 -6.63 -22.29 -17.15
CA PHE A 963 -7.96 -22.24 -16.53
C PHE A 963 -8.40 -23.63 -16.08
N VAL A 964 -8.40 -24.59 -16.99
CA VAL A 964 -8.86 -25.93 -16.64
C VAL A 964 -8.03 -26.51 -15.50
N TYR A 965 -6.72 -26.29 -15.54
CA TYR A 965 -5.84 -26.83 -14.51
C TYR A 965 -6.20 -26.25 -13.15
N ASP A 966 -6.24 -24.92 -13.04
CA ASP A 966 -6.56 -24.30 -11.75
C ASP A 966 -7.96 -24.65 -11.28
N GLU A 967 -8.91 -24.69 -12.21
CA GLU A 967 -10.29 -25.03 -11.86
C GLU A 967 -10.34 -26.42 -11.26
N ILE A 968 -9.64 -27.35 -11.88
CA ILE A 968 -9.58 -28.69 -11.35
C ILE A 968 -8.89 -28.63 -10.00
N ARG A 969 -7.85 -27.82 -9.88
CA ARG A 969 -7.13 -27.75 -8.62
C ARG A 969 -8.04 -27.27 -7.50
N LYS A 970 -8.78 -26.20 -7.77
CA LYS A 970 -9.59 -25.62 -6.71
C LYS A 970 -10.68 -26.58 -6.28
N LEU A 971 -11.25 -27.34 -7.22
CA LEU A 971 -12.27 -28.33 -6.88
C LEU A 971 -11.70 -29.43 -6.01
N GLY A 972 -10.46 -29.79 -6.28
CA GLY A 972 -9.79 -30.76 -5.42
C GLY A 972 -9.79 -30.38 -3.95
N VAL A 973 -9.61 -29.08 -3.66
CA VAL A 973 -9.56 -28.69 -2.24
C VAL A 973 -10.94 -28.47 -1.64
N ARG A 974 -11.95 -28.21 -2.48
CA ARG A 974 -13.30 -28.09 -1.94
C ARG A 974 -13.84 -29.45 -1.53
N CYS A 975 -13.49 -30.48 -2.30
CA CYS A 975 -13.99 -31.83 -2.08
C CYS A 975 -13.08 -32.65 -1.16
N CYS A 976 -11.88 -32.17 -0.87
CA CYS A 976 -10.97 -32.85 0.06
C CYS A 976 -10.28 -31.81 0.93
N PRO A 977 -10.98 -31.27 1.95
CA PRO A 977 -10.40 -30.17 2.72
C PRO A 977 -9.26 -30.57 3.65
N GLY A 978 -8.94 -31.85 3.77
CA GLY A 978 -7.86 -32.26 4.66
C GLY A 978 -6.72 -32.97 3.95
N SER A 979 -6.90 -33.21 2.66
CA SER A 979 -6.05 -34.14 1.90
C SER A 979 -4.71 -33.50 1.53
N TRP A 980 -3.79 -34.36 1.07
CA TRP A 980 -2.49 -33.89 0.57
C TRP A 980 -2.67 -32.88 -0.55
N TRP A 981 -3.56 -33.17 -1.50
CA TRP A 981 -3.83 -32.24 -2.59
C TRP A 981 -4.10 -30.83 -2.06
N ASP A 982 -4.92 -30.72 -1.02
CA ASP A 982 -5.22 -29.43 -0.41
C ASP A 982 -3.99 -28.88 0.30
N GLN A 983 -3.33 -29.72 1.12
CA GLN A 983 -2.13 -29.34 1.86
C GLN A 983 -1.12 -28.62 0.97
N GLU A 984 -0.75 -29.24 -0.15
CA GLU A 984 0.39 -28.81 -0.93
C GLU A 984 0.05 -27.86 -2.05
N LEU A 985 -1.16 -27.93 -2.62
CA LEU A 985 -1.46 -27.20 -3.85
C LEU A 985 -2.48 -26.09 -3.65
N TYR A 986 -2.80 -25.72 -2.41
CA TYR A 986 -3.61 -24.54 -2.14
C TYR A 986 -2.69 -23.36 -1.84
N TYR A 987 -2.95 -22.22 -2.50
CA TYR A 987 -2.16 -21.01 -2.28
C TYR A 987 -3.00 -19.86 -1.67
N MET B 28 15.02 -31.27 9.03
CA MET B 28 14.11 -30.95 7.94
C MET B 28 14.50 -29.60 7.33
N LEU B 29 14.32 -29.45 6.02
CA LEU B 29 14.63 -28.13 5.35
C LEU B 29 13.27 -27.66 4.71
N GLY B 30 12.14 -27.86 5.39
CA GLY B 30 10.92 -27.30 4.96
C GLY B 30 9.69 -28.31 5.04
N ARG B 31 10.02 -29.61 4.98
CA ARG B 31 9.07 -30.71 5.05
C ARG B 31 9.82 -31.90 5.64
N THR B 32 9.14 -33.04 5.73
CA THR B 32 9.82 -34.28 6.10
C THR B 32 10.39 -34.97 4.86
N LEU B 33 11.26 -35.96 5.10
CA LEU B 33 11.98 -36.62 4.01
C LEU B 33 11.06 -37.42 3.08
N SER B 34 9.82 -37.70 3.48
CA SER B 34 8.83 -38.30 2.59
C SER B 34 7.91 -37.29 1.92
N ARG B 35 7.60 -36.16 2.58
CA ARG B 35 6.89 -35.08 1.90
C ARG B 35 7.74 -34.44 0.81
N TRP B 36 9.07 -34.44 0.96
CA TRP B 36 9.94 -33.92 -0.08
C TRP B 36 9.89 -34.79 -1.33
N VAL B 37 9.79 -36.11 -1.14
CA VAL B 37 9.80 -37.02 -2.30
C VAL B 37 8.47 -36.94 -3.05
N TRP B 38 7.36 -36.80 -2.33
CA TRP B 38 6.05 -36.80 -3.02
C TRP B 38 5.79 -35.51 -3.81
N ILE B 39 6.40 -34.38 -3.43
CA ILE B 39 6.28 -33.15 -4.21
C ILE B 39 7.22 -33.17 -5.42
N SER B 40 8.42 -33.70 -5.21
CA SER B 40 9.36 -33.87 -6.32
C SER B 40 8.74 -34.72 -7.44
N LEU B 41 8.21 -35.89 -7.06
CA LEU B 41 7.50 -36.74 -8.00
C LEU B 41 6.38 -36.00 -8.73
N TYR B 42 5.62 -35.15 -8.02
CA TYR B 42 4.59 -34.39 -8.73
C TYR B 42 5.20 -33.39 -9.71
N TYR B 43 6.14 -32.57 -9.24
CA TYR B 43 6.71 -31.53 -10.10
C TYR B 43 7.40 -32.15 -11.31
N VAL B 44 8.14 -33.23 -11.10
CA VAL B 44 8.79 -33.90 -12.22
C VAL B 44 7.74 -34.47 -13.17
N ALA B 45 6.62 -34.97 -12.63
CA ALA B 45 5.52 -35.44 -13.48
C ALA B 45 4.93 -34.30 -14.29
N PHE B 46 4.50 -33.25 -13.59
CA PHE B 46 4.09 -32.02 -14.25
C PHE B 46 5.04 -31.66 -15.38
N TYR B 47 6.36 -31.69 -15.10
CA TYR B 47 7.33 -31.20 -16.07
C TYR B 47 7.46 -32.16 -17.24
N VAL B 48 7.36 -33.45 -16.99
CA VAL B 48 7.38 -34.39 -18.10
C VAL B 48 6.16 -34.20 -19.00
N VAL B 49 4.95 -34.22 -18.42
CA VAL B 49 3.75 -33.97 -19.22
C VAL B 49 3.89 -32.67 -20.02
N MET B 50 4.30 -31.59 -19.37
CA MET B 50 4.40 -30.33 -20.11
C MET B 50 5.47 -30.40 -21.20
N SER B 51 6.60 -31.05 -20.90
CA SER B 51 7.60 -31.26 -21.94
C SER B 51 7.07 -32.13 -23.06
N GLY B 52 6.23 -33.11 -22.71
CA GLY B 52 5.60 -33.92 -23.75
C GLY B 52 4.66 -33.10 -24.62
N ILE B 53 3.73 -32.38 -24.00
CA ILE B 53 2.84 -31.49 -24.74
C ILE B 53 3.64 -30.58 -25.66
N PHE B 54 4.77 -30.07 -25.16
CA PHE B 54 5.59 -29.17 -25.96
C PHE B 54 6.21 -29.90 -27.14
N ALA B 55 6.91 -31.00 -26.84
CA ALA B 55 7.52 -31.82 -27.89
C ALA B 55 6.50 -32.17 -28.97
N LEU B 56 5.28 -32.53 -28.55
CA LEU B 56 4.23 -32.81 -29.52
C LEU B 56 3.93 -31.59 -30.38
N CYS B 57 3.80 -30.41 -29.75
CA CYS B 57 3.48 -29.22 -30.51
C CYS B 57 4.52 -28.99 -31.59
N ILE B 58 5.80 -29.17 -31.23
CA ILE B 58 6.87 -28.96 -32.19
C ILE B 58 6.77 -29.97 -33.33
N TYR B 59 6.47 -31.22 -32.99
CA TYR B 59 6.33 -32.26 -34.01
C TYR B 59 5.19 -31.96 -34.97
N VAL B 60 4.01 -31.63 -34.46
CA VAL B 60 2.89 -31.19 -35.31
C VAL B 60 3.34 -30.06 -36.22
N LEU B 61 4.04 -29.07 -35.63
CA LEU B 61 4.56 -27.93 -36.39
C LEU B 61 5.39 -28.40 -37.59
N MET B 62 6.16 -29.47 -37.41
CA MET B 62 7.09 -29.88 -38.47
C MET B 62 6.43 -30.71 -39.57
N ARG B 63 5.26 -31.33 -39.33
CA ARG B 63 4.52 -31.79 -40.50
C ARG B 63 3.65 -30.69 -41.09
N THR B 64 3.35 -29.63 -40.34
CA THR B 64 2.84 -28.40 -40.95
C THR B 64 3.76 -27.88 -42.06
N ILE B 65 5.06 -28.01 -41.86
CA ILE B 65 6.05 -27.33 -42.67
C ILE B 65 6.36 -28.14 -43.94
N ASP B 66 6.29 -27.49 -45.11
CA ASP B 66 6.74 -28.09 -46.37
C ASP B 66 8.24 -27.91 -46.47
N PRO B 67 9.01 -28.99 -46.74
CA PRO B 67 10.47 -28.88 -46.87
C PRO B 67 10.95 -28.11 -48.09
N TYR B 68 10.08 -27.63 -48.98
CA TYR B 68 10.55 -27.02 -50.21
C TYR B 68 10.29 -25.54 -50.31
N THR B 69 9.17 -25.08 -49.76
CA THR B 69 8.75 -23.68 -49.86
C THR B 69 8.34 -23.16 -48.50
N PRO B 70 8.94 -22.06 -48.02
CA PRO B 70 8.61 -21.56 -46.67
C PRO B 70 7.16 -21.10 -46.62
N ASP B 71 6.59 -21.17 -45.40
CA ASP B 71 5.18 -20.82 -45.24
C ASP B 71 4.93 -19.34 -45.55
N TYR B 72 5.81 -18.47 -45.08
CA TYR B 72 5.65 -17.03 -45.27
C TYR B 72 7.02 -16.43 -45.56
N GLN B 73 7.04 -15.25 -46.19
CA GLN B 73 8.31 -14.58 -46.49
C GLN B 73 8.25 -13.10 -46.10
N ASP B 74 7.78 -12.84 -44.88
CA ASP B 74 7.56 -11.50 -44.39
C ASP B 74 8.76 -10.58 -44.31
N GLN B 75 9.91 -11.10 -43.91
CA GLN B 75 11.11 -10.28 -43.80
C GLN B 75 11.93 -10.29 -45.08
N LEU B 76 11.46 -11.01 -46.08
CA LEU B 76 12.16 -11.15 -47.34
C LEU B 76 11.49 -10.52 -48.54
N LYS B 77 10.89 -9.37 -48.34
CA LYS B 77 10.20 -8.67 -49.42
C LYS B 77 11.16 -8.28 -50.55
N SER B 78 12.36 -7.83 -50.21
CA SER B 78 13.36 -7.50 -51.21
C SER B 78 14.65 -8.19 -50.82
N PRO B 79 15.43 -8.68 -51.79
CA PRO B 79 16.66 -9.38 -51.42
C PRO B 79 17.78 -8.44 -50.99
N GLY B 80 18.51 -8.89 -49.97
CA GLY B 80 19.76 -8.26 -49.62
C GLY B 80 20.79 -8.38 -50.72
N VAL B 81 21.85 -7.59 -50.59
CA VAL B 81 22.97 -7.58 -51.51
C VAL B 81 24.25 -7.54 -50.70
N THR B 82 25.25 -8.29 -51.13
CA THR B 82 26.53 -8.42 -50.45
C THR B 82 27.64 -8.23 -51.46
N LEU B 83 28.85 -7.97 -50.99
CA LEU B 83 29.94 -7.97 -51.95
C LEU B 83 31.12 -8.75 -51.41
N ARG B 84 31.99 -9.16 -52.34
CA ARG B 84 33.27 -9.74 -52.04
C ARG B 84 34.34 -8.97 -52.80
N PRO B 85 35.49 -8.72 -52.16
CA PRO B 85 35.78 -9.20 -50.80
C PRO B 85 35.10 -8.33 -49.74
N ASP B 86 34.51 -8.99 -48.74
CA ASP B 86 33.90 -8.27 -47.62
C ASP B 86 34.97 -8.04 -46.57
N VAL B 87 35.43 -6.80 -46.45
CA VAL B 87 36.23 -6.37 -45.32
C VAL B 87 35.51 -5.23 -44.64
N TYR B 88 35.22 -5.42 -43.34
CA TYR B 88 34.43 -4.47 -42.57
C TYR B 88 35.34 -3.71 -41.61
N GLY B 89 35.21 -2.38 -41.59
CA GLY B 89 35.77 -1.59 -40.51
C GLY B 89 34.79 -1.50 -39.34
N GLU B 90 34.46 -0.28 -38.92
CA GLU B 90 33.32 -0.01 -38.05
C GLU B 90 32.33 0.83 -38.83
N LYS B 91 31.06 0.38 -38.87
CA LYS B 91 29.93 1.03 -39.55
C LYS B 91 29.73 0.56 -40.99
N GLY B 92 30.45 -0.46 -41.42
CA GLY B 92 30.13 -1.06 -42.71
C GLY B 92 31.36 -1.63 -43.41
N LEU B 93 31.28 -1.64 -44.74
CA LEU B 93 32.34 -2.20 -45.57
C LEU B 93 33.39 -1.13 -45.81
N ASP B 94 34.61 -1.37 -45.36
CA ASP B 94 35.72 -0.46 -45.64
C ASP B 94 36.85 -1.27 -46.24
N ILE B 95 37.30 -0.88 -47.42
CA ILE B 95 38.36 -1.55 -48.15
C ILE B 95 39.44 -0.51 -48.48
N SER B 96 40.69 -0.84 -48.13
CA SER B 96 41.81 0.07 -48.29
C SER B 96 43.08 -0.72 -48.54
N TYR B 97 43.85 -0.33 -49.56
CA TYR B 97 45.10 -1.03 -49.84
C TYR B 97 46.05 -0.12 -50.60
N ASN B 98 47.35 -0.47 -50.59
CA ASN B 98 48.42 0.28 -51.25
C ASN B 98 48.79 -0.44 -52.54
N VAL B 99 48.58 0.21 -53.70
CA VAL B 99 48.95 -0.39 -54.99
C VAL B 99 50.43 -0.72 -55.02
N SER B 100 51.25 0.16 -54.44
CA SER B 100 52.69 -0.05 -54.45
C SER B 100 53.10 -1.31 -53.66
N ASP B 101 52.40 -1.63 -52.57
CA ASP B 101 52.72 -2.81 -51.77
C ASP B 101 51.78 -3.95 -52.15
N SER B 102 52.34 -5.02 -52.75
CA SER B 102 51.56 -6.19 -53.11
C SER B 102 50.92 -6.86 -51.89
N THR B 103 51.50 -6.68 -50.70
CA THR B 103 51.02 -7.40 -49.52
C THR B 103 49.79 -6.76 -48.88
N THR B 104 49.47 -5.52 -49.25
CA THR B 104 48.25 -4.90 -48.73
C THR B 104 46.99 -5.46 -49.40
N TRP B 105 47.06 -5.87 -50.66
CA TRP B 105 45.89 -6.43 -51.31
C TRP B 105 45.92 -7.94 -51.43
N ALA B 106 46.97 -8.60 -50.91
CA ALA B 106 47.06 -10.06 -51.02
C ALA B 106 45.82 -10.75 -50.48
N GLY B 107 45.44 -10.41 -49.25
CA GLY B 107 44.28 -11.07 -48.65
C GLY B 107 43.00 -10.81 -49.42
N LEU B 108 42.86 -9.61 -49.98
CA LEU B 108 41.67 -9.32 -50.77
C LEU B 108 41.60 -10.21 -52.01
N ALA B 109 42.71 -10.31 -52.73
CA ALA B 109 42.82 -11.34 -53.77
C ALA B 109 42.51 -12.71 -53.21
N HIS B 110 43.11 -13.06 -52.07
CA HIS B 110 42.95 -14.41 -51.56
C HIS B 110 41.49 -14.71 -51.24
N THR B 111 40.81 -13.82 -50.51
CA THR B 111 39.39 -14.09 -50.26
C THR B 111 38.61 -14.11 -51.57
N LEU B 112 39.00 -13.27 -52.54
CA LEU B 112 38.31 -13.23 -53.83
C LEU B 112 38.48 -14.54 -54.58
N HIS B 113 39.71 -15.03 -54.64
CA HIS B 113 39.96 -16.34 -55.24
C HIS B 113 39.26 -17.44 -54.44
N ARG B 114 39.39 -17.42 -53.11
CA ARG B 114 38.83 -18.49 -52.28
C ARG B 114 37.31 -18.53 -52.38
N PHE B 115 36.67 -17.36 -52.53
CA PHE B 115 35.24 -17.32 -52.75
C PHE B 115 34.87 -17.96 -54.08
N LEU B 116 35.67 -17.70 -55.11
CA LEU B 116 35.35 -18.15 -56.47
C LEU B 116 35.49 -19.66 -56.66
N ALA B 117 36.13 -20.36 -55.71
CA ALA B 117 36.37 -21.79 -55.84
C ALA B 117 35.07 -22.59 -56.01
N GLY B 118 34.01 -22.21 -55.32
CA GLY B 118 32.75 -22.88 -55.56
C GLY B 118 32.13 -22.61 -56.93
N TYR B 119 32.77 -21.80 -57.75
CA TYR B 119 32.26 -21.44 -59.07
C TYR B 119 33.17 -21.96 -60.18
N SER B 120 34.04 -22.91 -59.84
CA SER B 120 34.90 -23.59 -60.79
C SER B 120 34.09 -24.59 -61.61
N PRO B 121 34.57 -24.94 -62.80
CA PRO B 121 33.81 -25.87 -63.64
C PRO B 121 33.49 -27.18 -62.94
N ALA B 122 34.40 -27.67 -62.09
CA ALA B 122 34.15 -28.92 -61.38
C ALA B 122 33.17 -28.72 -60.21
N ALA B 123 33.33 -27.64 -59.47
CA ALA B 123 32.34 -27.27 -58.46
C ALA B 123 30.94 -27.16 -59.02
N GLN B 124 30.80 -26.91 -60.33
CA GLN B 124 29.49 -26.72 -60.94
C GLN B 124 28.96 -28.00 -61.58
N GLU B 125 29.50 -29.16 -61.21
CA GLU B 125 29.10 -30.41 -61.85
C GLU B 125 27.63 -30.74 -61.62
N GLY B 126 27.02 -30.22 -60.55
CA GLY B 126 25.62 -30.51 -60.26
C GLY B 126 24.63 -29.61 -60.98
N SER B 127 25.10 -28.52 -61.55
CA SER B 127 24.25 -27.59 -62.28
C SER B 127 24.39 -27.87 -63.78
N ILE B 128 23.57 -27.20 -64.59
CA ILE B 128 23.49 -27.48 -66.00
C ILE B 128 23.60 -26.20 -66.81
N ASN B 129 23.83 -26.39 -68.11
CA ASN B 129 23.86 -25.32 -69.11
C ASN B 129 22.48 -24.69 -69.27
N CYS B 130 22.38 -23.39 -69.04
CA CYS B 130 21.12 -22.70 -69.21
C CYS B 130 21.27 -21.70 -70.34
N THR B 131 20.36 -21.77 -71.30
CA THR B 131 20.40 -20.94 -72.48
C THR B 131 19.15 -20.10 -72.65
N SER B 132 18.10 -20.35 -71.85
CA SER B 132 16.80 -19.75 -72.08
C SER B 132 16.83 -18.22 -71.98
N GLU B 133 17.70 -17.65 -71.14
CA GLU B 133 17.64 -16.24 -70.79
C GLU B 133 16.22 -15.82 -70.40
N LYS B 134 15.46 -16.76 -69.84
CA LYS B 134 14.13 -16.53 -69.28
C LYS B 134 14.03 -17.36 -68.01
N TYR B 135 13.10 -17.00 -67.14
CA TYR B 135 12.87 -17.73 -65.90
C TYR B 135 12.88 -19.24 -66.14
N PHE B 136 13.59 -19.97 -65.29
CA PHE B 136 13.73 -21.41 -65.46
C PHE B 136 12.73 -22.13 -64.54
N PHE B 137 11.47 -22.10 -64.94
CA PHE B 137 10.41 -22.69 -64.15
C PHE B 137 10.42 -24.20 -64.30
N GLN B 138 10.49 -24.91 -63.16
CA GLN B 138 10.45 -26.37 -63.10
C GLN B 138 9.44 -26.82 -62.06
N GLU B 139 8.50 -27.68 -62.47
CA GLU B 139 7.53 -28.19 -61.52
C GLU B 139 7.78 -29.63 -61.10
N SER B 140 8.22 -30.48 -62.00
CA SER B 140 8.62 -31.81 -61.61
C SER B 140 10.11 -31.87 -61.30
N PHE B 141 10.47 -32.83 -60.45
CA PHE B 141 11.86 -33.01 -59.99
C PHE B 141 12.50 -34.07 -60.88
N LEU B 142 12.96 -33.63 -62.04
CA LEU B 142 13.57 -34.50 -63.02
C LEU B 142 15.09 -34.64 -62.83
N ALA B 143 15.70 -33.76 -62.05
CA ALA B 143 17.12 -33.86 -61.75
C ALA B 143 17.36 -35.04 -60.80
N PRO B 144 18.62 -35.43 -60.58
CA PRO B 144 18.90 -36.60 -59.74
C PRO B 144 18.42 -36.47 -58.30
N ASN B 145 18.17 -37.63 -57.69
CA ASN B 145 17.70 -37.74 -56.31
C ASN B 145 16.49 -36.87 -56.04
N HIS B 146 15.55 -36.88 -57.00
CA HIS B 146 14.26 -36.17 -56.89
C HIS B 146 14.48 -34.71 -56.52
N THR B 147 15.21 -34.01 -57.38
CA THR B 147 15.47 -32.59 -57.22
C THR B 147 15.19 -31.89 -58.54
N LYS B 148 15.30 -30.57 -58.52
CA LYS B 148 15.18 -29.77 -59.72
C LYS B 148 16.55 -29.32 -60.19
N PHE B 149 16.65 -29.03 -61.48
CA PHE B 149 17.93 -28.63 -62.05
C PHE B 149 18.25 -27.21 -61.64
N SER B 150 19.54 -26.93 -61.48
CA SER B 150 20.01 -25.58 -61.22
C SER B 150 20.99 -25.19 -62.31
N CYS B 151 21.06 -23.89 -62.59
CA CYS B 151 21.85 -23.37 -63.70
C CYS B 151 23.30 -23.18 -63.29
N LYS B 152 24.20 -23.49 -64.21
CA LYS B 152 25.61 -23.29 -63.93
C LYS B 152 25.93 -21.80 -63.89
N PHE B 153 26.85 -21.43 -63.02
CA PHE B 153 27.55 -20.16 -63.18
C PHE B 153 29.02 -20.43 -62.87
N THR B 154 29.87 -20.35 -63.89
CA THR B 154 31.30 -20.62 -63.77
C THR B 154 32.08 -19.32 -63.67
N ALA B 155 33.16 -19.35 -62.87
CA ALA B 155 33.96 -18.16 -62.61
C ALA B 155 34.41 -17.46 -63.90
N ASP B 156 34.66 -18.23 -64.97
CA ASP B 156 35.09 -17.59 -66.21
C ASP B 156 34.03 -16.66 -66.79
N MET B 157 32.77 -16.76 -66.34
CA MET B 157 31.76 -15.84 -66.81
C MET B 157 32.02 -14.42 -66.34
N LEU B 158 32.96 -14.22 -65.41
CA LEU B 158 33.37 -12.90 -64.93
C LEU B 158 34.53 -12.32 -65.72
N GLN B 159 35.06 -13.07 -66.69
CA GLN B 159 36.04 -12.62 -67.67
C GLN B 159 37.24 -11.90 -67.03
N ASN B 160 37.43 -10.59 -67.34
CA ASN B 160 38.58 -9.87 -66.82
C ASN B 160 38.69 -9.91 -65.30
N CYS B 161 37.61 -10.26 -64.61
CA CYS B 161 37.61 -10.33 -63.15
C CYS B 161 37.48 -11.74 -62.63
N SER B 162 37.79 -12.73 -63.48
CA SER B 162 37.70 -14.12 -63.06
C SER B 162 38.94 -14.63 -62.32
N GLY B 163 39.96 -13.78 -62.11
CA GLY B 163 41.27 -14.23 -61.68
C GLY B 163 42.18 -14.72 -62.80
N ARG B 164 41.70 -14.74 -64.05
CA ARG B 164 42.52 -15.03 -65.22
C ARG B 164 42.27 -13.96 -66.27
N PRO B 165 43.29 -13.58 -67.05
CA PRO B 165 44.71 -13.90 -66.89
C PRO B 165 45.34 -13.14 -65.73
N ASP B 166 44.59 -12.19 -65.15
CA ASP B 166 45.06 -11.35 -64.07
C ASP B 166 44.64 -11.94 -62.72
N PRO B 167 45.50 -12.71 -62.05
CA PRO B 167 45.10 -13.27 -60.75
C PRO B 167 45.04 -12.24 -59.64
N THR B 168 45.54 -11.01 -59.87
CA THR B 168 45.38 -9.94 -58.89
C THR B 168 44.07 -9.19 -59.06
N PHE B 169 43.09 -9.78 -59.76
CA PHE B 169 41.71 -9.33 -59.80
C PHE B 169 41.54 -7.81 -59.90
N GLY B 170 42.34 -7.16 -60.73
CA GLY B 170 42.25 -5.74 -60.93
C GLY B 170 42.99 -4.89 -59.91
N PHE B 171 43.45 -5.48 -58.81
CA PHE B 171 43.94 -4.60 -57.75
C PHE B 171 45.33 -4.07 -58.06
N ALA B 172 46.23 -4.92 -58.53
CA ALA B 172 47.59 -4.48 -58.84
C ALA B 172 47.60 -3.22 -59.68
N GLU B 173 46.63 -3.07 -60.59
CA GLU B 173 46.59 -1.95 -61.50
C GLU B 173 45.74 -0.79 -60.99
N GLY B 174 45.29 -0.83 -59.74
CA GLY B 174 44.48 0.24 -59.20
C GLY B 174 43.08 0.35 -59.78
N LYS B 175 42.58 -0.73 -60.37
CA LYS B 175 41.23 -0.75 -60.95
C LYS B 175 40.60 -2.05 -60.52
N PRO B 176 40.14 -2.13 -59.28
CA PRO B 176 39.81 -3.42 -58.69
C PRO B 176 38.40 -3.89 -59.05
N CYS B 177 38.20 -5.20 -58.92
CA CYS B 177 36.89 -5.80 -59.14
C CYS B 177 36.26 -6.15 -57.80
N PHE B 178 35.01 -5.73 -57.62
CA PHE B 178 34.18 -6.21 -56.54
C PHE B 178 33.02 -6.99 -57.14
N ILE B 179 32.69 -8.11 -56.51
CA ILE B 179 31.64 -8.98 -57.00
C ILE B 179 30.38 -8.72 -56.21
N ILE B 180 29.26 -8.55 -56.90
CA ILE B 180 28.01 -8.17 -56.30
C ILE B 180 27.07 -9.37 -56.34
N LYS B 181 26.68 -9.87 -55.18
CA LYS B 181 25.85 -11.08 -55.09
C LYS B 181 24.53 -10.73 -54.47
N MET B 182 23.45 -11.16 -55.13
CA MET B 182 22.09 -10.89 -54.71
C MET B 182 21.58 -12.09 -53.91
N ASN B 183 21.22 -11.84 -52.65
CA ASN B 183 20.69 -12.87 -51.77
C ASN B 183 19.53 -13.62 -52.39
N ARG B 184 19.56 -14.95 -52.29
CA ARG B 184 18.49 -15.74 -52.90
C ARG B 184 17.28 -15.88 -51.97
N ILE B 185 16.13 -16.02 -52.60
CA ILE B 185 14.84 -16.09 -51.90
C ILE B 185 13.92 -17.01 -52.69
N VAL B 186 13.31 -17.99 -51.99
CA VAL B 186 12.58 -19.05 -52.68
C VAL B 186 11.42 -18.44 -53.49
N LYS B 187 11.36 -18.80 -54.77
CA LYS B 187 10.33 -18.38 -55.71
C LYS B 187 10.31 -16.88 -55.95
N PHE B 188 11.30 -16.15 -55.45
CA PHE B 188 11.37 -14.72 -55.77
C PHE B 188 11.74 -14.56 -57.24
N LEU B 189 10.99 -13.70 -57.94
CA LEU B 189 11.21 -13.34 -59.35
C LEU B 189 11.49 -11.84 -59.45
N PRO B 190 12.64 -11.42 -59.97
CA PRO B 190 13.03 -10.01 -59.88
C PRO B 190 12.47 -9.13 -60.99
N GLY B 191 11.55 -9.62 -61.79
CA GLY B 191 11.16 -8.80 -62.92
C GLY B 191 11.63 -9.33 -64.29
N ASN B 192 10.70 -9.36 -65.23
CA ASN B 192 10.75 -10.10 -66.44
C ASN B 192 11.23 -9.24 -67.63
N SER B 193 11.01 -7.90 -67.63
CA SER B 193 11.19 -7.08 -68.83
C SER B 193 12.62 -7.09 -69.30
N THR B 194 13.56 -7.26 -68.37
CA THR B 194 14.96 -7.42 -68.71
C THR B 194 15.61 -8.20 -67.57
N ALA B 195 16.93 -8.40 -67.67
CA ALA B 195 17.47 -9.05 -66.49
C ALA B 195 17.85 -7.99 -65.45
N PRO B 196 17.79 -8.35 -64.17
CA PRO B 196 18.24 -7.41 -63.14
C PRO B 196 19.70 -7.06 -63.36
N ARG B 197 19.99 -5.77 -63.24
CA ARG B 197 21.28 -5.22 -63.57
C ARG B 197 21.92 -4.64 -62.32
N VAL B 198 23.25 -4.62 -62.28
CA VAL B 198 23.98 -3.85 -61.27
C VAL B 198 24.33 -2.47 -61.82
N ASP B 199 24.24 -1.44 -60.98
CA ASP B 199 24.87 -0.15 -61.29
C ASP B 199 25.66 0.33 -60.09
N CYS B 200 26.96 0.55 -60.30
CA CYS B 200 27.78 1.20 -59.29
C CYS B 200 28.05 2.65 -59.70
N ALA B 201 27.80 3.57 -58.77
CA ALA B 201 28.18 4.96 -58.93
C ALA B 201 28.72 5.45 -57.59
N PHE B 202 29.39 6.60 -57.62
CA PHE B 202 29.75 7.24 -56.37
C PHE B 202 28.49 7.64 -55.63
N LEU B 203 28.55 7.56 -54.31
CA LEU B 203 27.39 7.99 -53.52
C LEU B 203 27.26 9.51 -53.57
N ASP B 204 28.36 10.21 -53.37
CA ASP B 204 28.42 11.65 -53.59
C ASP B 204 29.28 11.89 -54.81
N GLN B 205 28.65 12.36 -55.89
CA GLN B 205 29.42 12.74 -57.08
C GLN B 205 30.39 13.83 -56.65
N PRO B 206 31.69 13.64 -56.86
CA PRO B 206 32.66 14.69 -56.50
C PRO B 206 32.51 15.92 -57.39
N ARG B 207 32.38 17.09 -56.76
CA ARG B 207 32.21 18.33 -57.52
C ARG B 207 33.37 18.54 -58.50
N ASP B 208 34.57 18.11 -58.11
CA ASP B 208 35.75 18.30 -58.94
C ASP B 208 35.93 17.21 -60.00
N GLY B 209 35.19 16.10 -59.91
CA GLY B 209 35.48 14.96 -60.74
C GLY B 209 34.33 14.44 -61.58
N PRO B 210 34.62 13.40 -62.37
CA PRO B 210 33.60 12.81 -63.27
C PRO B 210 32.96 11.59 -62.63
N PRO B 211 31.83 11.11 -63.18
CA PRO B 211 31.11 9.98 -62.58
C PRO B 211 31.95 8.72 -62.49
N LEU B 212 31.52 7.80 -61.60
CA LEU B 212 32.22 6.54 -61.42
C LEU B 212 32.16 5.71 -62.70
N GLN B 213 33.32 5.51 -63.32
CA GLN B 213 33.42 4.76 -64.56
C GLN B 213 33.72 3.30 -64.23
N VAL B 214 32.86 2.39 -64.68
CA VAL B 214 32.94 0.98 -64.32
C VAL B 214 32.55 0.14 -65.52
N GLU B 215 33.27 -0.98 -65.73
CA GLU B 215 32.88 -2.01 -66.69
C GLU B 215 32.45 -3.26 -65.92
N TYR B 216 31.33 -3.85 -66.32
CA TYR B 216 30.70 -4.92 -65.56
C TYR B 216 30.76 -6.23 -66.35
N PHE B 217 31.07 -7.33 -65.65
CA PHE B 217 31.12 -8.66 -66.26
C PHE B 217 30.14 -9.59 -65.56
N PRO B 218 29.18 -10.21 -66.27
CA PRO B 218 28.87 -10.14 -67.70
C PRO B 218 28.48 -8.75 -68.19
N ALA B 219 28.36 -8.62 -69.50
CA ALA B 219 28.03 -7.34 -70.13
C ALA B 219 26.75 -6.75 -69.55
N ASN B 220 26.75 -5.42 -69.35
CA ASN B 220 25.69 -4.66 -68.69
C ASN B 220 25.63 -4.91 -67.18
N GLY B 221 26.12 -6.06 -66.74
CA GLY B 221 26.15 -6.33 -65.31
C GLY B 221 24.85 -6.96 -64.87
N THR B 222 24.42 -7.94 -65.66
CA THR B 222 23.11 -8.53 -65.49
C THR B 222 23.21 -9.91 -64.89
N TYR B 223 22.13 -10.31 -64.21
CA TYR B 223 21.94 -11.67 -63.74
C TYR B 223 20.95 -12.34 -64.67
N SER B 224 21.37 -13.37 -65.37
CA SER B 224 20.47 -13.98 -66.35
C SER B 224 19.19 -14.43 -65.65
N LEU B 225 18.09 -14.33 -66.41
CA LEU B 225 16.78 -14.66 -65.86
C LEU B 225 16.68 -16.13 -65.48
N HIS B 226 17.44 -16.99 -66.14
CA HIS B 226 17.25 -18.40 -65.84
C HIS B 226 17.86 -18.81 -64.50
N TYR B 227 18.52 -17.90 -63.79
CA TYR B 227 18.88 -18.17 -62.40
C TYR B 227 17.70 -17.98 -61.44
N PHE B 228 16.50 -17.76 -61.98
CA PHE B 228 15.34 -17.49 -61.15
C PHE B 228 14.15 -18.31 -61.65
N PRO B 229 13.32 -18.84 -60.75
CA PRO B 229 13.34 -18.69 -59.30
C PRO B 229 14.30 -19.64 -58.58
N TYR B 230 14.74 -19.24 -57.37
CA TYR B 230 15.33 -20.19 -56.45
C TYR B 230 14.22 -21.07 -55.89
N TYR B 231 14.51 -22.37 -55.75
CA TYR B 231 13.55 -23.32 -55.21
C TYR B 231 13.98 -23.88 -53.86
N GLY B 232 15.03 -23.35 -53.27
CA GLY B 232 15.40 -23.80 -51.94
C GLY B 232 16.48 -24.87 -51.97
N LYS B 233 17.27 -24.91 -50.89
CA LYS B 233 18.42 -25.81 -50.80
C LYS B 233 18.03 -27.27 -51.00
N LYS B 234 16.84 -27.67 -50.57
CA LYS B 234 16.45 -29.06 -50.75
C LYS B 234 16.16 -29.39 -52.21
N ALA B 235 15.56 -28.44 -52.96
CA ALA B 235 15.19 -28.75 -54.34
C ALA B 235 16.34 -28.51 -55.32
N GLN B 236 17.27 -27.61 -54.99
CA GLN B 236 18.41 -27.28 -55.84
C GLN B 236 19.65 -27.23 -54.98
N PRO B 237 20.10 -28.40 -54.49
CA PRO B 237 21.24 -28.39 -53.56
C PRO B 237 22.49 -27.82 -54.16
N HIS B 238 22.67 -27.98 -55.48
CA HIS B 238 23.81 -27.48 -56.21
C HIS B 238 23.58 -26.08 -56.76
N TYR B 239 22.46 -25.46 -56.41
CA TYR B 239 22.21 -24.11 -56.87
C TYR B 239 23.37 -23.21 -56.46
N SER B 240 23.75 -22.30 -57.35
CA SER B 240 24.74 -21.28 -57.04
C SER B 240 24.29 -19.92 -57.56
N ASN B 241 24.48 -18.90 -56.72
CA ASN B 241 23.99 -17.57 -57.03
C ASN B 241 24.75 -17.05 -58.24
N PRO B 242 24.08 -16.51 -59.25
CA PRO B 242 24.81 -15.78 -60.30
C PRO B 242 25.53 -14.60 -59.68
N LEU B 243 26.67 -14.25 -60.27
CA LEU B 243 27.44 -13.12 -59.80
C LEU B 243 27.57 -12.08 -60.91
N VAL B 244 28.01 -10.90 -60.50
CA VAL B 244 28.40 -9.83 -61.42
C VAL B 244 29.61 -9.13 -60.80
N ALA B 245 30.64 -8.91 -61.60
CA ALA B 245 31.81 -8.18 -61.15
C ALA B 245 31.71 -6.72 -61.56
N ALA B 246 32.22 -5.83 -60.70
CA ALA B 246 32.17 -4.39 -60.94
C ALA B 246 33.60 -3.89 -60.95
N LYS B 247 34.18 -3.79 -62.13
CA LYS B 247 35.56 -3.34 -62.32
C LYS B 247 35.61 -1.82 -62.30
N LEU B 248 36.07 -1.27 -61.18
CA LEU B 248 36.12 0.17 -61.00
C LEU B 248 37.35 0.75 -61.70
N LEU B 249 37.12 1.62 -62.69
CA LEU B 249 38.18 2.18 -63.54
C LEU B 249 38.59 3.61 -63.20
N ASN B 250 37.73 4.36 -62.51
CA ASN B 250 37.84 5.80 -62.38
C ASN B 250 38.54 6.24 -61.10
N VAL B 251 38.64 5.37 -60.10
CA VAL B 251 38.75 5.80 -58.70
C VAL B 251 40.11 6.41 -58.43
N PRO B 252 40.18 7.53 -57.71
CA PRO B 252 41.46 8.23 -57.55
C PRO B 252 42.29 7.70 -56.41
N ARG B 253 43.58 7.98 -56.50
CA ARG B 253 44.55 7.42 -55.59
C ARG B 253 44.72 8.32 -54.37
N ASN B 254 44.81 7.70 -53.20
CA ASN B 254 45.00 8.34 -51.91
C ASN B 254 43.85 9.24 -51.51
N ARG B 255 42.68 9.09 -52.12
CA ARG B 255 41.47 9.76 -51.68
C ARG B 255 40.46 8.73 -51.20
N ASP B 256 39.70 9.11 -50.18
CA ASP B 256 38.64 8.25 -49.65
C ASP B 256 37.37 8.49 -50.44
N VAL B 257 36.79 7.42 -50.97
CA VAL B 257 35.56 7.46 -51.75
C VAL B 257 34.52 6.56 -51.10
N VAL B 258 33.28 6.66 -51.57
CA VAL B 258 32.20 5.73 -51.16
C VAL B 258 31.41 5.34 -52.40
N ILE B 259 31.29 4.03 -52.62
CA ILE B 259 30.69 3.46 -53.83
C ILE B 259 29.37 2.78 -53.45
N VAL B 260 28.32 3.08 -54.20
CA VAL B 260 27.01 2.47 -54.01
C VAL B 260 26.67 1.66 -55.25
N CYS B 261 26.42 0.37 -55.05
CA CYS B 261 26.02 -0.52 -56.14
C CYS B 261 24.58 -0.93 -55.87
N LYS B 262 23.66 -0.43 -56.70
CA LYS B 262 22.25 -0.73 -56.61
C LYS B 262 21.87 -1.78 -57.65
N ILE B 263 20.93 -2.66 -57.29
CA ILE B 263 20.33 -3.58 -58.25
C ILE B 263 19.15 -2.90 -58.91
N LEU B 264 19.20 -2.75 -60.22
CA LEU B 264 18.06 -2.25 -60.99
C LEU B 264 17.27 -3.45 -61.49
N ALA B 265 16.18 -3.77 -60.78
CA ALA B 265 15.24 -4.80 -61.17
C ALA B 265 13.86 -4.32 -60.78
N GLU B 266 12.85 -4.80 -61.51
CA GLU B 266 11.47 -4.35 -61.27
C GLU B 266 11.06 -4.58 -59.81
N HIS B 267 11.36 -5.75 -59.26
CA HIS B 267 10.90 -6.12 -57.92
C HIS B 267 12.03 -6.15 -56.91
N VAL B 268 13.08 -5.37 -57.14
CA VAL B 268 14.12 -5.12 -56.16
C VAL B 268 14.06 -3.64 -55.76
N SER B 269 14.02 -3.38 -54.46
CA SER B 269 14.04 -2.04 -53.91
C SER B 269 15.32 -1.82 -53.12
N PHE B 270 15.81 -0.57 -53.11
CA PHE B 270 17.00 -0.20 -52.36
C PHE B 270 16.81 1.11 -51.58
N ASP B 271 15.60 1.34 -51.10
CA ASP B 271 15.27 2.59 -50.43
C ASP B 271 15.23 2.46 -48.91
N ASN B 272 15.45 1.26 -48.36
CA ASN B 272 15.15 1.03 -46.96
C ASN B 272 16.18 1.70 -46.06
N PRO B 273 15.76 2.56 -45.14
CA PRO B 273 16.71 3.21 -44.23
C PRO B 273 17.10 2.39 -43.00
N HIS B 274 16.40 1.30 -42.72
CA HIS B 274 16.75 0.41 -41.63
C HIS B 274 17.48 -0.84 -42.11
N ASP B 275 17.77 -0.91 -43.41
CA ASP B 275 18.56 -2.00 -43.97
C ASP B 275 19.38 -1.47 -45.13
N PRO B 276 20.61 -1.03 -44.86
CA PRO B 276 21.46 -0.51 -45.94
C PRO B 276 21.81 -1.53 -47.00
N TYR B 277 21.64 -2.81 -46.71
CA TYR B 277 22.01 -3.88 -47.61
C TYR B 277 20.82 -4.41 -48.40
N GLU B 278 19.66 -3.79 -48.25
CA GLU B 278 18.50 -4.21 -49.01
C GLU B 278 18.55 -3.55 -50.39
N GLY B 279 18.73 -4.37 -51.43
CA GLY B 279 18.75 -3.92 -52.81
C GLY B 279 20.00 -3.17 -53.25
N LYS B 280 20.94 -2.91 -52.35
CA LYS B 280 22.15 -2.18 -52.68
C LYS B 280 23.25 -2.65 -51.74
N VAL B 281 24.49 -2.31 -52.07
CA VAL B 281 25.58 -2.45 -51.10
C VAL B 281 26.54 -1.30 -51.33
N GLU B 282 27.01 -0.70 -50.23
CA GLU B 282 27.93 0.42 -50.28
C GLU B 282 29.17 0.12 -49.46
N PHE B 283 30.29 0.69 -49.89
CA PHE B 283 31.55 0.41 -49.24
C PHE B 283 32.47 1.62 -49.38
N LYS B 284 33.26 1.88 -48.35
CA LYS B 284 34.36 2.82 -48.49
C LYS B 284 35.47 2.15 -49.27
N LEU B 285 36.16 2.95 -50.09
CA LEU B 285 37.31 2.48 -50.85
C LEU B 285 38.39 3.55 -50.81
N LYS B 286 39.62 3.10 -50.63
CA LYS B 286 40.78 3.98 -50.72
C LYS B 286 41.85 3.19 -51.41
N ILE B 287 42.44 3.78 -52.45
CA ILE B 287 43.48 3.11 -53.21
C ILE B 287 44.75 3.90 -53.00
N GLN B 288 45.62 3.39 -52.13
CA GLN B 288 46.84 4.07 -51.76
C GLN B 288 47.92 3.85 -52.80
N LYS B 289 48.91 4.73 -52.80
CA LYS B 289 50.01 4.66 -53.76
C LYS B 289 51.31 5.07 -53.09
MG MG C . -12.02 11.54 26.15
C1 PCW D . 0.60 -24.78 -35.20
C2 PCW D . 0.03 -25.03 -33.79
C3 PCW D . -1.48 -25.13 -33.89
C4 PCW D . -2.60 -23.01 -38.95
C5 PCW D . -3.06 -21.66 -39.50
C6 PCW D . -4.26 -20.48 -41.20
C7 PCW D . -2.71 -22.18 -41.86
C8 PCW D . -4.78 -22.78 -40.77
C11 PCW D . -3.29 -23.55 -33.34
C12 PCW D . -4.13 -22.83 -32.29
C13 PCW D . -5.57 -22.67 -32.76
C14 PCW D . -6.47 -22.19 -31.63
C15 PCW D . -7.62 -23.16 -31.31
C16 PCW D . -7.16 -24.39 -30.51
C17 PCW D . -6.70 -25.57 -31.37
C18 PCW D . -6.47 -26.79 -30.50
C19 PCW D . -7.78 -27.14 -29.86
C20 PCW D . -7.85 -27.99 -28.84
C21 PCW D . -6.59 -28.63 -28.29
C22 PCW D . -6.33 -28.05 -26.91
C23 PCW D . -7.65 -27.86 -26.18
C24 PCW D . -7.65 -28.51 -24.81
C25 PCW D . -6.66 -27.82 -23.88
C26 PCW D . -7.16 -27.79 -22.43
C27 PCW D . -7.59 -29.17 -21.95
C28 PCW D . -7.16 -29.42 -20.52
C31 PCW D . 0.09 -26.50 -31.84
C32 PCW D . -0.21 -27.92 -31.40
C33 PCW D . -1.47 -28.47 -32.08
C34 PCW D . -1.91 -29.86 -31.57
C35 PCW D . -2.93 -29.76 -30.43
C36 PCW D . -2.24 -29.91 -29.08
C37 PCW D . -2.88 -29.04 -27.99
C38 PCW D . -1.85 -28.68 -26.91
C39 PCW D . -2.43 -27.76 -25.85
C40 PCW D . -1.81 -27.60 -24.68
N PCW D . -3.69 -21.78 -40.82
O2 PCW D . 0.56 -26.23 -33.20
O3 PCW D . -2.08 -24.24 -32.94
O11 PCW D . -3.60 -23.56 -34.52
O31 PCW D . -0.07 -25.57 -31.05
O1P PCW D . -1.72 -25.30 -37.24
O2P PCW D . 0.39 -24.21 -38.33
O3P PCW D . -0.20 -23.81 -35.90
O4P PCW D . -1.70 -22.87 -37.84
P PCW D . -0.79 -24.12 -37.38
C1 PCW E . 24.01 -28.12 -32.83
C2 PCW E . 24.34 -29.43 -32.11
C3 PCW E . 25.41 -29.09 -31.07
C4 PCW E . 26.70 -25.42 -35.29
C5 PCW E . 26.97 -25.33 -36.79
C6 PCW E . 29.28 -25.95 -36.49
C7 PCW E . 28.55 -24.95 -38.55
C8 PCW E . 28.63 -23.61 -36.57
C11 PCW E . 24.67 -28.38 -28.74
C12 PCW E . 23.39 -28.42 -27.91
C13 PCW E . 23.39 -27.49 -26.70
C14 PCW E . 22.22 -27.79 -25.75
C15 PCW E . 22.32 -27.04 -24.43
C16 PCW E . 21.15 -27.35 -23.50
C17 PCW E . 21.08 -26.40 -22.29
C18 PCW E . 20.04 -26.82 -21.25
C19 PCW E . 20.01 -25.85 -20.08
C20 PCW E . 18.87 -25.63 -19.41
C21 PCW E . 18.74 -24.69 -18.23
C22 PCW E . 17.45 -23.88 -18.42
C23 PCW E . 16.61 -23.78 -17.14
C24 PCW E . 15.14 -23.49 -17.41
C25 PCW E . 14.31 -23.63 -16.13
C26 PCW E . 13.78 -22.29 -15.60
C27 PCW E . 13.40 -22.34 -14.12
C28 PCW E . 13.38 -20.98 -13.46
C31 PCW E . 22.40 -31.00 -32.01
C32 PCW E . 21.00 -31.25 -31.49
C33 PCW E . 20.94 -30.95 -29.98
C34 PCW E . 19.52 -30.66 -29.47
C35 PCW E . 19.58 -29.68 -28.29
C36 PCW E . 18.24 -29.46 -27.57
C37 PCW E . 18.42 -28.62 -26.31
C38 PCW E . 17.14 -28.40 -25.49
C39 PCW E . 17.51 -28.42 -24.02
C40 PCW E . 16.90 -27.78 -23.01
C41 PCW E . 15.68 -26.91 -23.15
N PCW E . 28.37 -24.96 -37.09
O2 PCW E . 23.20 -29.94 -31.40
O3 PCW E . 24.87 -29.39 -29.77
O11 PCW E . 25.53 -27.53 -28.56
O31 PCW E . 22.86 -31.67 -32.94
O1P PCW E . 25.74 -28.43 -36.26
O2P PCW E . 26.70 -28.02 -33.85
O3P PCW E . 24.21 -28.20 -34.25
O4P PCW E . 25.51 -26.18 -35.10
P PCW E . 25.62 -27.79 -34.90
C1 PCW F . 31.85 -20.38 -27.13
C2 PCW F . 31.02 -21.64 -26.94
C3 PCW F . 31.89 -22.64 -26.19
C4 PCW F . 32.34 -18.94 -31.80
C5 PCW F . 33.29 -17.79 -32.11
C6 PCW F . 31.45 -16.23 -32.31
C7 PCW F . 33.59 -15.72 -33.27
C8 PCW F . 32.23 -17.45 -34.23
C11 PCW F . 32.14 -25.05 -25.80
C12 PCW F . 31.56 -26.33 -25.26
C13 PCW F . 32.39 -26.80 -24.07
C14 PCW F . 32.00 -28.19 -23.57
C15 PCW F . 30.62 -28.18 -22.90
C16 PCW F . 30.61 -27.37 -21.60
C17 PCW F . 29.95 -28.18 -20.48
C18 PCW F . 29.13 -27.35 -19.48
C19 PCW F . 29.99 -26.71 -18.39
C20 PCW F . 29.48 -26.21 -17.27
C21 PCW F . 27.99 -26.25 -16.95
C22 PCW F . 27.75 -26.44 -15.46
C23 PCW F . 27.91 -25.12 -14.71
C24 PCW F . 26.81 -24.96 -13.67
C25 PCW F . 27.13 -23.83 -12.70
C26 PCW F . 26.35 -24.02 -11.41
C27 PCW F . 26.40 -22.80 -10.50
C28 PCW F . 25.68 -23.09 -9.19
C31 PCW F . 28.97 -20.34 -26.88
C32 PCW F . 27.84 -20.78 -27.80
C33 PCW F . 27.39 -22.21 -27.49
C34 PCW F . 27.96 -23.22 -28.49
C35 PCW F . 28.56 -24.44 -27.78
C36 PCW F . 27.49 -25.21 -27.02
C37 PCW F . 27.87 -25.42 -25.54
C38 PCW F . 26.61 -25.60 -24.69
C39 PCW F . 26.87 -26.64 -23.62
C40 PCW F . 26.44 -26.59 -22.35
C41 PCW F . 25.59 -25.49 -21.72
C42 PCW F . 24.72 -26.06 -20.59
C43 PCW F . 24.77 -25.27 -19.27
C44 PCW F . 23.53 -25.56 -18.42
C45 PCW F . 23.67 -25.15 -16.94
C46 PCW F . 22.30 -24.78 -16.37
C47 PCW F . 22.27 -24.70 -14.85
C48 PCW F . 20.87 -24.38 -14.35
N PCW F . 32.64 -16.81 -32.98
O2 PCW F . 29.81 -21.35 -26.23
O3 PCW F . 31.29 -23.93 -26.19
O11 PCW F . 33.35 -24.92 -25.92
O31 PCW F . 29.17 -19.14 -26.67
O1P PCW F . 30.49 -19.99 -29.62
O2P PCW F . 31.98 -22.00 -30.34
O3P PCW F . 32.60 -20.58 -28.32
O4P PCW F . 32.80 -19.60 -30.61
P PCW F . 31.87 -20.60 -29.76
C1 PCW G . 13.29 -32.16 -36.62
C2 PCW G . 12.32 -31.88 -35.48
C3 PCW G . 11.06 -32.69 -35.69
C4 PCW G . 12.50 -31.38 -41.65
C5 PCW G . 11.39 -30.60 -42.35
C6 PCW G . 9.61 -31.81 -41.30
C7 PCW G . 9.25 -30.77 -43.42
C8 PCW G . 10.62 -32.71 -43.28
C11 PCW G . 9.97 -33.54 -33.61
C12 PCW G . 9.72 -33.24 -32.16
C13 PCW G . 10.96 -32.59 -31.52
C14 PCW G . 10.63 -32.22 -30.08
C15 PCW G . 11.69 -31.34 -29.43
C16 PCW G . 11.61 -31.39 -27.91
C17 PCW G . 12.64 -30.46 -27.28
C18 PCW G . 12.88 -30.73 -25.81
C19 PCW G . 11.58 -30.69 -25.04
C20 PCW G . 11.55 -30.06 -23.85
C21 PCW G . 12.80 -29.37 -23.36
C22 PCW G . 12.49 -28.37 -22.25
C23 PCW G . 12.75 -29.00 -20.88
C24 PCW G . 12.23 -28.11 -19.76
C25 PCW G . 12.50 -28.67 -18.37
C26 PCW G . 12.43 -27.57 -17.32
C27 PCW G . 13.15 -28.01 -16.05
C28 PCW G . 12.88 -27.04 -14.92
C31 PCW G . 13.71 -31.21 -33.61
C32 PCW G . 14.78 -31.58 -32.60
C33 PCW G . 15.37 -30.31 -32.00
C34 PCW G . 14.43 -29.66 -31.00
C35 PCW G . 14.84 -28.20 -30.83
C36 PCW G . 15.29 -27.91 -29.41
C37 PCW G . 14.78 -26.54 -29.01
C38 PCW G . 15.45 -26.08 -27.73
C39 PCW G . 14.54 -25.11 -27.03
C40 PCW G . 14.15 -25.38 -25.79
C41 PCW G . 13.25 -24.42 -25.06
C42 PCW G . 12.30 -25.15 -24.12
C43 PCW G . 11.84 -24.21 -23.02
C44 PCW G . 10.89 -24.91 -22.07
C45 PCW G . 10.24 -23.95 -21.09
C46 PCW G . 10.11 -24.61 -19.72
C47 PCW G . 9.74 -23.61 -18.63
C48 PCW G . 10.39 -24.01 -17.32
N PCW G . 10.23 -31.47 -42.58
O2 PCW G . 12.92 -32.26 -34.24
O3 PCW G . 10.22 -32.47 -34.56
O11 PCW G . 9.96 -34.70 -34.02
O31 PCW G . 13.48 -30.04 -33.88
O1P PCW G . 11.75 -33.36 -39.29
O2P PCW G . 14.30 -32.74 -39.36
O3P PCW G . 12.74 -31.56 -37.80
O4P PCW G . 12.49 -31.15 -40.24
P PCW G . 12.85 -32.33 -39.21
C1 CE1 H . -10.45 -19.42 -19.85
C2 CE1 H . -10.06 -18.77 -21.16
C3 CE1 H . -8.60 -18.99 -21.54
C4 CE1 H . -8.35 -18.80 -23.05
C5 CE1 H . -8.03 -17.35 -23.43
C6 CE1 H . -8.87 -16.83 -24.61
C7 CE1 H . -8.69 -15.32 -24.77
C8 CE1 H . -9.30 -14.69 -26.03
C9 CE1 H . -8.72 -13.30 -26.32
C10 CE1 H . -9.22 -12.65 -27.63
C11 CE1 H . -8.09 -12.05 -28.47
C12 CE1 H . -8.52 -11.37 -29.78
O13 CE1 H . -7.43 -11.43 -30.70
C14 CE1 H . -7.42 -10.51 -31.82
C15 CE1 H . -6.37 -10.99 -32.84
O16 CE1 H . -5.97 -9.97 -33.78
C17 CE1 H . -5.31 -10.54 -34.92
C18 CE1 H . -5.14 -9.52 -36.04
O19 CE1 H . -5.07 -10.30 -37.23
C20 CE1 H . -4.31 -9.71 -38.27
C21 CE1 H . -3.83 -10.84 -39.18
O22 CE1 H . -3.21 -10.28 -40.34
C23 CE1 H . -1.81 -10.51 -40.27
C24 CE1 H . -1.07 -9.18 -40.39
O25 CE1 H . -0.45 -9.18 -41.67
C26 CE1 H . 0.80 -8.48 -41.67
C27 CE1 H . 0.80 -7.58 -42.90
O28 CE1 H . -0.43 -6.88 -42.91
C29 CE1 H . -0.75 -6.31 -44.17
C30 CE1 H . -2.27 -6.17 -44.30
O31 CE1 H . -2.76 -5.34 -43.25
C32 CE1 H . -4.07 -4.83 -43.49
C33 CE1 H . -4.20 -3.52 -42.71
O34 CE1 H . -3.63 -3.76 -41.41
C35 CE1 H . -2.56 -2.88 -41.12
C36 CE1 H . -1.72 -3.41 -39.95
O37 CE1 H . -1.24 -4.74 -40.23
AL ALF I . -10.55 8.58 28.30
F1 ALF I . -9.26 9.73 27.85
F2 ALF I . -11.77 7.33 28.71
F3 ALF I . -11.77 9.49 27.35
F4 ALF I . -9.35 7.52 29.10
RB RB J . -22.61 23.61 29.37
RB RB K . 0.54 3.95 15.25
RB RB L . 3.68 1.55 16.33
RB RB M . -51.73 31.84 39.87
RB RB N . 10.16 -8.51 -15.01
RB RB O . -11.06 15.35 23.39
RB RB P . 19.28 29.10 52.61
C1 CLR Q . 10.23 -25.14 -3.06
C2 CLR Q . 9.18 -24.81 -1.98
C3 CLR Q . 7.75 -24.67 -2.51
C4 CLR Q . 7.39 -25.87 -3.38
C5 CLR Q . 8.47 -26.06 -4.41
C6 CLR Q . 8.22 -25.93 -5.72
C7 CLR Q . 9.28 -26.20 -6.76
C8 CLR Q . 10.24 -27.22 -6.20
C9 CLR Q . 10.90 -26.66 -4.96
C10 CLR Q . 9.85 -26.37 -3.88
C11 CLR Q . 12.01 -27.59 -4.45
C12 CLR Q . 13.00 -28.09 -5.51
C13 CLR Q . 12.25 -28.66 -6.72
C14 CLR Q . 11.33 -27.55 -7.20
C15 CLR Q . 10.88 -27.95 -8.61
C16 CLR Q . 12.14 -28.60 -9.17
C17 CLR Q . 13.07 -28.93 -7.99
C18 CLR Q . 11.45 -29.90 -6.30
C19 CLR Q . 9.67 -27.60 -3.00
C20 CLR Q . 13.75 -30.29 -8.19
C21 CLR Q . 14.72 -30.66 -7.07
C22 CLR Q . 14.50 -30.29 -9.53
C23 CLR Q . 13.83 -31.09 -10.65
C24 CLR Q . 13.80 -30.31 -11.97
C25 CLR Q . 13.25 -31.16 -13.12
C26 CLR Q . 11.81 -30.79 -13.45
C27 CLR Q . 14.14 -31.07 -14.36
O1 CLR Q . 6.83 -24.55 -1.39
C1 NAG R . 52.81 2.64 -50.26
C2 NAG R . 52.77 3.88 -49.33
C3 NAG R . 53.98 4.78 -49.60
C4 NAG R . 55.27 3.99 -49.45
C5 NAG R . 55.26 2.80 -50.39
C6 NAG R . 56.49 1.93 -50.24
C7 NAG R . 50.88 5.19 -48.46
C8 NAG R . 49.64 5.97 -48.81
N2 NAG R . 51.53 4.63 -49.48
O3 NAG R . 53.97 5.89 -48.70
O4 NAG R . 56.39 4.82 -49.74
O5 NAG R . 54.12 1.97 -50.13
O6 NAG R . 56.15 0.55 -50.19
O7 NAG R . 51.26 5.07 -47.30
C1 NAG S . 29.17 -25.79 -71.43
C2 NAG S . 29.74 -25.68 -72.85
C3 NAG S . 30.55 -26.94 -73.21
C4 NAG S . 30.16 -28.11 -72.31
C5 NAG S . 28.65 -28.11 -72.09
C6 NAG S . 28.16 -29.32 -71.32
C7 NAG S . 28.20 -24.20 -74.07
C8 NAG S . 27.14 -24.13 -75.14
N2 NAG S . 28.71 -25.42 -73.83
O3 NAG S . 31.93 -26.67 -73.09
O4 NAG S . 30.56 -29.35 -72.88
O5 NAG S . 28.28 -26.95 -71.34
O6 NAG S . 27.14 -30.02 -72.04
O7 NAG S . 28.56 -23.22 -73.44
C1 NAG T . 39.62 -7.02 -70.57
C2 NAG T . 40.22 -5.62 -70.65
C3 NAG T . 40.43 -5.20 -72.10
C4 NAG T . 41.29 -6.23 -72.80
C5 NAG T . 40.63 -7.61 -72.69
C6 NAG T . 41.48 -8.69 -73.30
C7 NAG T . 39.77 -4.05 -68.81
C8 NAG T . 38.79 -3.08 -68.22
N2 NAG T . 39.39 -4.66 -69.94
O3 NAG T . 41.05 -3.92 -72.14
O4 NAG T . 41.49 -5.88 -74.17
O5 NAG T . 40.46 -7.95 -71.31
O6 NAG T . 42.84 -8.43 -73.01
O7 NAG T . 40.87 -4.27 -68.29
C1 NAG U . 24.06 -2.75 -72.32
C2 NAG U . 23.81 -1.26 -72.59
C3 NAG U . 23.47 -1.02 -74.07
C4 NAG U . 24.42 -1.76 -75.00
C5 NAG U . 24.60 -3.21 -74.56
C6 NAG U . 25.59 -3.99 -75.39
C7 NAG U . 22.71 0.43 -71.14
C8 NAG U . 21.51 0.73 -70.30
N2 NAG U . 22.73 -0.78 -71.73
O3 NAG U . 23.51 0.38 -74.34
O4 NAG U . 23.90 -1.76 -76.33
O5 NAG U . 25.07 -3.23 -73.21
O6 NAG U . 25.23 -5.36 -75.43
O7 NAG U . 23.63 1.23 -71.29
C1 NAG V . 7.00 -11.21 -68.19
C2 NAG V . 6.53 -11.39 -69.65
C3 NAG V . 5.02 -11.63 -69.74
C4 NAG V . 4.66 -12.90 -69.03
C5 NAG V . 4.83 -12.59 -67.54
C6 NAG V . 4.61 -13.86 -66.72
C7 NAG V . 7.88 -10.03 -71.26
C8 NAG V . 8.11 -8.64 -71.74
N2 NAG V . 6.92 -10.17 -70.37
O3 NAG V . 4.77 -11.80 -71.12
O4 NAG V . 3.32 -13.23 -69.39
O5 NAG V . 6.17 -12.13 -67.22
O6 NAG V . 5.87 -14.33 -66.25
O7 NAG V . 8.50 -11.00 -71.69
C1 NAG W . 21.82 -38.07 -54.43
C2 NAG W . 22.92 -39.10 -54.04
C3 NAG W . 24.33 -38.54 -54.29
C4 NAG W . 24.45 -37.93 -55.69
C5 NAG W . 23.36 -36.89 -55.85
C6 NAG W . 23.42 -36.18 -57.19
C7 NAG W . 22.21 -40.65 -52.26
C8 NAG W . 22.15 -40.87 -50.77
N2 NAG W . 22.78 -39.49 -52.65
O3 NAG W . 25.29 -39.59 -54.17
O4 NAG W . 25.73 -37.32 -55.85
O5 NAG W . 22.09 -37.53 -55.75
O6 NAG W . 23.86 -34.84 -57.03
O7 NAG W . 21.79 -41.47 -53.07
RB RB X . 12.07 -1.26 -58.34
#